data_7UR8
# 
_entry.id   7UR8 
# 
_audit_conform.dict_name       mmcif_pdbx.dic 
_audit_conform.dict_version    5.389 
_audit_conform.dict_location   http://mmcif.pdb.org/dictionaries/ascii/mmcif_pdbx.dic 
# 
loop_
_database_2.database_id 
_database_2.database_code 
_database_2.pdbx_database_accession 
_database_2.pdbx_DOI 
PDB   7UR8         pdb_00007ur8 10.2210/pdb7ur8/pdb 
WWPDB D_1000264729 ?            ?                   
# 
loop_
_pdbx_audit_revision_history.ordinal 
_pdbx_audit_revision_history.data_content_type 
_pdbx_audit_revision_history.major_revision 
_pdbx_audit_revision_history.minor_revision 
_pdbx_audit_revision_history.revision_date 
1 'Structure model' 1 0 2023-03-22 
2 'Structure model' 1 1 2024-04-03 
# 
_pdbx_audit_revision_details.ordinal             1 
_pdbx_audit_revision_details.revision_ordinal    1 
_pdbx_audit_revision_details.data_content_type   'Structure model' 
_pdbx_audit_revision_details.provider            repository 
_pdbx_audit_revision_details.type                'Initial release' 
_pdbx_audit_revision_details.description         ? 
_pdbx_audit_revision_details.details             ? 
# 
loop_
_pdbx_audit_revision_group.ordinal 
_pdbx_audit_revision_group.revision_ordinal 
_pdbx_audit_revision_group.data_content_type 
_pdbx_audit_revision_group.group 
1 2 'Structure model' 'Data collection'        
2 2 'Structure model' 'Refinement description' 
# 
loop_
_pdbx_audit_revision_category.ordinal 
_pdbx_audit_revision_category.revision_ordinal 
_pdbx_audit_revision_category.data_content_type 
_pdbx_audit_revision_category.category 
1 2 'Structure model' chem_comp_atom                
2 2 'Structure model' chem_comp_bond                
3 2 'Structure model' pdbx_initial_refinement_model 
# 
_pdbx_database_status.status_code                     REL 
_pdbx_database_status.status_code_sf                  REL 
_pdbx_database_status.status_code_mr                  ? 
_pdbx_database_status.entry_id                        7UR8 
_pdbx_database_status.recvd_initial_deposition_date   2022-04-21 
_pdbx_database_status.SG_entry                        N 
_pdbx_database_status.deposit_site                    RCSB 
_pdbx_database_status.process_site                    RCSB 
_pdbx_database_status.status_code_cs                  ? 
_pdbx_database_status.status_code_nmr_data            ? 
_pdbx_database_status.methods_development_category    ? 
_pdbx_database_status.pdb_format_compatible           Y 
# 
_pdbx_contact_author.id                 1 
_pdbx_contact_author.email              dabaker@uw.edu 
_pdbx_contact_author.name_first         David 
_pdbx_contact_author.name_last          Baker 
_pdbx_contact_author.name_mi            ? 
_pdbx_contact_author.role               'principal investigator/group leader' 
_pdbx_contact_author.identifier_ORCID   0000-0001-7896-6217 
# 
loop_
_audit_author.name 
_audit_author.pdbx_ordinal 
_audit_author.identifier_ORCID 
'Bera, A.K.' 1 ? 
'Kim, D.'    2 ? 
'Baker, D.'  3 ? 
# 
_citation.abstract                  ? 
_citation.abstract_id_CAS           ? 
_citation.book_id_ISBN              ? 
_citation.book_publisher            ? 
_citation.book_publisher_city       ? 
_citation.book_title                ? 
_citation.coordinate_linkage        ? 
_citation.country                   US 
_citation.database_id_Medline       ? 
_citation.details                   ? 
_citation.id                        primary 
_citation.journal_abbrev            Proc.Natl.Acad.Sci.USA 
_citation.journal_id_ASTM           PNASA6 
_citation.journal_id_CSD            0040 
_citation.journal_id_ISSN           1091-6490 
_citation.journal_full              ? 
_citation.journal_issue             ? 
_citation.journal_volume            120 
_citation.language                  ? 
_citation.page_first                e2207974120 
_citation.page_last                 e2207974120 
_citation.title                     'De novo design of small beta barrel proteins.' 
_citation.year                      2023 
_citation.database_id_CSD           ? 
_citation.pdbx_database_id_DOI      10.1073/pnas.2207974120 
_citation.pdbx_database_id_PubMed   36897987 
_citation.pdbx_database_id_patent   ? 
_citation.unpublished_flag          ? 
# 
loop_
_citation_author.citation_id 
_citation_author.name 
_citation_author.ordinal 
_citation_author.identifier_ORCID 
primary 'Kim, D.E.'       1  0000-0002-0023-956X 
primary 'Jensen, D.R.'    2  ?                   
primary 'Feldman, D.'     3  ?                   
primary 'Tischer, D.'     4  ?                   
primary 'Saleem, A.'      5  ?                   
primary 'Chow, C.M.'      6  0000-0001-5351-6412 
primary 'Li, X.'          7  ?                   
primary 'Carter, L.'      8  ?                   
primary 'Milles, L.'      9  0000-0001-8417-3205 
primary 'Nguyen, H.'      10 0000-0001-9696-4004 
primary 'Kang, A.'        11 0000-0001-5487-0499 
primary 'Bera, A.K.'      12 0000-0001-9473-2912 
primary 'Peterson, F.C.'  13 ?                   
primary 'Volkman, B.F.'   14 0000-0002-6681-5179 
primary 'Ovchinnikov, S.' 15 0000-0003-2774-2744 
primary 'Baker, D.'       16 0000-0001-7896-6217 
# 
loop_
_entity.id 
_entity.type 
_entity.src_method 
_entity.pdbx_description 
_entity.formula_weight 
_entity.pdbx_number_of_molecules 
_entity.pdbx_ec 
_entity.pdbx_mutation 
_entity.pdbx_fragment 
_entity.details 
1 polymer man 170_h_ob 8526.547 1  ? ? ? ? 
2 water   nat water    18.015   47 ? ? ? ? 
# 
_entity_poly.entity_id                      1 
_entity_poly.type                           'polypeptide(L)' 
_entity_poly.nstd_linkage                   no 
_entity_poly.nstd_monomer                   no 
_entity_poly.pdbx_seq_one_letter_code       MSGDRTRELKVIDYREYDNTVYFILRDGDKIYTIEVSPEEAKKLKPGDWVIVNEDGKLLHVQGSLEHHHHHH 
_entity_poly.pdbx_seq_one_letter_code_can   MSGDRTRELKVIDYREYDNTVYFILRDGDKIYTIEVSPEEAKKLKPGDWVIVNEDGKLLHVQGSLEHHHHHH 
_entity_poly.pdbx_strand_id                 A 
_entity_poly.pdbx_target_identifier         ? 
# 
_pdbx_entity_nonpoly.entity_id   2 
_pdbx_entity_nonpoly.name        water 
_pdbx_entity_nonpoly.comp_id     HOH 
# 
loop_
_entity_poly_seq.entity_id 
_entity_poly_seq.num 
_entity_poly_seq.mon_id 
_entity_poly_seq.hetero 
1 1  MET n 
1 2  SER n 
1 3  GLY n 
1 4  ASP n 
1 5  ARG n 
1 6  THR n 
1 7  ARG n 
1 8  GLU n 
1 9  LEU n 
1 10 LYS n 
1 11 VAL n 
1 12 ILE n 
1 13 ASP n 
1 14 TYR n 
1 15 ARG n 
1 16 GLU n 
1 17 TYR n 
1 18 ASP n 
1 19 ASN n 
1 20 THR n 
1 21 VAL n 
1 22 TYR n 
1 23 PHE n 
1 24 ILE n 
1 25 LEU n 
1 26 ARG n 
1 27 ASP n 
1 28 GLY n 
1 29 ASP n 
1 30 LYS n 
1 31 ILE n 
1 32 TYR n 
1 33 THR n 
1 34 ILE n 
1 35 GLU n 
1 36 VAL n 
1 37 SER n 
1 38 PRO n 
1 39 GLU n 
1 40 GLU n 
1 41 ALA n 
1 42 LYS n 
1 43 LYS n 
1 44 LEU n 
1 45 LYS n 
1 46 PRO n 
1 47 GLY n 
1 48 ASP n 
1 49 TRP n 
1 50 VAL n 
1 51 ILE n 
1 52 VAL n 
1 53 ASN n 
1 54 GLU n 
1 55 ASP n 
1 56 GLY n 
1 57 LYS n 
1 58 LEU n 
1 59 LEU n 
1 60 HIS n 
1 61 VAL n 
1 62 GLN n 
1 63 GLY n 
1 64 SER n 
1 65 LEU n 
1 66 GLU n 
1 67 HIS n 
1 68 HIS n 
1 69 HIS n 
1 70 HIS n 
1 71 HIS n 
1 72 HIS n 
# 
_entity_src_gen.entity_id                          1 
_entity_src_gen.pdbx_src_id                        1 
_entity_src_gen.pdbx_alt_source_flag               sample 
_entity_src_gen.pdbx_seq_type                      'Biological sequence' 
_entity_src_gen.pdbx_beg_seq_num                   1 
_entity_src_gen.pdbx_end_seq_num                   72 
_entity_src_gen.gene_src_common_name               ? 
_entity_src_gen.gene_src_genus                     ? 
_entity_src_gen.pdbx_gene_src_gene                 ? 
_entity_src_gen.gene_src_species                   ? 
_entity_src_gen.gene_src_strain                    ? 
_entity_src_gen.gene_src_tissue                    ? 
_entity_src_gen.gene_src_tissue_fraction           ? 
_entity_src_gen.gene_src_details                   ? 
_entity_src_gen.pdbx_gene_src_fragment             ? 
_entity_src_gen.pdbx_gene_src_scientific_name      'synthetic construct' 
_entity_src_gen.pdbx_gene_src_ncbi_taxonomy_id     32630 
_entity_src_gen.pdbx_gene_src_variant              ? 
_entity_src_gen.pdbx_gene_src_cell_line            ? 
_entity_src_gen.pdbx_gene_src_atcc                 ? 
_entity_src_gen.pdbx_gene_src_organ                ? 
_entity_src_gen.pdbx_gene_src_organelle            ? 
_entity_src_gen.pdbx_gene_src_cell                 ? 
_entity_src_gen.pdbx_gene_src_cellular_location    ? 
_entity_src_gen.host_org_common_name               ? 
_entity_src_gen.pdbx_host_org_scientific_name      'Escherichia coli' 
_entity_src_gen.pdbx_host_org_ncbi_taxonomy_id     562 
_entity_src_gen.host_org_genus                     ? 
_entity_src_gen.pdbx_host_org_gene                 ? 
_entity_src_gen.pdbx_host_org_organ                ? 
_entity_src_gen.host_org_species                   ? 
_entity_src_gen.pdbx_host_org_tissue               ? 
_entity_src_gen.pdbx_host_org_tissue_fraction      ? 
_entity_src_gen.pdbx_host_org_strain               ? 
_entity_src_gen.pdbx_host_org_variant              ? 
_entity_src_gen.pdbx_host_org_cell_line            ? 
_entity_src_gen.pdbx_host_org_atcc                 ? 
_entity_src_gen.pdbx_host_org_culture_collection   ? 
_entity_src_gen.pdbx_host_org_cell                 ? 
_entity_src_gen.pdbx_host_org_organelle            ? 
_entity_src_gen.pdbx_host_org_cellular_location    ? 
_entity_src_gen.pdbx_host_org_vector_type          ? 
_entity_src_gen.pdbx_host_org_vector               ? 
_entity_src_gen.host_org_details                   ? 
_entity_src_gen.expression_system_id               ? 
_entity_src_gen.plasmid_name                       ? 
_entity_src_gen.plasmid_details                    ? 
_entity_src_gen.pdbx_description                   ? 
# 
loop_
_chem_comp.id 
_chem_comp.type 
_chem_comp.mon_nstd_flag 
_chem_comp.name 
_chem_comp.pdbx_synonyms 
_chem_comp.formula 
_chem_comp.formula_weight 
ALA 'L-peptide linking' y ALANINE         ? 'C3 H7 N O2'     89.093  
ARG 'L-peptide linking' y ARGININE        ? 'C6 H15 N4 O2 1' 175.209 
ASN 'L-peptide linking' y ASPARAGINE      ? 'C4 H8 N2 O3'    132.118 
ASP 'L-peptide linking' y 'ASPARTIC ACID' ? 'C4 H7 N O4'     133.103 
GLN 'L-peptide linking' y GLUTAMINE       ? 'C5 H10 N2 O3'   146.144 
GLU 'L-peptide linking' y 'GLUTAMIC ACID' ? 'C5 H9 N O4'     147.129 
GLY 'peptide linking'   y GLYCINE         ? 'C2 H5 N O2'     75.067  
HIS 'L-peptide linking' y HISTIDINE       ? 'C6 H10 N3 O2 1' 156.162 
HOH non-polymer         . WATER           ? 'H2 O'           18.015  
ILE 'L-peptide linking' y ISOLEUCINE      ? 'C6 H13 N O2'    131.173 
LEU 'L-peptide linking' y LEUCINE         ? 'C6 H13 N O2'    131.173 
LYS 'L-peptide linking' y LYSINE          ? 'C6 H15 N2 O2 1' 147.195 
MET 'L-peptide linking' y METHIONINE      ? 'C5 H11 N O2 S'  149.211 
PHE 'L-peptide linking' y PHENYLALANINE   ? 'C9 H11 N O2'    165.189 
PRO 'L-peptide linking' y PROLINE         ? 'C5 H9 N O2'     115.130 
SER 'L-peptide linking' y SERINE          ? 'C3 H7 N O3'     105.093 
THR 'L-peptide linking' y THREONINE       ? 'C4 H9 N O3'     119.119 
TRP 'L-peptide linking' y TRYPTOPHAN      ? 'C11 H12 N2 O2'  204.225 
TYR 'L-peptide linking' y TYROSINE        ? 'C9 H11 N O3'    181.189 
VAL 'L-peptide linking' y VALINE          ? 'C5 H11 N O2'    117.146 
# 
loop_
_pdbx_poly_seq_scheme.asym_id 
_pdbx_poly_seq_scheme.entity_id 
_pdbx_poly_seq_scheme.seq_id 
_pdbx_poly_seq_scheme.mon_id 
_pdbx_poly_seq_scheme.ndb_seq_num 
_pdbx_poly_seq_scheme.pdb_seq_num 
_pdbx_poly_seq_scheme.auth_seq_num 
_pdbx_poly_seq_scheme.pdb_mon_id 
_pdbx_poly_seq_scheme.auth_mon_id 
_pdbx_poly_seq_scheme.pdb_strand_id 
_pdbx_poly_seq_scheme.pdb_ins_code 
_pdbx_poly_seq_scheme.hetero 
A 1 1  MET 1  1  ?  ?   ?   A . n 
A 1 2  SER 2  2  2  SER SER A . n 
A 1 3  GLY 3  3  3  GLY GLY A . n 
A 1 4  ASP 4  4  4  ASP ASP A . n 
A 1 5  ARG 5  5  5  ARG ARG A . n 
A 1 6  THR 6  6  6  THR THR A . n 
A 1 7  ARG 7  7  7  ARG ARG A . n 
A 1 8  GLU 8  8  8  GLU GLU A . n 
A 1 9  LEU 9  9  9  LEU LEU A . n 
A 1 10 LYS 10 10 10 LYS LYS A . n 
A 1 11 VAL 11 11 11 VAL VAL A . n 
A 1 12 ILE 12 12 12 ILE ILE A . n 
A 1 13 ASP 13 13 13 ASP ASP A . n 
A 1 14 TYR 14 14 14 TYR TYR A . n 
A 1 15 ARG 15 15 15 ARG ARG A . n 
A 1 16 GLU 16 16 16 GLU GLU A . n 
A 1 17 TYR 17 17 17 TYR TYR A . n 
A 1 18 ASP 18 18 18 ASP ASP A . n 
A 1 19 ASN 19 19 19 ASN ASN A . n 
A 1 20 THR 20 20 20 THR THR A . n 
A 1 21 VAL 21 21 21 VAL VAL A . n 
A 1 22 TYR 22 22 22 TYR TYR A . n 
A 1 23 PHE 23 23 23 PHE PHE A . n 
A 1 24 ILE 24 24 24 ILE ILE A . n 
A 1 25 LEU 25 25 25 LEU LEU A . n 
A 1 26 ARG 26 26 26 ARG ARG A . n 
A 1 27 ASP 27 27 27 ASP ASP A . n 
A 1 28 GLY 28 28 28 GLY GLY A . n 
A 1 29 ASP 29 29 29 ASP ASP A . n 
A 1 30 LYS 30 30 30 LYS LYS A . n 
A 1 31 ILE 31 31 31 ILE ILE A . n 
A 1 32 TYR 32 32 32 TYR TYR A . n 
A 1 33 THR 33 33 33 THR THR A . n 
A 1 34 ILE 34 34 34 ILE ILE A . n 
A 1 35 GLU 35 35 35 GLU GLU A . n 
A 1 36 VAL 36 36 36 VAL VAL A . n 
A 1 37 SER 37 37 37 SER SER A . n 
A 1 38 PRO 38 38 38 PRO PRO A . n 
A 1 39 GLU 39 39 39 GLU GLU A . n 
A 1 40 GLU 40 40 40 GLU GLU A . n 
A 1 41 ALA 41 41 41 ALA ALA A . n 
A 1 42 LYS 42 42 42 LYS LYS A . n 
A 1 43 LYS 43 43 43 LYS LYS A . n 
A 1 44 LEU 44 44 44 LEU LEU A . n 
A 1 45 LYS 45 45 45 LYS LYS A . n 
A 1 46 PRO 46 46 46 PRO PRO A . n 
A 1 47 GLY 47 47 47 GLY GLY A . n 
A 1 48 ASP 48 48 48 ASP ASP A . n 
A 1 49 TRP 49 49 49 TRP TRP A . n 
A 1 50 VAL 50 50 50 VAL VAL A . n 
A 1 51 ILE 51 51 51 ILE ILE A . n 
A 1 52 VAL 52 52 52 VAL VAL A . n 
A 1 53 ASN 53 53 53 ASN ASN A . n 
A 1 54 GLU 54 54 54 GLU GLU A . n 
A 1 55 ASP 55 55 55 ASP ASP A . n 
A 1 56 GLY 56 56 56 GLY GLY A . n 
A 1 57 LYS 57 57 57 LYS LYS A . n 
A 1 58 LEU 58 58 58 LEU LEU A . n 
A 1 59 LEU 59 59 59 LEU LEU A . n 
A 1 60 HIS 60 60 60 HIS HIS A . n 
A 1 61 VAL 61 61 61 VAL VAL A . n 
A 1 62 GLN 62 62 62 GLN GLN A . n 
A 1 63 GLY 63 63 63 GLY GLY A . n 
A 1 64 SER 64 64 64 SER SER A . n 
A 1 65 LEU 65 65 65 LEU LEU A . n 
A 1 66 GLU 66 66 66 GLU GLU A . n 
A 1 67 HIS 67 67 67 HIS HIS A . n 
A 1 68 HIS 68 68 68 HIS HIS A . n 
A 1 69 HIS 69 69 69 HIS HIS A . n 
A 1 70 HIS 70 70 70 HIS HIS A . n 
A 1 71 HIS 71 71 71 HIS HIS A . n 
A 1 72 HIS 72 72 72 HIS HIS A . n 
# 
loop_
_pdbx_nonpoly_scheme.asym_id 
_pdbx_nonpoly_scheme.entity_id 
_pdbx_nonpoly_scheme.mon_id 
_pdbx_nonpoly_scheme.ndb_seq_num 
_pdbx_nonpoly_scheme.pdb_seq_num 
_pdbx_nonpoly_scheme.auth_seq_num 
_pdbx_nonpoly_scheme.pdb_mon_id 
_pdbx_nonpoly_scheme.auth_mon_id 
_pdbx_nonpoly_scheme.pdb_strand_id 
_pdbx_nonpoly_scheme.pdb_ins_code 
B 2 HOH 1  101 34 HOH HOH A . 
B 2 HOH 2  102 14 HOH HOH A . 
B 2 HOH 3  103 42 HOH HOH A . 
B 2 HOH 4  104 15 HOH HOH A . 
B 2 HOH 5  105 27 HOH HOH A . 
B 2 HOH 6  106 7  HOH HOH A . 
B 2 HOH 7  107 44 HOH HOH A . 
B 2 HOH 8  108 2  HOH HOH A . 
B 2 HOH 9  109 25 HOH HOH A . 
B 2 HOH 10 110 1  HOH HOH A . 
B 2 HOH 11 111 9  HOH HOH A . 
B 2 HOH 12 112 4  HOH HOH A . 
B 2 HOH 13 113 24 HOH HOH A . 
B 2 HOH 14 114 26 HOH HOH A . 
B 2 HOH 15 115 39 HOH HOH A . 
B 2 HOH 16 116 47 HOH HOH A . 
B 2 HOH 17 117 31 HOH HOH A . 
B 2 HOH 18 118 5  HOH HOH A . 
B 2 HOH 19 119 17 HOH HOH A . 
B 2 HOH 20 120 11 HOH HOH A . 
B 2 HOH 21 121 32 HOH HOH A . 
B 2 HOH 22 122 20 HOH HOH A . 
B 2 HOH 23 123 46 HOH HOH A . 
B 2 HOH 24 124 36 HOH HOH A . 
B 2 HOH 25 125 13 HOH HOH A . 
B 2 HOH 26 126 8  HOH HOH A . 
B 2 HOH 27 127 23 HOH HOH A . 
B 2 HOH 28 128 30 HOH HOH A . 
B 2 HOH 29 129 3  HOH HOH A . 
B 2 HOH 30 130 19 HOH HOH A . 
B 2 HOH 31 131 18 HOH HOH A . 
B 2 HOH 32 132 21 HOH HOH A . 
B 2 HOH 33 133 10 HOH HOH A . 
B 2 HOH 34 134 40 HOH HOH A . 
B 2 HOH 35 135 6  HOH HOH A . 
B 2 HOH 36 136 12 HOH HOH A . 
B 2 HOH 37 137 28 HOH HOH A . 
B 2 HOH 38 138 33 HOH HOH A . 
B 2 HOH 39 139 41 HOH HOH A . 
B 2 HOH 40 140 37 HOH HOH A . 
B 2 HOH 41 141 29 HOH HOH A . 
B 2 HOH 42 142 16 HOH HOH A . 
B 2 HOH 43 143 22 HOH HOH A . 
B 2 HOH 44 144 35 HOH HOH A . 
B 2 HOH 45 145 45 HOH HOH A . 
B 2 HOH 46 146 38 HOH HOH A . 
B 2 HOH 47 147 43 HOH HOH A . 
# 
loop_
_software.citation_id 
_software.classification 
_software.compiler_name 
_software.compiler_version 
_software.contact_author 
_software.contact_author_email 
_software.date 
_software.description 
_software.dependencies 
_software.hardware 
_software.language 
_software.location 
_software.mods 
_software.name 
_software.os 
_software.os_version 
_software.type 
_software.version 
_software.pdbx_ordinal 
? refinement       ? ? ? ? ? ? ? ? ? ? ? PHENIX ? ? ? 1.19.1_4122 1 
? 'data reduction' ? ? ? ? ? ? ? ? ? ? ? XDS    ? ? ? .           2 
? 'data scaling'   ? ? ? ? ? ? ? ? ? ? ? XSCALE ? ? ? .           3 
? phasing          ? ? ? ? ? ? ? ? ? ? ? PHASER ? ? ? .           4 
# 
_cell.angle_alpha                  90.000 
_cell.angle_alpha_esd              ? 
_cell.angle_beta                   90.000 
_cell.angle_beta_esd               ? 
_cell.angle_gamma                  90.000 
_cell.angle_gamma_esd              ? 
_cell.entry_id                     7UR8 
_cell.details                      ? 
_cell.formula_units_Z              ? 
_cell.length_a                     26.071 
_cell.length_a_esd                 ? 
_cell.length_b                     40.921 
_cell.length_b_esd                 ? 
_cell.length_c                     48.720 
_cell.length_c_esd                 ? 
_cell.volume                       51977.000 
_cell.volume_esd                   ? 
_cell.Z_PDB                        4 
_cell.reciprocal_angle_alpha       ? 
_cell.reciprocal_angle_beta        ? 
_cell.reciprocal_angle_gamma       ? 
_cell.reciprocal_angle_alpha_esd   ? 
_cell.reciprocal_angle_beta_esd    ? 
_cell.reciprocal_angle_gamma_esd   ? 
_cell.reciprocal_length_a          ? 
_cell.reciprocal_length_b          ? 
_cell.reciprocal_length_c          ? 
_cell.reciprocal_length_a_esd      ? 
_cell.reciprocal_length_b_esd      ? 
_cell.reciprocal_length_c_esd      ? 
_cell.pdbx_unique_axis             ? 
# 
_symmetry.entry_id                         7UR8 
_symmetry.cell_setting                     ? 
_symmetry.Int_Tables_number                19 
_symmetry.space_group_name_Hall            'P 2ac 2ab' 
_symmetry.space_group_name_H-M             'P 21 21 21' 
_symmetry.pdbx_full_space_group_name_H-M   ? 
# 
_exptl.absorpt_coefficient_mu     ? 
_exptl.absorpt_correction_T_max   ? 
_exptl.absorpt_correction_T_min   ? 
_exptl.absorpt_correction_type    ? 
_exptl.absorpt_process_details    ? 
_exptl.entry_id                   7UR8 
_exptl.crystals_number            1 
_exptl.details                    ? 
_exptl.method                     'X-RAY DIFFRACTION' 
_exptl.method_details             ? 
# 
_exptl_crystal.colour                      ? 
_exptl_crystal.density_diffrn              ? 
_exptl_crystal.density_Matthews            1.52 
_exptl_crystal.density_method              ? 
_exptl_crystal.density_percent_sol         19.29 
_exptl_crystal.description                 ? 
_exptl_crystal.F_000                       ? 
_exptl_crystal.id                          1 
_exptl_crystal.preparation                 ? 
_exptl_crystal.size_max                    ? 
_exptl_crystal.size_mid                    ? 
_exptl_crystal.size_min                    ? 
_exptl_crystal.size_rad                    ? 
_exptl_crystal.colour_lustre               ? 
_exptl_crystal.colour_modifier             ? 
_exptl_crystal.colour_primary              ? 
_exptl_crystal.density_meas                ? 
_exptl_crystal.density_meas_esd            ? 
_exptl_crystal.density_meas_gt             ? 
_exptl_crystal.density_meas_lt             ? 
_exptl_crystal.density_meas_temp           ? 
_exptl_crystal.density_meas_temp_esd       ? 
_exptl_crystal.density_meas_temp_gt        ? 
_exptl_crystal.density_meas_temp_lt        ? 
_exptl_crystal.pdbx_crystal_image_url      ? 
_exptl_crystal.pdbx_crystal_image_format   ? 
_exptl_crystal.pdbx_mosaicity              ? 
_exptl_crystal.pdbx_mosaicity_esd          ? 
# 
_exptl_crystal_grow.apparatus       ? 
_exptl_crystal_grow.atmosphere      ? 
_exptl_crystal_grow.crystal_id      1 
_exptl_crystal_grow.details         ? 
_exptl_crystal_grow.method          'VAPOR DIFFUSION, SITTING DROP' 
_exptl_crystal_grow.method_ref      ? 
_exptl_crystal_grow.pH              ? 
_exptl_crystal_grow.pressure        ? 
_exptl_crystal_grow.pressure_esd    ? 
_exptl_crystal_grow.seeding         ? 
_exptl_crystal_grow.seeding_ref     ? 
_exptl_crystal_grow.temp            293 
_exptl_crystal_grow.temp_details    ? 
_exptl_crystal_grow.temp_esd        ? 
_exptl_crystal_grow.time            ? 
_exptl_crystal_grow.pdbx_details    
;0.1M MIB buffer pH 7
25% PEG 1500
;
_exptl_crystal_grow.pdbx_pH_range   ? 
# 
_diffrn.ambient_environment              ? 
_diffrn.ambient_temp                     100 
_diffrn.ambient_temp_details             ? 
_diffrn.ambient_temp_esd                 ? 
_diffrn.crystal_id                       1 
_diffrn.crystal_support                  ? 
_diffrn.crystal_treatment                ? 
_diffrn.details                          ? 
_diffrn.id                               1 
_diffrn.ambient_pressure                 ? 
_diffrn.ambient_pressure_esd             ? 
_diffrn.ambient_pressure_gt              ? 
_diffrn.ambient_pressure_lt              ? 
_diffrn.ambient_temp_gt                  ? 
_diffrn.ambient_temp_lt                  ? 
_diffrn.pdbx_serial_crystal_experiment   N 
# 
_diffrn_detector.details                      ? 
_diffrn_detector.detector                     PIXEL 
_diffrn_detector.diffrn_id                    1 
_diffrn_detector.type                         'DECTRIS EIGER2 X 16M' 
_diffrn_detector.area_resol_mean              ? 
_diffrn_detector.dtime                        ? 
_diffrn_detector.pdbx_frames_total            ? 
_diffrn_detector.pdbx_collection_time_total   ? 
_diffrn_detector.pdbx_collection_date         2022-03-14 
_diffrn_detector.pdbx_frequency               ? 
# 
_diffrn_radiation.collimation                      ? 
_diffrn_radiation.diffrn_id                        1 
_diffrn_radiation.filter_edge                      ? 
_diffrn_radiation.inhomogeneity                    ? 
_diffrn_radiation.monochromator                    ? 
_diffrn_radiation.polarisn_norm                    ? 
_diffrn_radiation.polarisn_ratio                   ? 
_diffrn_radiation.probe                            ? 
_diffrn_radiation.type                             ? 
_diffrn_radiation.xray_symbol                      ? 
_diffrn_radiation.wavelength_id                    1 
_diffrn_radiation.pdbx_monochromatic_or_laue_m_l   M 
_diffrn_radiation.pdbx_wavelength_list             ? 
_diffrn_radiation.pdbx_wavelength                  ? 
_diffrn_radiation.pdbx_diffrn_protocol             'SINGLE WAVELENGTH' 
_diffrn_radiation.pdbx_analyzer                    ? 
_diffrn_radiation.pdbx_scattering_type             x-ray 
# 
_diffrn_radiation_wavelength.id           1 
_diffrn_radiation_wavelength.wavelength   0.97918 
_diffrn_radiation_wavelength.wt           1.0 
# 
_diffrn_source.current                     ? 
_diffrn_source.details                     ? 
_diffrn_source.diffrn_id                   1 
_diffrn_source.power                       ? 
_diffrn_source.size                        ? 
_diffrn_source.source                      SYNCHROTRON 
_diffrn_source.target                      ? 
_diffrn_source.type                        'APS BEAMLINE 24-ID-C' 
_diffrn_source.voltage                     ? 
_diffrn_source.take-off_angle              ? 
_diffrn_source.pdbx_wavelength_list        0.97918 
_diffrn_source.pdbx_wavelength             ? 
_diffrn_source.pdbx_synchrotron_beamline   24-ID-C 
_diffrn_source.pdbx_synchrotron_site       APS 
# 
_reflns.B_iso_Wilson_estimate                          23.46 
_reflns.entry_id                                       7UR8 
_reflns.data_reduction_details                         ? 
_reflns.data_reduction_method                          ? 
_reflns.d_resolution_high                              1.50 
_reflns.d_resolution_low                               31.33 
_reflns.details                                        ? 
_reflns.limit_h_max                                    ? 
_reflns.limit_h_min                                    ? 
_reflns.limit_k_max                                    ? 
_reflns.limit_k_min                                    ? 
_reflns.limit_l_max                                    ? 
_reflns.limit_l_min                                    ? 
_reflns.number_all                                     ? 
_reflns.number_obs                                     15481 
_reflns.observed_criterion                             ? 
_reflns.observed_criterion_F_max                       ? 
_reflns.observed_criterion_F_min                       ? 
_reflns.observed_criterion_I_max                       ? 
_reflns.observed_criterion_I_min                       ? 
_reflns.observed_criterion_sigma_F                     ? 
_reflns.observed_criterion_sigma_I                     ? 
_reflns.percent_possible_obs                           96.81 
_reflns.R_free_details                                 ? 
_reflns.Rmerge_F_all                                   ? 
_reflns.Rmerge_F_obs                                   ? 
_reflns.Friedel_coverage                               ? 
_reflns.number_gt                                      ? 
_reflns.threshold_expression                           ? 
_reflns.pdbx_redundancy                                12.1 
_reflns.pdbx_Rmerge_I_obs                              0.222 
_reflns.pdbx_Rmerge_I_all                              ? 
_reflns.pdbx_Rsym_value                                ? 
_reflns.pdbx_netI_over_av_sigmaI                       ? 
_reflns.pdbx_netI_over_sigmaI                          10.93 
_reflns.pdbx_res_netI_over_av_sigmaI_2                 ? 
_reflns.pdbx_res_netI_over_sigmaI_2                    ? 
_reflns.pdbx_chi_squared                               ? 
_reflns.pdbx_scaling_rejects                           ? 
_reflns.pdbx_d_res_high_opt                            ? 
_reflns.pdbx_d_res_low_opt                             ? 
_reflns.pdbx_d_res_opt_method                          ? 
_reflns.phase_calculation_details                      ? 
_reflns.pdbx_Rrim_I_all                                ? 
_reflns.pdbx_Rpim_I_all                                0.066 
_reflns.pdbx_d_opt                                     ? 
_reflns.pdbx_number_measured_all                       ? 
_reflns.pdbx_diffrn_id                                 1 
_reflns.pdbx_ordinal                                   1 
_reflns.pdbx_CC_half                                   0.996 
_reflns.pdbx_CC_star                                   ? 
_reflns.pdbx_R_split                                   ? 
_reflns.pdbx_aniso_diffraction_limit_axis_1_ortho[1]   ? 
_reflns.pdbx_aniso_diffraction_limit_axis_1_ortho[2]   ? 
_reflns.pdbx_aniso_diffraction_limit_axis_1_ortho[3]   ? 
_reflns.pdbx_aniso_diffraction_limit_axis_2_ortho[1]   ? 
_reflns.pdbx_aniso_diffraction_limit_axis_2_ortho[2]   ? 
_reflns.pdbx_aniso_diffraction_limit_axis_2_ortho[3]   ? 
_reflns.pdbx_aniso_diffraction_limit_axis_3_ortho[1]   ? 
_reflns.pdbx_aniso_diffraction_limit_axis_3_ortho[2]   ? 
_reflns.pdbx_aniso_diffraction_limit_axis_3_ortho[3]   ? 
_reflns.pdbx_aniso_diffraction_limit_1                 ? 
_reflns.pdbx_aniso_diffraction_limit_2                 ? 
_reflns.pdbx_aniso_diffraction_limit_3                 ? 
_reflns.pdbx_aniso_B_tensor_eigenvector_1_ortho[1]     ? 
_reflns.pdbx_aniso_B_tensor_eigenvector_1_ortho[2]     ? 
_reflns.pdbx_aniso_B_tensor_eigenvector_1_ortho[3]     ? 
_reflns.pdbx_aniso_B_tensor_eigenvector_2_ortho[1]     ? 
_reflns.pdbx_aniso_B_tensor_eigenvector_2_ortho[2]     ? 
_reflns.pdbx_aniso_B_tensor_eigenvector_2_ortho[3]     ? 
_reflns.pdbx_aniso_B_tensor_eigenvector_3_ortho[1]     ? 
_reflns.pdbx_aniso_B_tensor_eigenvector_3_ortho[2]     ? 
_reflns.pdbx_aniso_B_tensor_eigenvector_3_ortho[3]     ? 
_reflns.pdbx_aniso_B_tensor_eigenvalue_1               ? 
_reflns.pdbx_aniso_B_tensor_eigenvalue_2               ? 
_reflns.pdbx_aniso_B_tensor_eigenvalue_3               ? 
_reflns.pdbx_orthogonalization_convention              ? 
_reflns.pdbx_percent_possible_ellipsoidal              ? 
_reflns.pdbx_percent_possible_spherical                ? 
_reflns.pdbx_percent_possible_ellipsoidal_anomalous    ? 
_reflns.pdbx_percent_possible_spherical_anomalous      ? 
_reflns.pdbx_redundancy_anomalous                      ? 
_reflns.pdbx_CC_half_anomalous                         ? 
_reflns.pdbx_absDiff_over_sigma_anomalous              ? 
_reflns.pdbx_percent_possible_anomalous                ? 
_reflns.pdbx_observed_signal_threshold                 ? 
_reflns.pdbx_signal_type                               ? 
_reflns.pdbx_signal_details                            ? 
_reflns.pdbx_signal_software_id                        ? 
# 
_reflns_shell.d_res_high                                    1.5 
_reflns_shell.d_res_low                                     1.55 
_reflns_shell.meanI_over_sigI_all                           ? 
_reflns_shell.meanI_over_sigI_obs                           0.74 
_reflns_shell.number_measured_all                           ? 
_reflns_shell.number_measured_obs                           ? 
_reflns_shell.number_possible                               ? 
_reflns_shell.number_unique_all                             ? 
_reflns_shell.number_unique_obs                             633 
_reflns_shell.percent_possible_all                          ? 
_reflns_shell.percent_possible_obs                          ? 
_reflns_shell.Rmerge_F_all                                  ? 
_reflns_shell.Rmerge_F_obs                                  ? 
_reflns_shell.Rmerge_I_all                                  ? 
_reflns_shell.Rmerge_I_obs                                  ? 
_reflns_shell.meanI_over_sigI_gt                            ? 
_reflns_shell.meanI_over_uI_all                             ? 
_reflns_shell.meanI_over_uI_gt                              ? 
_reflns_shell.number_measured_gt                            ? 
_reflns_shell.number_unique_gt                              ? 
_reflns_shell.percent_possible_gt                           ? 
_reflns_shell.Rmerge_F_gt                                   ? 
_reflns_shell.Rmerge_I_gt                                   ? 
_reflns_shell.pdbx_redundancy                               ? 
_reflns_shell.pdbx_Rsym_value                               ? 
_reflns_shell.pdbx_chi_squared                              ? 
_reflns_shell.pdbx_netI_over_sigmaI_all                     ? 
_reflns_shell.pdbx_netI_over_sigmaI_obs                     ? 
_reflns_shell.pdbx_Rrim_I_all                               ? 
_reflns_shell.pdbx_Rpim_I_all                               ? 
_reflns_shell.pdbx_rejects                                  ? 
_reflns_shell.pdbx_ordinal                                  1 
_reflns_shell.pdbx_diffrn_id                                1 
_reflns_shell.pdbx_CC_half                                  0.455 
_reflns_shell.pdbx_CC_star                                  ? 
_reflns_shell.pdbx_R_split                                  ? 
_reflns_shell.pdbx_percent_possible_ellipsoidal             ? 
_reflns_shell.pdbx_percent_possible_spherical               ? 
_reflns_shell.pdbx_percent_possible_ellipsoidal_anomalous   ? 
_reflns_shell.pdbx_percent_possible_spherical_anomalous     ? 
_reflns_shell.pdbx_redundancy_anomalous                     ? 
_reflns_shell.pdbx_CC_half_anomalous                        ? 
_reflns_shell.pdbx_absDiff_over_sigma_anomalous             ? 
_reflns_shell.pdbx_percent_possible_anomalous               ? 
# 
_refine.aniso_B[1][1]                            ? 
_refine.aniso_B[1][2]                            ? 
_refine.aniso_B[1][3]                            ? 
_refine.aniso_B[2][2]                            ? 
_refine.aniso_B[2][3]                            ? 
_refine.aniso_B[3][3]                            ? 
_refine.B_iso_max                                ? 
_refine.B_iso_mean                               28.75 
_refine.B_iso_min                                ? 
_refine.correlation_coeff_Fo_to_Fc               ? 
_refine.correlation_coeff_Fo_to_Fc_free          ? 
_refine.details                                  ? 
_refine.diff_density_max                         ? 
_refine.diff_density_max_esd                     ? 
_refine.diff_density_min                         ? 
_refine.diff_density_min_esd                     ? 
_refine.diff_density_rms                         ? 
_refine.diff_density_rms_esd                     ? 
_refine.entry_id                                 7UR8 
_refine.pdbx_refine_id                           'X-RAY DIFFRACTION' 
_refine.ls_abs_structure_details                 ? 
_refine.ls_abs_structure_Flack                   ? 
_refine.ls_abs_structure_Flack_esd               ? 
_refine.ls_abs_structure_Rogers                  ? 
_refine.ls_abs_structure_Rogers_esd              ? 
_refine.ls_d_res_high                            1.50 
_refine.ls_d_res_low                             31.33 
_refine.ls_extinction_coef                       ? 
_refine.ls_extinction_coef_esd                   ? 
_refine.ls_extinction_expression                 ? 
_refine.ls_extinction_method                     ? 
_refine.ls_goodness_of_fit_all                   ? 
_refine.ls_goodness_of_fit_all_esd               ? 
_refine.ls_goodness_of_fit_obs                   ? 
_refine.ls_goodness_of_fit_obs_esd               ? 
_refine.ls_hydrogen_treatment                    ? 
_refine.ls_matrix_type                           ? 
_refine.ls_number_constraints                    ? 
_refine.ls_number_parameters                     ? 
_refine.ls_number_reflns_all                     ? 
_refine.ls_number_reflns_obs                     15481 
_refine.ls_number_reflns_R_free                  823 
_refine.ls_number_reflns_R_work                  14658 
_refine.ls_number_restraints                     ? 
_refine.ls_percent_reflns_obs                    96.70 
_refine.ls_percent_reflns_R_free                 5.32 
_refine.ls_R_factor_all                          ? 
_refine.ls_R_factor_obs                          0.1830 
_refine.ls_R_factor_R_free                       0.2093 
_refine.ls_R_factor_R_free_error                 ? 
_refine.ls_R_factor_R_free_error_details         ? 
_refine.ls_R_factor_R_work                       0.1815 
_refine.ls_R_Fsqd_factor_obs                     ? 
_refine.ls_R_I_factor_obs                        ? 
_refine.ls_redundancy_reflns_all                 ? 
_refine.ls_redundancy_reflns_obs                 ? 
_refine.ls_restrained_S_all                      ? 
_refine.ls_restrained_S_obs                      ? 
_refine.ls_shift_over_esd_max                    ? 
_refine.ls_shift_over_esd_mean                   ? 
_refine.ls_structure_factor_coef                 ? 
_refine.ls_weighting_details                     ? 
_refine.ls_weighting_scheme                      ? 
_refine.ls_wR_factor_all                         ? 
_refine.ls_wR_factor_obs                         ? 
_refine.ls_wR_factor_R_free                      ? 
_refine.ls_wR_factor_R_work                      ? 
_refine.occupancy_max                            ? 
_refine.occupancy_min                            ? 
_refine.solvent_model_details                    'FLAT BULK SOLVENT MODEL' 
_refine.solvent_model_param_bsol                 ? 
_refine.solvent_model_param_ksol                 ? 
_refine.pdbx_R_complete                          ? 
_refine.ls_R_factor_gt                           ? 
_refine.ls_goodness_of_fit_gt                    ? 
_refine.ls_goodness_of_fit_ref                   ? 
_refine.ls_shift_over_su_max                     ? 
_refine.ls_shift_over_su_max_lt                  ? 
_refine.ls_shift_over_su_mean                    ? 
_refine.ls_shift_over_su_mean_lt                 ? 
_refine.pdbx_ls_sigma_I                          ? 
_refine.pdbx_ls_sigma_F                          0.33 
_refine.pdbx_ls_sigma_Fsqd                       ? 
_refine.pdbx_data_cutoff_high_absF               ? 
_refine.pdbx_data_cutoff_high_rms_absF           ? 
_refine.pdbx_data_cutoff_low_absF                ? 
_refine.pdbx_isotropic_thermal_model             ? 
_refine.pdbx_ls_cross_valid_method               'FREE R-VALUE' 
_refine.pdbx_method_to_determine_struct          'MOLECULAR REPLACEMENT' 
_refine.pdbx_starting_model                      'Designed model' 
_refine.pdbx_stereochemistry_target_values       'GeoStd + Monomer Library + CDL v1.2' 
_refine.pdbx_R_Free_selection_details            ? 
_refine.pdbx_stereochem_target_val_spec_case     ? 
_refine.pdbx_overall_ESU_R                       ? 
_refine.pdbx_overall_ESU_R_Free                  ? 
_refine.pdbx_solvent_vdw_probe_radii             1.1100 
_refine.pdbx_solvent_ion_probe_radii             ? 
_refine.pdbx_solvent_shrinkage_radii             0.9000 
_refine.pdbx_real_space_R                        ? 
_refine.pdbx_density_correlation                 ? 
_refine.pdbx_pd_number_of_powder_patterns        ? 
_refine.pdbx_pd_number_of_points                 ? 
_refine.pdbx_pd_meas_number_of_points            ? 
_refine.pdbx_pd_proc_ls_prof_R_factor            ? 
_refine.pdbx_pd_proc_ls_prof_wR_factor           ? 
_refine.pdbx_pd_Marquardt_correlation_coeff      ? 
_refine.pdbx_pd_Fsqrd_R_factor                   ? 
_refine.pdbx_pd_ls_matrix_band_width             ? 
_refine.pdbx_overall_phase_error                 29.9844 
_refine.pdbx_overall_SU_R_free_Cruickshank_DPI   ? 
_refine.pdbx_overall_SU_R_free_Blow_DPI          ? 
_refine.pdbx_overall_SU_R_Blow_DPI               ? 
_refine.pdbx_TLS_residual_ADP_flag               ? 
_refine.pdbx_diffrn_id                           1 
_refine.overall_SU_B                             ? 
_refine.overall_SU_ML                            0.1850 
_refine.overall_SU_R_Cruickshank_DPI             ? 
_refine.overall_SU_R_free                        ? 
_refine.overall_FOM_free_R_set                   ? 
_refine.overall_FOM_work_R_set                   ? 
_refine.pdbx_average_fsc_overall                 ? 
_refine.pdbx_average_fsc_work                    ? 
_refine.pdbx_average_fsc_free                    ? 
# 
_refine_hist.pdbx_refine_id                   'X-RAY DIFFRACTION' 
_refine_hist.cycle_id                         LAST 
_refine_hist.details                          ? 
_refine_hist.d_res_high                       1.50 
_refine_hist.d_res_low                        31.33 
_refine_hist.number_atoms_solvent             47 
_refine_hist.number_atoms_total               640 
_refine_hist.number_reflns_all                ? 
_refine_hist.number_reflns_obs                ? 
_refine_hist.number_reflns_R_free             ? 
_refine_hist.number_reflns_R_work             ? 
_refine_hist.R_factor_all                     ? 
_refine_hist.R_factor_obs                     ? 
_refine_hist.R_factor_R_free                  ? 
_refine_hist.R_factor_R_work                  ? 
_refine_hist.pdbx_number_residues_total       ? 
_refine_hist.pdbx_B_iso_mean_ligand           ? 
_refine_hist.pdbx_B_iso_mean_solvent          ? 
_refine_hist.pdbx_number_atoms_protein        593 
_refine_hist.pdbx_number_atoms_nucleic_acid   0 
_refine_hist.pdbx_number_atoms_ligand         0 
_refine_hist.pdbx_number_atoms_lipid          ? 
_refine_hist.pdbx_number_atoms_carb           ? 
_refine_hist.pdbx_pseudo_atom_details         ? 
# 
loop_
_refine_ls_restr.pdbx_refine_id 
_refine_ls_restr.criterion 
_refine_ls_restr.dev_ideal 
_refine_ls_restr.dev_ideal_target 
_refine_ls_restr.number 
_refine_ls_restr.rejects 
_refine_ls_restr.type 
_refine_ls_restr.weight 
_refine_ls_restr.pdbx_restraint_function 
'X-RAY DIFFRACTION' ? 0.0064  ? 608 ? f_bond_d           ? ? 
'X-RAY DIFFRACTION' ? 0.7529  ? 821 ? f_angle_d          ? ? 
'X-RAY DIFFRACTION' ? 0.0556  ? 86  ? f_chiral_restr     ? ? 
'X-RAY DIFFRACTION' ? 0.0071  ? 106 ? f_plane_restr      ? ? 
'X-RAY DIFFRACTION' ? 14.0803 ? 226 ? f_dihedral_angle_d ? ? 
# 
loop_
_refine_ls_shell.pdbx_refine_id 
_refine_ls_shell.d_res_high 
_refine_ls_shell.d_res_low 
_refine_ls_shell.number_reflns_all 
_refine_ls_shell.number_reflns_obs 
_refine_ls_shell.number_reflns_R_free 
_refine_ls_shell.number_reflns_R_work 
_refine_ls_shell.percent_reflns_obs 
_refine_ls_shell.percent_reflns_R_free 
_refine_ls_shell.R_factor_all 
_refine_ls_shell.R_factor_obs 
_refine_ls_shell.R_factor_R_free 
_refine_ls_shell.R_factor_R_free_error 
_refine_ls_shell.R_factor_R_work 
_refine_ls_shell.redundancy_reflns_all 
_refine_ls_shell.redundancy_reflns_obs 
_refine_ls_shell.wR_factor_all 
_refine_ls_shell.wR_factor_obs 
_refine_ls_shell.wR_factor_R_free 
_refine_ls_shell.wR_factor_R_work 
_refine_ls_shell.pdbx_R_complete 
_refine_ls_shell.pdbx_total_number_of_bins_used 
_refine_ls_shell.pdbx_phase_error 
_refine_ls_shell.pdbx_fsc_work 
_refine_ls_shell.pdbx_fsc_free 
'X-RAY DIFFRACTION' 1.50 1.60  . . 95  2080 81.22 . . . 0.3112 . 0.3487 . . . . . . . . . . . 
'X-RAY DIFFRACTION' 1.60 1.72  . . 181 2473 99.59 . . . 0.3195 . 0.2708 . . . . . . . . . . . 
'X-RAY DIFFRACTION' 1.72 1.89  . . 148 2500 99.89 . . . 0.2575 . 0.2397 . . . . . . . . . . . 
'X-RAY DIFFRACTION' 1.89 2.17  . . 119 2567 99.81 . . . 0.2191 . 0.1935 . . . . . . . . . . . 
'X-RAY DIFFRACTION' 2.17 2.73  . . 140 2519 99.96 . . . 0.2163 . 0.1880 . . . . . . . . . . . 
'X-RAY DIFFRACTION' 2.73 31.33 . . 140 2519 99.81 . . . 0.1721 . 0.1444 . . . . . . . . . . . 
# 
_struct.entry_id                     7UR8 
_struct.title                        '170_h_ob, a small beta-barrel de novo designed protein' 
_struct.pdbx_model_details           ? 
_struct.pdbx_formula_weight          ? 
_struct.pdbx_formula_weight_method   ? 
_struct.pdbx_model_type_details      ? 
_struct.pdbx_CASP_flag               N 
# 
_struct_keywords.entry_id        7UR8 
_struct_keywords.text            'DE NOVO DESIGN, Beta-barrel, Protein binder, DE NOVO PROTEIN' 
_struct_keywords.pdbx_keywords   'DE NOVO PROTEIN' 
# 
loop_
_struct_asym.id 
_struct_asym.pdbx_blank_PDB_chainid_flag 
_struct_asym.pdbx_modified 
_struct_asym.entity_id 
_struct_asym.details 
A N N 1 ? 
B N N 2 ? 
# 
_struct_ref.id                         1 
_struct_ref.db_name                    PDB 
_struct_ref.db_code                    7UR8 
_struct_ref.pdbx_db_accession          7UR8 
_struct_ref.pdbx_db_isoform            ? 
_struct_ref.entity_id                  1 
_struct_ref.pdbx_seq_one_letter_code   ? 
_struct_ref.pdbx_align_begin           1 
# 
_struct_ref_seq.align_id                      1 
_struct_ref_seq.ref_id                        1 
_struct_ref_seq.pdbx_PDB_id_code              7UR8 
_struct_ref_seq.pdbx_strand_id                A 
_struct_ref_seq.seq_align_beg                 1 
_struct_ref_seq.pdbx_seq_align_beg_ins_code   ? 
_struct_ref_seq.seq_align_end                 72 
_struct_ref_seq.pdbx_seq_align_end_ins_code   ? 
_struct_ref_seq.pdbx_db_accession             7UR8 
_struct_ref_seq.db_align_beg                  1 
_struct_ref_seq.pdbx_db_align_beg_ins_code    ? 
_struct_ref_seq.db_align_end                  72 
_struct_ref_seq.pdbx_db_align_end_ins_code    ? 
_struct_ref_seq.pdbx_auth_seq_align_beg       1 
_struct_ref_seq.pdbx_auth_seq_align_end       72 
# 
_pdbx_struct_assembly.id                   1 
_pdbx_struct_assembly.details              author_and_software_defined_assembly 
_pdbx_struct_assembly.method_details       PISA 
_pdbx_struct_assembly.oligomeric_details   monomeric 
_pdbx_struct_assembly.oligomeric_count     1 
# 
_pdbx_struct_assembly_gen.assembly_id       1 
_pdbx_struct_assembly_gen.oper_expression   1 
_pdbx_struct_assembly_gen.asym_id_list      A,B 
# 
_pdbx_struct_assembly_auth_evidence.id                     1 
_pdbx_struct_assembly_auth_evidence.assembly_id            1 
_pdbx_struct_assembly_auth_evidence.experimental_support   none 
_pdbx_struct_assembly_auth_evidence.details                ? 
# 
_pdbx_struct_oper_list.id                   1 
_pdbx_struct_oper_list.type                 'identity operation' 
_pdbx_struct_oper_list.name                 1_555 
_pdbx_struct_oper_list.symmetry_operation   x,y,z 
_pdbx_struct_oper_list.matrix[1][1]         1.0000000000 
_pdbx_struct_oper_list.matrix[1][2]         0.0000000000 
_pdbx_struct_oper_list.matrix[1][3]         0.0000000000 
_pdbx_struct_oper_list.vector[1]            0.0000000000 
_pdbx_struct_oper_list.matrix[2][1]         0.0000000000 
_pdbx_struct_oper_list.matrix[2][2]         1.0000000000 
_pdbx_struct_oper_list.matrix[2][3]         0.0000000000 
_pdbx_struct_oper_list.vector[2]            0.0000000000 
_pdbx_struct_oper_list.matrix[3][1]         0.0000000000 
_pdbx_struct_oper_list.matrix[3][2]         0.0000000000 
_pdbx_struct_oper_list.matrix[3][3]         1.0000000000 
_pdbx_struct_oper_list.vector[3]            0.0000000000 
# 
_struct_conf.conf_type_id            HELX_P 
_struct_conf.id                      HELX_P1 
_struct_conf.pdbx_PDB_helix_id       AA1 
_struct_conf.beg_label_comp_id       SER 
_struct_conf.beg_label_asym_id       A 
_struct_conf.beg_label_seq_id        37 
_struct_conf.pdbx_beg_PDB_ins_code   ? 
_struct_conf.end_label_comp_id       LYS 
_struct_conf.end_label_asym_id       A 
_struct_conf.end_label_seq_id        42 
_struct_conf.pdbx_end_PDB_ins_code   ? 
_struct_conf.beg_auth_comp_id        SER 
_struct_conf.beg_auth_asym_id        A 
_struct_conf.beg_auth_seq_id         37 
_struct_conf.end_auth_comp_id        LYS 
_struct_conf.end_auth_asym_id        A 
_struct_conf.end_auth_seq_id         42 
_struct_conf.pdbx_PDB_helix_class    1 
_struct_conf.details                 ? 
_struct_conf.pdbx_PDB_helix_length   6 
# 
_struct_conf_type.id          HELX_P 
_struct_conf_type.criteria    ? 
_struct_conf_type.reference   ? 
# 
_struct_sheet.id               AA1 
_struct_sheet.type             ? 
_struct_sheet.number_strands   5 
_struct_sheet.details          ? 
# 
loop_
_struct_sheet_order.sheet_id 
_struct_sheet_order.range_id_1 
_struct_sheet_order.range_id_2 
_struct_sheet_order.offset 
_struct_sheet_order.sense 
AA1 1 2 ? anti-parallel 
AA1 2 3 ? anti-parallel 
AA1 3 4 ? anti-parallel 
AA1 4 5 ? anti-parallel 
# 
loop_
_struct_sheet_range.sheet_id 
_struct_sheet_range.id 
_struct_sheet_range.beg_label_comp_id 
_struct_sheet_range.beg_label_asym_id 
_struct_sheet_range.beg_label_seq_id 
_struct_sheet_range.pdbx_beg_PDB_ins_code 
_struct_sheet_range.end_label_comp_id 
_struct_sheet_range.end_label_asym_id 
_struct_sheet_range.end_label_seq_id 
_struct_sheet_range.pdbx_end_PDB_ins_code 
_struct_sheet_range.beg_auth_comp_id 
_struct_sheet_range.beg_auth_asym_id 
_struct_sheet_range.beg_auth_seq_id 
_struct_sheet_range.end_auth_comp_id 
_struct_sheet_range.end_auth_asym_id 
_struct_sheet_range.end_auth_seq_id 
AA1 1 LYS A 30 ? VAL A 36 ? LYS A 30 VAL A 36 
AA1 2 VAL A 21 ? ASP A 27 ? VAL A 21 ASP A 27 
AA1 3 GLU A 8  ? GLU A 16 ? GLU A 8  GLU A 16 
AA1 4 TRP A 49 ? VAL A 52 ? TRP A 49 VAL A 52 
AA1 5 LEU A 58 ? HIS A 60 ? LEU A 58 HIS A 60 
# 
loop_
_pdbx_struct_sheet_hbond.sheet_id 
_pdbx_struct_sheet_hbond.range_id_1 
_pdbx_struct_sheet_hbond.range_id_2 
_pdbx_struct_sheet_hbond.range_1_label_atom_id 
_pdbx_struct_sheet_hbond.range_1_label_comp_id 
_pdbx_struct_sheet_hbond.range_1_label_asym_id 
_pdbx_struct_sheet_hbond.range_1_label_seq_id 
_pdbx_struct_sheet_hbond.range_1_PDB_ins_code 
_pdbx_struct_sheet_hbond.range_1_auth_atom_id 
_pdbx_struct_sheet_hbond.range_1_auth_comp_id 
_pdbx_struct_sheet_hbond.range_1_auth_asym_id 
_pdbx_struct_sheet_hbond.range_1_auth_seq_id 
_pdbx_struct_sheet_hbond.range_2_label_atom_id 
_pdbx_struct_sheet_hbond.range_2_label_comp_id 
_pdbx_struct_sheet_hbond.range_2_label_asym_id 
_pdbx_struct_sheet_hbond.range_2_label_seq_id 
_pdbx_struct_sheet_hbond.range_2_PDB_ins_code 
_pdbx_struct_sheet_hbond.range_2_auth_atom_id 
_pdbx_struct_sheet_hbond.range_2_auth_comp_id 
_pdbx_struct_sheet_hbond.range_2_auth_asym_id 
_pdbx_struct_sheet_hbond.range_2_auth_seq_id 
AA1 1 2 O TYR A 32 ? O TYR A 32 N LEU A 25 ? N LEU A 25 
AA1 2 3 O TYR A 22 ? O TYR A 22 N ARG A 15 ? N ARG A 15 
AA1 3 4 N LEU A 9  ? N LEU A 9  O VAL A 50 ? O VAL A 50 
AA1 4 5 N ILE A 51 ? N ILE A 51 O LEU A 59 ? O LEU A 59 
# 
loop_
_space_group_symop.id 
_space_group_symop.operation_xyz 
1 x,y,z           
2 x+1/2,-y+1/2,-z 
3 -x,y+1/2,-z+1/2 
4 -x+1/2,-y,z+1/2 
# 
_pdbx_unobs_or_zero_occ_residues.id               1 
_pdbx_unobs_or_zero_occ_residues.PDB_model_num    1 
_pdbx_unobs_or_zero_occ_residues.polymer_flag     Y 
_pdbx_unobs_or_zero_occ_residues.occupancy_flag   1 
_pdbx_unobs_or_zero_occ_residues.auth_asym_id     A 
_pdbx_unobs_or_zero_occ_residues.auth_comp_id     MET 
_pdbx_unobs_or_zero_occ_residues.auth_seq_id      1 
_pdbx_unobs_or_zero_occ_residues.PDB_ins_code     ? 
_pdbx_unobs_or_zero_occ_residues.label_asym_id    A 
_pdbx_unobs_or_zero_occ_residues.label_comp_id    MET 
_pdbx_unobs_or_zero_occ_residues.label_seq_id     1 
# 
loop_
_chem_comp_atom.comp_id 
_chem_comp_atom.atom_id 
_chem_comp_atom.type_symbol 
_chem_comp_atom.pdbx_aromatic_flag 
_chem_comp_atom.pdbx_stereo_config 
_chem_comp_atom.pdbx_ordinal 
ALA N    N N N 1   
ALA CA   C N S 2   
ALA C    C N N 3   
ALA O    O N N 4   
ALA CB   C N N 5   
ALA OXT  O N N 6   
ALA H    H N N 7   
ALA H2   H N N 8   
ALA HA   H N N 9   
ALA HB1  H N N 10  
ALA HB2  H N N 11  
ALA HB3  H N N 12  
ALA HXT  H N N 13  
ARG N    N N N 14  
ARG CA   C N S 15  
ARG C    C N N 16  
ARG O    O N N 17  
ARG CB   C N N 18  
ARG CG   C N N 19  
ARG CD   C N N 20  
ARG NE   N N N 21  
ARG CZ   C N N 22  
ARG NH1  N N N 23  
ARG NH2  N N N 24  
ARG OXT  O N N 25  
ARG H    H N N 26  
ARG H2   H N N 27  
ARG HA   H N N 28  
ARG HB2  H N N 29  
ARG HB3  H N N 30  
ARG HG2  H N N 31  
ARG HG3  H N N 32  
ARG HD2  H N N 33  
ARG HD3  H N N 34  
ARG HE   H N N 35  
ARG HH11 H N N 36  
ARG HH12 H N N 37  
ARG HH21 H N N 38  
ARG HH22 H N N 39  
ARG HXT  H N N 40  
ASN N    N N N 41  
ASN CA   C N S 42  
ASN C    C N N 43  
ASN O    O N N 44  
ASN CB   C N N 45  
ASN CG   C N N 46  
ASN OD1  O N N 47  
ASN ND2  N N N 48  
ASN OXT  O N N 49  
ASN H    H N N 50  
ASN H2   H N N 51  
ASN HA   H N N 52  
ASN HB2  H N N 53  
ASN HB3  H N N 54  
ASN HD21 H N N 55  
ASN HD22 H N N 56  
ASN HXT  H N N 57  
ASP N    N N N 58  
ASP CA   C N S 59  
ASP C    C N N 60  
ASP O    O N N 61  
ASP CB   C N N 62  
ASP CG   C N N 63  
ASP OD1  O N N 64  
ASP OD2  O N N 65  
ASP OXT  O N N 66  
ASP H    H N N 67  
ASP H2   H N N 68  
ASP HA   H N N 69  
ASP HB2  H N N 70  
ASP HB3  H N N 71  
ASP HD2  H N N 72  
ASP HXT  H N N 73  
GLN N    N N N 74  
GLN CA   C N S 75  
GLN C    C N N 76  
GLN O    O N N 77  
GLN CB   C N N 78  
GLN CG   C N N 79  
GLN CD   C N N 80  
GLN OE1  O N N 81  
GLN NE2  N N N 82  
GLN OXT  O N N 83  
GLN H    H N N 84  
GLN H2   H N N 85  
GLN HA   H N N 86  
GLN HB2  H N N 87  
GLN HB3  H N N 88  
GLN HG2  H N N 89  
GLN HG3  H N N 90  
GLN HE21 H N N 91  
GLN HE22 H N N 92  
GLN HXT  H N N 93  
GLU N    N N N 94  
GLU CA   C N S 95  
GLU C    C N N 96  
GLU O    O N N 97  
GLU CB   C N N 98  
GLU CG   C N N 99  
GLU CD   C N N 100 
GLU OE1  O N N 101 
GLU OE2  O N N 102 
GLU OXT  O N N 103 
GLU H    H N N 104 
GLU H2   H N N 105 
GLU HA   H N N 106 
GLU HB2  H N N 107 
GLU HB3  H N N 108 
GLU HG2  H N N 109 
GLU HG3  H N N 110 
GLU HE2  H N N 111 
GLU HXT  H N N 112 
GLY N    N N N 113 
GLY CA   C N N 114 
GLY C    C N N 115 
GLY O    O N N 116 
GLY OXT  O N N 117 
GLY H    H N N 118 
GLY H2   H N N 119 
GLY HA2  H N N 120 
GLY HA3  H N N 121 
GLY HXT  H N N 122 
HIS N    N N N 123 
HIS CA   C N S 124 
HIS C    C N N 125 
HIS O    O N N 126 
HIS CB   C N N 127 
HIS CG   C Y N 128 
HIS ND1  N Y N 129 
HIS CD2  C Y N 130 
HIS CE1  C Y N 131 
HIS NE2  N Y N 132 
HIS OXT  O N N 133 
HIS H    H N N 134 
HIS H2   H N N 135 
HIS HA   H N N 136 
HIS HB2  H N N 137 
HIS HB3  H N N 138 
HIS HD1  H N N 139 
HIS HD2  H N N 140 
HIS HE1  H N N 141 
HIS HE2  H N N 142 
HIS HXT  H N N 143 
HOH O    O N N 144 
HOH H1   H N N 145 
HOH H2   H N N 146 
ILE N    N N N 147 
ILE CA   C N S 148 
ILE C    C N N 149 
ILE O    O N N 150 
ILE CB   C N S 151 
ILE CG1  C N N 152 
ILE CG2  C N N 153 
ILE CD1  C N N 154 
ILE OXT  O N N 155 
ILE H    H N N 156 
ILE H2   H N N 157 
ILE HA   H N N 158 
ILE HB   H N N 159 
ILE HG12 H N N 160 
ILE HG13 H N N 161 
ILE HG21 H N N 162 
ILE HG22 H N N 163 
ILE HG23 H N N 164 
ILE HD11 H N N 165 
ILE HD12 H N N 166 
ILE HD13 H N N 167 
ILE HXT  H N N 168 
LEU N    N N N 169 
LEU CA   C N S 170 
LEU C    C N N 171 
LEU O    O N N 172 
LEU CB   C N N 173 
LEU CG   C N N 174 
LEU CD1  C N N 175 
LEU CD2  C N N 176 
LEU OXT  O N N 177 
LEU H    H N N 178 
LEU H2   H N N 179 
LEU HA   H N N 180 
LEU HB2  H N N 181 
LEU HB3  H N N 182 
LEU HG   H N N 183 
LEU HD11 H N N 184 
LEU HD12 H N N 185 
LEU HD13 H N N 186 
LEU HD21 H N N 187 
LEU HD22 H N N 188 
LEU HD23 H N N 189 
LEU HXT  H N N 190 
LYS N    N N N 191 
LYS CA   C N S 192 
LYS C    C N N 193 
LYS O    O N N 194 
LYS CB   C N N 195 
LYS CG   C N N 196 
LYS CD   C N N 197 
LYS CE   C N N 198 
LYS NZ   N N N 199 
LYS OXT  O N N 200 
LYS H    H N N 201 
LYS H2   H N N 202 
LYS HA   H N N 203 
LYS HB2  H N N 204 
LYS HB3  H N N 205 
LYS HG2  H N N 206 
LYS HG3  H N N 207 
LYS HD2  H N N 208 
LYS HD3  H N N 209 
LYS HE2  H N N 210 
LYS HE3  H N N 211 
LYS HZ1  H N N 212 
LYS HZ2  H N N 213 
LYS HZ3  H N N 214 
LYS HXT  H N N 215 
MET N    N N N 216 
MET CA   C N S 217 
MET C    C N N 218 
MET O    O N N 219 
MET CB   C N N 220 
MET CG   C N N 221 
MET SD   S N N 222 
MET CE   C N N 223 
MET OXT  O N N 224 
MET H    H N N 225 
MET H2   H N N 226 
MET HA   H N N 227 
MET HB2  H N N 228 
MET HB3  H N N 229 
MET HG2  H N N 230 
MET HG3  H N N 231 
MET HE1  H N N 232 
MET HE2  H N N 233 
MET HE3  H N N 234 
MET HXT  H N N 235 
PHE N    N N N 236 
PHE CA   C N S 237 
PHE C    C N N 238 
PHE O    O N N 239 
PHE CB   C N N 240 
PHE CG   C Y N 241 
PHE CD1  C Y N 242 
PHE CD2  C Y N 243 
PHE CE1  C Y N 244 
PHE CE2  C Y N 245 
PHE CZ   C Y N 246 
PHE OXT  O N N 247 
PHE H    H N N 248 
PHE H2   H N N 249 
PHE HA   H N N 250 
PHE HB2  H N N 251 
PHE HB3  H N N 252 
PHE HD1  H N N 253 
PHE HD2  H N N 254 
PHE HE1  H N N 255 
PHE HE2  H N N 256 
PHE HZ   H N N 257 
PHE HXT  H N N 258 
PRO N    N N N 259 
PRO CA   C N S 260 
PRO C    C N N 261 
PRO O    O N N 262 
PRO CB   C N N 263 
PRO CG   C N N 264 
PRO CD   C N N 265 
PRO OXT  O N N 266 
PRO H    H N N 267 
PRO HA   H N N 268 
PRO HB2  H N N 269 
PRO HB3  H N N 270 
PRO HG2  H N N 271 
PRO HG3  H N N 272 
PRO HD2  H N N 273 
PRO HD3  H N N 274 
PRO HXT  H N N 275 
SER N    N N N 276 
SER CA   C N S 277 
SER C    C N N 278 
SER O    O N N 279 
SER CB   C N N 280 
SER OG   O N N 281 
SER OXT  O N N 282 
SER H    H N N 283 
SER H2   H N N 284 
SER HA   H N N 285 
SER HB2  H N N 286 
SER HB3  H N N 287 
SER HG   H N N 288 
SER HXT  H N N 289 
THR N    N N N 290 
THR CA   C N S 291 
THR C    C N N 292 
THR O    O N N 293 
THR CB   C N R 294 
THR OG1  O N N 295 
THR CG2  C N N 296 
THR OXT  O N N 297 
THR H    H N N 298 
THR H2   H N N 299 
THR HA   H N N 300 
THR HB   H N N 301 
THR HG1  H N N 302 
THR HG21 H N N 303 
THR HG22 H N N 304 
THR HG23 H N N 305 
THR HXT  H N N 306 
TRP N    N N N 307 
TRP CA   C N S 308 
TRP C    C N N 309 
TRP O    O N N 310 
TRP CB   C N N 311 
TRP CG   C Y N 312 
TRP CD1  C Y N 313 
TRP CD2  C Y N 314 
TRP NE1  N Y N 315 
TRP CE2  C Y N 316 
TRP CE3  C Y N 317 
TRP CZ2  C Y N 318 
TRP CZ3  C Y N 319 
TRP CH2  C Y N 320 
TRP OXT  O N N 321 
TRP H    H N N 322 
TRP H2   H N N 323 
TRP HA   H N N 324 
TRP HB2  H N N 325 
TRP HB3  H N N 326 
TRP HD1  H N N 327 
TRP HE1  H N N 328 
TRP HE3  H N N 329 
TRP HZ2  H N N 330 
TRP HZ3  H N N 331 
TRP HH2  H N N 332 
TRP HXT  H N N 333 
TYR N    N N N 334 
TYR CA   C N S 335 
TYR C    C N N 336 
TYR O    O N N 337 
TYR CB   C N N 338 
TYR CG   C Y N 339 
TYR CD1  C Y N 340 
TYR CD2  C Y N 341 
TYR CE1  C Y N 342 
TYR CE2  C Y N 343 
TYR CZ   C Y N 344 
TYR OH   O N N 345 
TYR OXT  O N N 346 
TYR H    H N N 347 
TYR H2   H N N 348 
TYR HA   H N N 349 
TYR HB2  H N N 350 
TYR HB3  H N N 351 
TYR HD1  H N N 352 
TYR HD2  H N N 353 
TYR HE1  H N N 354 
TYR HE2  H N N 355 
TYR HH   H N N 356 
TYR HXT  H N N 357 
VAL N    N N N 358 
VAL CA   C N S 359 
VAL C    C N N 360 
VAL O    O N N 361 
VAL CB   C N N 362 
VAL CG1  C N N 363 
VAL CG2  C N N 364 
VAL OXT  O N N 365 
VAL H    H N N 366 
VAL H2   H N N 367 
VAL HA   H N N 368 
VAL HB   H N N 369 
VAL HG11 H N N 370 
VAL HG12 H N N 371 
VAL HG13 H N N 372 
VAL HG21 H N N 373 
VAL HG22 H N N 374 
VAL HG23 H N N 375 
VAL HXT  H N N 376 
# 
loop_
_chem_comp_bond.comp_id 
_chem_comp_bond.atom_id_1 
_chem_comp_bond.atom_id_2 
_chem_comp_bond.value_order 
_chem_comp_bond.pdbx_aromatic_flag 
_chem_comp_bond.pdbx_stereo_config 
_chem_comp_bond.pdbx_ordinal 
ALA N   CA   sing N N 1   
ALA N   H    sing N N 2   
ALA N   H2   sing N N 3   
ALA CA  C    sing N N 4   
ALA CA  CB   sing N N 5   
ALA CA  HA   sing N N 6   
ALA C   O    doub N N 7   
ALA C   OXT  sing N N 8   
ALA CB  HB1  sing N N 9   
ALA CB  HB2  sing N N 10  
ALA CB  HB3  sing N N 11  
ALA OXT HXT  sing N N 12  
ARG N   CA   sing N N 13  
ARG N   H    sing N N 14  
ARG N   H2   sing N N 15  
ARG CA  C    sing N N 16  
ARG CA  CB   sing N N 17  
ARG CA  HA   sing N N 18  
ARG C   O    doub N N 19  
ARG C   OXT  sing N N 20  
ARG CB  CG   sing N N 21  
ARG CB  HB2  sing N N 22  
ARG CB  HB3  sing N N 23  
ARG CG  CD   sing N N 24  
ARG CG  HG2  sing N N 25  
ARG CG  HG3  sing N N 26  
ARG CD  NE   sing N N 27  
ARG CD  HD2  sing N N 28  
ARG CD  HD3  sing N N 29  
ARG NE  CZ   sing N N 30  
ARG NE  HE   sing N N 31  
ARG CZ  NH1  sing N N 32  
ARG CZ  NH2  doub N N 33  
ARG NH1 HH11 sing N N 34  
ARG NH1 HH12 sing N N 35  
ARG NH2 HH21 sing N N 36  
ARG NH2 HH22 sing N N 37  
ARG OXT HXT  sing N N 38  
ASN N   CA   sing N N 39  
ASN N   H    sing N N 40  
ASN N   H2   sing N N 41  
ASN CA  C    sing N N 42  
ASN CA  CB   sing N N 43  
ASN CA  HA   sing N N 44  
ASN C   O    doub N N 45  
ASN C   OXT  sing N N 46  
ASN CB  CG   sing N N 47  
ASN CB  HB2  sing N N 48  
ASN CB  HB3  sing N N 49  
ASN CG  OD1  doub N N 50  
ASN CG  ND2  sing N N 51  
ASN ND2 HD21 sing N N 52  
ASN ND2 HD22 sing N N 53  
ASN OXT HXT  sing N N 54  
ASP N   CA   sing N N 55  
ASP N   H    sing N N 56  
ASP N   H2   sing N N 57  
ASP CA  C    sing N N 58  
ASP CA  CB   sing N N 59  
ASP CA  HA   sing N N 60  
ASP C   O    doub N N 61  
ASP C   OXT  sing N N 62  
ASP CB  CG   sing N N 63  
ASP CB  HB2  sing N N 64  
ASP CB  HB3  sing N N 65  
ASP CG  OD1  doub N N 66  
ASP CG  OD2  sing N N 67  
ASP OD2 HD2  sing N N 68  
ASP OXT HXT  sing N N 69  
GLN N   CA   sing N N 70  
GLN N   H    sing N N 71  
GLN N   H2   sing N N 72  
GLN CA  C    sing N N 73  
GLN CA  CB   sing N N 74  
GLN CA  HA   sing N N 75  
GLN C   O    doub N N 76  
GLN C   OXT  sing N N 77  
GLN CB  CG   sing N N 78  
GLN CB  HB2  sing N N 79  
GLN CB  HB3  sing N N 80  
GLN CG  CD   sing N N 81  
GLN CG  HG2  sing N N 82  
GLN CG  HG3  sing N N 83  
GLN CD  OE1  doub N N 84  
GLN CD  NE2  sing N N 85  
GLN NE2 HE21 sing N N 86  
GLN NE2 HE22 sing N N 87  
GLN OXT HXT  sing N N 88  
GLU N   CA   sing N N 89  
GLU N   H    sing N N 90  
GLU N   H2   sing N N 91  
GLU CA  C    sing N N 92  
GLU CA  CB   sing N N 93  
GLU CA  HA   sing N N 94  
GLU C   O    doub N N 95  
GLU C   OXT  sing N N 96  
GLU CB  CG   sing N N 97  
GLU CB  HB2  sing N N 98  
GLU CB  HB3  sing N N 99  
GLU CG  CD   sing N N 100 
GLU CG  HG2  sing N N 101 
GLU CG  HG3  sing N N 102 
GLU CD  OE1  doub N N 103 
GLU CD  OE2  sing N N 104 
GLU OE2 HE2  sing N N 105 
GLU OXT HXT  sing N N 106 
GLY N   CA   sing N N 107 
GLY N   H    sing N N 108 
GLY N   H2   sing N N 109 
GLY CA  C    sing N N 110 
GLY CA  HA2  sing N N 111 
GLY CA  HA3  sing N N 112 
GLY C   O    doub N N 113 
GLY C   OXT  sing N N 114 
GLY OXT HXT  sing N N 115 
HIS N   CA   sing N N 116 
HIS N   H    sing N N 117 
HIS N   H2   sing N N 118 
HIS CA  C    sing N N 119 
HIS CA  CB   sing N N 120 
HIS CA  HA   sing N N 121 
HIS C   O    doub N N 122 
HIS C   OXT  sing N N 123 
HIS CB  CG   sing N N 124 
HIS CB  HB2  sing N N 125 
HIS CB  HB3  sing N N 126 
HIS CG  ND1  sing Y N 127 
HIS CG  CD2  doub Y N 128 
HIS ND1 CE1  doub Y N 129 
HIS ND1 HD1  sing N N 130 
HIS CD2 NE2  sing Y N 131 
HIS CD2 HD2  sing N N 132 
HIS CE1 NE2  sing Y N 133 
HIS CE1 HE1  sing N N 134 
HIS NE2 HE2  sing N N 135 
HIS OXT HXT  sing N N 136 
HOH O   H1   sing N N 137 
HOH O   H2   sing N N 138 
ILE N   CA   sing N N 139 
ILE N   H    sing N N 140 
ILE N   H2   sing N N 141 
ILE CA  C    sing N N 142 
ILE CA  CB   sing N N 143 
ILE CA  HA   sing N N 144 
ILE C   O    doub N N 145 
ILE C   OXT  sing N N 146 
ILE CB  CG1  sing N N 147 
ILE CB  CG2  sing N N 148 
ILE CB  HB   sing N N 149 
ILE CG1 CD1  sing N N 150 
ILE CG1 HG12 sing N N 151 
ILE CG1 HG13 sing N N 152 
ILE CG2 HG21 sing N N 153 
ILE CG2 HG22 sing N N 154 
ILE CG2 HG23 sing N N 155 
ILE CD1 HD11 sing N N 156 
ILE CD1 HD12 sing N N 157 
ILE CD1 HD13 sing N N 158 
ILE OXT HXT  sing N N 159 
LEU N   CA   sing N N 160 
LEU N   H    sing N N 161 
LEU N   H2   sing N N 162 
LEU CA  C    sing N N 163 
LEU CA  CB   sing N N 164 
LEU CA  HA   sing N N 165 
LEU C   O    doub N N 166 
LEU C   OXT  sing N N 167 
LEU CB  CG   sing N N 168 
LEU CB  HB2  sing N N 169 
LEU CB  HB3  sing N N 170 
LEU CG  CD1  sing N N 171 
LEU CG  CD2  sing N N 172 
LEU CG  HG   sing N N 173 
LEU CD1 HD11 sing N N 174 
LEU CD1 HD12 sing N N 175 
LEU CD1 HD13 sing N N 176 
LEU CD2 HD21 sing N N 177 
LEU CD2 HD22 sing N N 178 
LEU CD2 HD23 sing N N 179 
LEU OXT HXT  sing N N 180 
LYS N   CA   sing N N 181 
LYS N   H    sing N N 182 
LYS N   H2   sing N N 183 
LYS CA  C    sing N N 184 
LYS CA  CB   sing N N 185 
LYS CA  HA   sing N N 186 
LYS C   O    doub N N 187 
LYS C   OXT  sing N N 188 
LYS CB  CG   sing N N 189 
LYS CB  HB2  sing N N 190 
LYS CB  HB3  sing N N 191 
LYS CG  CD   sing N N 192 
LYS CG  HG2  sing N N 193 
LYS CG  HG3  sing N N 194 
LYS CD  CE   sing N N 195 
LYS CD  HD2  sing N N 196 
LYS CD  HD3  sing N N 197 
LYS CE  NZ   sing N N 198 
LYS CE  HE2  sing N N 199 
LYS CE  HE3  sing N N 200 
LYS NZ  HZ1  sing N N 201 
LYS NZ  HZ2  sing N N 202 
LYS NZ  HZ3  sing N N 203 
LYS OXT HXT  sing N N 204 
MET N   CA   sing N N 205 
MET N   H    sing N N 206 
MET N   H2   sing N N 207 
MET CA  C    sing N N 208 
MET CA  CB   sing N N 209 
MET CA  HA   sing N N 210 
MET C   O    doub N N 211 
MET C   OXT  sing N N 212 
MET CB  CG   sing N N 213 
MET CB  HB2  sing N N 214 
MET CB  HB3  sing N N 215 
MET CG  SD   sing N N 216 
MET CG  HG2  sing N N 217 
MET CG  HG3  sing N N 218 
MET SD  CE   sing N N 219 
MET CE  HE1  sing N N 220 
MET CE  HE2  sing N N 221 
MET CE  HE3  sing N N 222 
MET OXT HXT  sing N N 223 
PHE N   CA   sing N N 224 
PHE N   H    sing N N 225 
PHE N   H2   sing N N 226 
PHE CA  C    sing N N 227 
PHE CA  CB   sing N N 228 
PHE CA  HA   sing N N 229 
PHE C   O    doub N N 230 
PHE C   OXT  sing N N 231 
PHE CB  CG   sing N N 232 
PHE CB  HB2  sing N N 233 
PHE CB  HB3  sing N N 234 
PHE CG  CD1  doub Y N 235 
PHE CG  CD2  sing Y N 236 
PHE CD1 CE1  sing Y N 237 
PHE CD1 HD1  sing N N 238 
PHE CD2 CE2  doub Y N 239 
PHE CD2 HD2  sing N N 240 
PHE CE1 CZ   doub Y N 241 
PHE CE1 HE1  sing N N 242 
PHE CE2 CZ   sing Y N 243 
PHE CE2 HE2  sing N N 244 
PHE CZ  HZ   sing N N 245 
PHE OXT HXT  sing N N 246 
PRO N   CA   sing N N 247 
PRO N   CD   sing N N 248 
PRO N   H    sing N N 249 
PRO CA  C    sing N N 250 
PRO CA  CB   sing N N 251 
PRO CA  HA   sing N N 252 
PRO C   O    doub N N 253 
PRO C   OXT  sing N N 254 
PRO CB  CG   sing N N 255 
PRO CB  HB2  sing N N 256 
PRO CB  HB3  sing N N 257 
PRO CG  CD   sing N N 258 
PRO CG  HG2  sing N N 259 
PRO CG  HG3  sing N N 260 
PRO CD  HD2  sing N N 261 
PRO CD  HD3  sing N N 262 
PRO OXT HXT  sing N N 263 
SER N   CA   sing N N 264 
SER N   H    sing N N 265 
SER N   H2   sing N N 266 
SER CA  C    sing N N 267 
SER CA  CB   sing N N 268 
SER CA  HA   sing N N 269 
SER C   O    doub N N 270 
SER C   OXT  sing N N 271 
SER CB  OG   sing N N 272 
SER CB  HB2  sing N N 273 
SER CB  HB3  sing N N 274 
SER OG  HG   sing N N 275 
SER OXT HXT  sing N N 276 
THR N   CA   sing N N 277 
THR N   H    sing N N 278 
THR N   H2   sing N N 279 
THR CA  C    sing N N 280 
THR CA  CB   sing N N 281 
THR CA  HA   sing N N 282 
THR C   O    doub N N 283 
THR C   OXT  sing N N 284 
THR CB  OG1  sing N N 285 
THR CB  CG2  sing N N 286 
THR CB  HB   sing N N 287 
THR OG1 HG1  sing N N 288 
THR CG2 HG21 sing N N 289 
THR CG2 HG22 sing N N 290 
THR CG2 HG23 sing N N 291 
THR OXT HXT  sing N N 292 
TRP N   CA   sing N N 293 
TRP N   H    sing N N 294 
TRP N   H2   sing N N 295 
TRP CA  C    sing N N 296 
TRP CA  CB   sing N N 297 
TRP CA  HA   sing N N 298 
TRP C   O    doub N N 299 
TRP C   OXT  sing N N 300 
TRP CB  CG   sing N N 301 
TRP CB  HB2  sing N N 302 
TRP CB  HB3  sing N N 303 
TRP CG  CD1  doub Y N 304 
TRP CG  CD2  sing Y N 305 
TRP CD1 NE1  sing Y N 306 
TRP CD1 HD1  sing N N 307 
TRP CD2 CE2  doub Y N 308 
TRP CD2 CE3  sing Y N 309 
TRP NE1 CE2  sing Y N 310 
TRP NE1 HE1  sing N N 311 
TRP CE2 CZ2  sing Y N 312 
TRP CE3 CZ3  doub Y N 313 
TRP CE3 HE3  sing N N 314 
TRP CZ2 CH2  doub Y N 315 
TRP CZ2 HZ2  sing N N 316 
TRP CZ3 CH2  sing Y N 317 
TRP CZ3 HZ3  sing N N 318 
TRP CH2 HH2  sing N N 319 
TRP OXT HXT  sing N N 320 
TYR N   CA   sing N N 321 
TYR N   H    sing N N 322 
TYR N   H2   sing N N 323 
TYR CA  C    sing N N 324 
TYR CA  CB   sing N N 325 
TYR CA  HA   sing N N 326 
TYR C   O    doub N N 327 
TYR C   OXT  sing N N 328 
TYR CB  CG   sing N N 329 
TYR CB  HB2  sing N N 330 
TYR CB  HB3  sing N N 331 
TYR CG  CD1  doub Y N 332 
TYR CG  CD2  sing Y N 333 
TYR CD1 CE1  sing Y N 334 
TYR CD1 HD1  sing N N 335 
TYR CD2 CE2  doub Y N 336 
TYR CD2 HD2  sing N N 337 
TYR CE1 CZ   doub Y N 338 
TYR CE1 HE1  sing N N 339 
TYR CE2 CZ   sing Y N 340 
TYR CE2 HE2  sing N N 341 
TYR CZ  OH   sing N N 342 
TYR OH  HH   sing N N 343 
TYR OXT HXT  sing N N 344 
VAL N   CA   sing N N 345 
VAL N   H    sing N N 346 
VAL N   H2   sing N N 347 
VAL CA  C    sing N N 348 
VAL CA  CB   sing N N 349 
VAL CA  HA   sing N N 350 
VAL C   O    doub N N 351 
VAL C   OXT  sing N N 352 
VAL CB  CG1  sing N N 353 
VAL CB  CG2  sing N N 354 
VAL CB  HB   sing N N 355 
VAL CG1 HG11 sing N N 356 
VAL CG1 HG12 sing N N 357 
VAL CG1 HG13 sing N N 358 
VAL CG2 HG21 sing N N 359 
VAL CG2 HG22 sing N N 360 
VAL CG2 HG23 sing N N 361 
VAL OXT HXT  sing N N 362 
# 
_pdbx_audit_support.funding_organization   'Howard Hughes Medical Institute (HHMI)' 
_pdbx_audit_support.country                'United States' 
_pdbx_audit_support.grant_number           ? 
_pdbx_audit_support.ordinal                1 
# 
_pdbx_initial_refinement_model.accession_code   ? 
_pdbx_initial_refinement_model.id               1 
_pdbx_initial_refinement_model.entity_id_list   ? 
_pdbx_initial_refinement_model.type             'in silico model' 
_pdbx_initial_refinement_model.source_name      Other 
_pdbx_initial_refinement_model.details          'Designed model' 
# 
_space_group.name_H-M_alt     'P 21 21 21' 
_space_group.name_Hall        'P 2ac 2ab' 
_space_group.IT_number        19 
_space_group.crystal_system   orthorhombic 
_space_group.id               1 
# 
_atom_sites.entry_id                    7UR8 
_atom_sites.Cartn_transf_matrix[1][1]   ? 
_atom_sites.Cartn_transf_matrix[1][2]   ? 
_atom_sites.Cartn_transf_matrix[1][3]   ? 
_atom_sites.Cartn_transf_matrix[2][1]   ? 
_atom_sites.Cartn_transf_matrix[2][2]   ? 
_atom_sites.Cartn_transf_matrix[2][3]   ? 
_atom_sites.Cartn_transf_matrix[3][1]   ? 
_atom_sites.Cartn_transf_matrix[3][2]   ? 
_atom_sites.Cartn_transf_matrix[3][3]   ? 
_atom_sites.Cartn_transf_vector[1]      ? 
_atom_sites.Cartn_transf_vector[2]      ? 
_atom_sites.Cartn_transf_vector[3]      ? 
_atom_sites.fract_transf_matrix[1][1]   0.01060287 
_atom_sites.fract_transf_matrix[1][2]   -0.01100474 
_atom_sites.fract_transf_matrix[1][3]   -0.03518145 
_atom_sites.fract_transf_matrix[2][1]   0.01144501 
_atom_sites.fract_transf_matrix[2][2]   0.02134843 
_atom_sites.fract_transf_matrix[2][3]   -0.00322852 
_atom_sites.fract_transf_matrix[3][1]   0.01722437 
_atom_sites.fract_transf_matrix[3][2]   -0.00806742 
_atom_sites.fract_transf_matrix[3][3]   0.00771451 
_atom_sites.fract_transf_vector[1]      -0.426444 
_atom_sites.fract_transf_vector[2]      0.168214 
_atom_sites.fract_transf_vector[3]      -0.198202 
_atom_sites.solution_primary            ? 
_atom_sites.solution_secondary          ? 
_atom_sites.solution_hydrogens          ? 
_atom_sites.special_details             ? 
# 
loop_
_atom_type.symbol 
_atom_type.scat_dispersion_real 
_atom_type.scat_dispersion_imag 
_atom_type.scat_Cromer_Mann_a1 
_atom_type.scat_Cromer_Mann_a2 
_atom_type.scat_Cromer_Mann_a3 
_atom_type.scat_Cromer_Mann_a4 
_atom_type.scat_Cromer_Mann_b1 
_atom_type.scat_Cromer_Mann_b2 
_atom_type.scat_Cromer_Mann_b3 
_atom_type.scat_Cromer_Mann_b4 
_atom_type.scat_Cromer_Mann_c 
_atom_type.scat_source 
_atom_type.scat_dispersion_source 
C ? ? 3.54356 2.42580 ? ? 25.62398 1.50364 ? ? 0.0 
;2-Gaussian fit: Grosse-Kunstleve RW, Sauter NK, Adams PD: Newsletter of the IUCr Commission on Crystallographic Computing 2004, 3, 22-31.
;
? 
H ? ? 0.51345 0.48472 ? ? 24.73122 6.32584 ? ? 0.0 
;2-Gaussian fit: Grosse-Kunstleve RW, Sauter NK, Adams PD: Newsletter of the IUCr Commission on Crystallographic Computing 2004, 3, 22-31.
;
? 
N ? ? 4.01032 2.96436 ? ? 19.97189 1.75589 ? ? 0.0 
;2-Gaussian fit: Grosse-Kunstleve RW, Sauter NK, Adams PD: Newsletter of the IUCr Commission on Crystallographic Computing 2004, 3, 22-31.
;
? 
O ? ? 4.49882 3.47563 ? ? 15.80542 1.70748 ? ? 0.0 
;2-Gaussian fit: Grosse-Kunstleve RW, Sauter NK, Adams PD: Newsletter of the IUCr Commission on Crystallographic Computing 2004, 3, 22-31.
;
? 
# 
loop_
_atom_site.group_PDB 
_atom_site.id 
_atom_site.type_symbol 
_atom_site.label_atom_id 
_atom_site.label_alt_id 
_atom_site.label_comp_id 
_atom_site.label_asym_id 
_atom_site.label_entity_id 
_atom_site.label_seq_id 
_atom_site.pdbx_PDB_ins_code 
_atom_site.Cartn_x 
_atom_site.Cartn_y 
_atom_site.Cartn_z 
_atom_site.occupancy 
_atom_site.B_iso_or_equiv 
_atom_site.pdbx_formal_charge 
_atom_site.auth_seq_id 
_atom_site.auth_comp_id 
_atom_site.auth_asym_id 
_atom_site.auth_atom_id 
_atom_site.pdbx_PDB_model_num 
ATOM   1    N N    . SER A 1 2  ? -16.09281 16.35281  0.08699   1.000 31.38448 ? 2   SER A N    1 
ATOM   2    C CA   . SER A 1 2  ? -14.98461 16.48892  -0.85472  1.000 40.54888 ? 2   SER A CA   1 
ATOM   3    C C    . SER A 1 2  ? -13.68773 15.95905  -0.23605  1.000 49.88531 ? 2   SER A C    1 
ATOM   4    O O    . SER A 1 2  ? -13.54700 15.88349  1.00062   1.000 48.40638 ? 2   SER A O    1 
ATOM   5    C CB   . SER A 1 2  ? -14.80148 17.94405  -1.27741  1.000 42.85833 ? 2   SER A CB   1 
ATOM   6    O OG   . SER A 1 2  ? -16.03752 18.51389  -1.65986  1.000 57.47294 ? 2   SER A OG   1 
ATOM   7    H HA   . SER A 1 2  ? -15.18340 15.97332  -1.65193  1.000 48.93959 ? 2   SER A HA   1 
ATOM   8    H HB2  . SER A 1 2  ? -14.43900 18.44678  -0.53123  1.000 51.71093 ? 2   SER A HB2  1 
ATOM   9    H HB3  . SER A 1 2  ? -14.19041 17.98017  -2.02986  1.000 51.71093 ? 2   SER A HB3  1 
ATOM   10   H HG   . SER A 1 2  ? -16.58178 18.47475  -1.02124  1.000 69.24847 ? 2   SER A HG   1 
ATOM   11   N N    . GLY A 1 3  ? -12.73512 15.60634  -1.10000  1.000 41.04645 ? 3   GLY A N    1 
ATOM   12   C CA   . GLY A 1 3  ? -11.54492 14.93881  -0.63564  1.000 35.54648 ? 3   GLY A CA   1 
ATOM   13   C C    . GLY A 1 3  ? -11.86015 13.49433  -0.26855  1.000 40.12796 ? 3   GLY A C    1 
ATOM   14   O O    . GLY A 1 3  ? -12.92663 12.94512  -0.57365  1.000 32.39020 ? 3   GLY A O    1 
ATOM   15   H H    . GLY A 1 3  ? -12.76331 15.74518  -1.94825  1.000 49.53667 ? 3   GLY A H    1 
ATOM   16   H HA2  . GLY A 1 3  ? -10.86992 14.94646  -1.33220  1.000 42.93671 ? 3   GLY A HA2  1 
ATOM   17   H HA3  . GLY A 1 3  ? -11.19626 15.39359  0.14699   1.000 42.93671 ? 3   GLY A HA3  1 
ATOM   18   N N    . ASP A 1 4  ? -10.89474 12.87885  0.41225   1.000 29.18410 ? 4   ASP A N    1 
ATOM   19   C CA   . ASP A 1 4  ? -11.01101 11.48720  0.85832   1.000 30.48300 ? 4   ASP A CA   1 
ATOM   20   C C    . ASP A 1 4  ? -11.18776 10.53771  -0.32633  1.000 34.80985 ? 4   ASP A C    1 
ATOM   21   O O    . ASP A 1 4  ? -12.00607 9.61192   -0.29258  1.000 34.37734 ? 4   ASP A O    1 
ATOM   22   C CB   . ASP A 1 4  ? -12.16380 11.31834  1.85090   1.000 26.99722 ? 4   ASP A CB   1 
ATOM   23   C CG   . ASP A 1 4  ? -12.06249 10.02158  2.64964   1.000 42.94495 ? 4   ASP A CG   1 
ATOM   24   O OD1  . ASP A 1 4  ? -10.98672 9.38024   2.62182   1.000 42.95473 ? 4   ASP A OD1  1 
ATOM   25   O OD2  . ASP A 1 4  ? -13.05742 9.64036   3.30339   1.000 52.54950 ? 4   ASP A OD2  1 
ATOM   26   H H    . ASP A 1 4  ? -10.15076 13.24985  0.63236   1.000 35.30186 ? 4   ASP A H    1 
ATOM   27   H HA   . ASP A 1 4  ? -10.18604 11.24699  1.30846   1.000 36.86053 ? 4   ASP A HA   1 
ATOM   28   H HB2  . ASP A 1 4  ? -12.15398 12.05904  2.47712   1.000 32.67760 ? 4   ASP A HB2  1 
ATOM   29   H HB3  . ASP A 1 4  ? -13.00250 11.30692  1.36369   1.000 32.67760 ? 4   ASP A HB3  1 
ATOM   30   N N    . ARG A 1 5  ? -10.42118 10.77477  -1.39068  1.000 33.26588 ? 5   ARG A N    1 
ATOM   31   C CA   . ARG A 1 5  ? -10.61124 10.04186  -2.63436  1.000 36.74712 ? 5   ARG A CA   1 
ATOM   32   C C    . ARG A 1 5  ? -9.64459  8.88251   -2.80371  1.000 45.97383 ? 5   ARG A C    1 
ATOM   33   O O    . ARG A 1 5  ? -9.90557  7.99365   -3.62520  1.000 43.65959 ? 5   ARG A O    1 
ATOM   34   C CB   . ARG A 1 5  ? -10.46169 10.97764  -3.83579  1.000 32.26575 ? 5   ARG A CB   1 
ATOM   35   C CG   . ARG A 1 5  ? -11.40597 12.17060  -3.82470  1.000 42.07956 ? 5   ARG A CG   1 
ATOM   36   C CD   . ARG A 1 5  ? -11.52646 12.81470  -5.21131  1.000 64.22818 ? 5   ARG A CD   1 
ATOM   37   N NE   . ARG A 1 5  ? -12.13770 11.91514  -6.18399  1.000 52.27556 ? 5   ARG A NE   1 
ATOM   38   C CZ   . ARG A 1 5  ? -11.48865 11.36232  -7.19904  1.000 66.83916 ? 5   ARG A CZ   1 
ATOM   39   N NH1  . ARG A 1 5  ? -10.20950 11.62236  -7.42352  1.000 64.02673 ? 5   ARG A NH1  1 
ATOM   40   N NH2  . ARG A 1 5  ? -12.13954 10.53097  -8.01066  1.000 56.72074 ? 5   ARG A NH2  1 
ATOM   41   H H    . ARG A 1 5  ? -9.78638  11.35447  -1.41465  1.000 40.19999 ? 5   ARG A H    1 
ATOM   42   H HA   . ARG A 1 5  ? -11.51364 9.68608   -2.63621  1.000 44.37747 ? 5   ARG A HA   1 
ATOM   43   H HB2  . ARG A 1 5  ? -9.55476  11.32145  -3.84905  1.000 38.99984 ? 5   ARG A HB2  1 
ATOM   44   H HB3  . ARG A 1 5  ? -10.63681 10.47237  -4.64507  1.000 38.99984 ? 5   ARG A HB3  1 
ATOM   45   H HG2  . ARG A 1 5  ? -12.28844 11.87782  -3.54826  1.000 50.77641 ? 5   ARG A HG2  1 
ATOM   46   H HG3  . ARG A 1 5  ? -11.06982 12.83922  -3.20757  1.000 50.77641 ? 5   ARG A HG3  1 
ATOM   47   H HD2  . ARG A 1 5  ? -12.07812 13.60992  -5.14645  1.000 77.35475 ? 5   ARG A HD2  1 
ATOM   48   H HD3  . ARG A 1 5  ? -10.64155 13.05002  -5.53138  1.000 77.35475 ? 5   ARG A HD3  1 
ATOM   49   H HE   . ARG A 1 5  ? -12.97296 11.73174  -6.09290  1.000 63.01161 ? 5   ARG A HE   1 
ATOM   50   H HH11 . ARG A 1 5  ? -9.78259  12.15981  -6.90537  1.000 77.11301 ? 5   ARG A HH11 1 
ATOM   51   H HH12 . ARG A 1 5  ? -9.80584  11.25375  -8.08744  1.000 77.11301 ? 5   ARG A HH12 1 
ATOM   52   H HH21 . ARG A 1 5  ? -12.97077 10.35857  -7.87304  1.000 68.34582 ? 5   ARG A HH21 1 
ATOM   53   H HH22 . ARG A 1 5  ? -11.72864 10.16649  -8.67242  1.000 68.34582 ? 5   ARG A HH22 1 
ATOM   54   N N    . THR A 1 6  ? -8.54183  8.87226   -2.06317  1.000 33.73757 ? 6   THR A N    1 
ATOM   55   C CA   . THR A 1 6  ? -7.61560  7.75113   -2.08538  1.000 36.36217 ? 6   THR A CA   1 
ATOM   56   C C    . THR A 1 6  ? -7.85371  6.86063   -0.87192  1.000 39.79292 ? 6   THR A C    1 
ATOM   57   O O    . THR A 1 6  ? -8.41692  7.27818   0.14388   1.000 35.99730 ? 6   THR A O    1 
ATOM   58   C CB   . THR A 1 6  ? -6.15652  8.21651   -2.11331  1.000 39.68772 ? 6   THR A CB   1 
ATOM   59   O OG1  . THR A 1 6  ? -5.81199  8.79994   -0.85484  1.000 39.24541 ? 6   THR A OG1  1 
ATOM   60   C CG2  . THR A 1 6  ? -5.95927  9.24576   -3.22473  1.000 34.12604 ? 6   THR A CG2  1 
ATOM   61   H H    . THR A 1 6  ? -8.30821  9.51007   -1.53569  1.000 40.76602 ? 6   THR A H    1 
ATOM   62   H HA   . THR A 1 6  ? -7.76617  7.23543   -2.89302  1.000 43.91554 ? 6   THR A HA   1 
ATOM   63   H HB   . THR A 1 6  ? -5.57280  7.46038   -2.28198  1.000 47.90620 ? 6   THR A HB   1 
ATOM   64   H HG1  . THR A 1 6  ? -5.01766  9.07259   -0.87242  1.000 47.37542 ? 6   THR A HG1  1 
ATOM   65   H HG21 . THR A 1 6  ? -5.04541  9.57091   -3.21742  1.000 41.23218 ? 6   THR A HG21 1 
ATOM   66   H HG22 . THR A 1 6  ? -6.14279  8.84185   -4.08733  1.000 41.23218 ? 6   THR A HG22 1 
ATOM   67   H HG23 . THR A 1 6  ? -6.56108  9.99511   -3.09358  1.000 41.23218 ? 6   THR A HG23 1 
ATOM   68   N N    . ARG A 1 7  ? -7.40067  5.61930   -0.99182  1.000 29.64267 ? 7   ARG A N    1 
ATOM   69   C CA   . ARG A 1 7  ? -7.60809  4.59715   0.02348   1.000 39.07352 ? 7   ARG A CA   1 
ATOM   70   C C    . ARG A 1 7  ? -6.25474  4.03047   0.41562   1.000 31.80896 ? 7   ARG A C    1 
ATOM   71   O O    . ARG A 1 7  ? -5.49310  3.58202   -0.44596  1.000 31.69697 ? 7   ARG A O    1 
ATOM   72   C CB   . ARG A 1 7  ? -8.54091  3.49943   -0.49771  1.000 44.24135 ? 7   ARG A CB   1 
ATOM   73   C CG   . ARG A 1 7  ? -9.62362  4.08102   -1.41179  1.000 57.96603 ? 7   ARG A CG   1 
ATOM   74   C CD   . ARG A 1 7  ? -10.54563 3.03522   -2.02140  1.000 54.19723 ? 7   ARG A CD   1 
ATOM   75   N NE   . ARG A 1 7  ? -11.32224 2.32107   -1.01393  1.000 60.70453 ? 7   ARG A NE   1 
ATOM   76   C CZ   . ARG A 1 7  ? -11.19527 1.02649   -0.75541  1.000 69.04987 ? 7   ARG A CZ   1 
ATOM   77   N NH1  . ARG A 1 7  ? -10.36505 0.26375   -1.45173  1.000 51.70905 ? 7   ARG A NH1  1 
ATOM   78   N NH2  . ARG A 1 7  ? -11.91545 0.48558   0.22797   1.000 63.06868 ? 7   ARG A NH2  1 
ATOM   79   H H    . ARG A 1 7  ? -6.95727  5.33776   -1.67280  1.000 35.85214 ? 7   ARG A H    1 
ATOM   80   H HA   . ARG A 1 7  ? -8.01680  4.97793   0.81648   1.000 47.16916 ? 7   ARG A HA   1 
ATOM   81   H HB2  . ARG A 1 7  ? -8.02529  2.85325   -1.00515  1.000 53.37055 ? 7   ARG A HB2  1 
ATOM   82   H HB3  . ARG A 1 7  ? -8.97429  3.06272   0.25220   1.000 53.37055 ? 7   ARG A HB3  1 
ATOM   83   H HG2  . ARG A 1 7  ? -10.17231 4.69204   -0.89556  1.000 69.84017 ? 7   ARG A HG2  1 
ATOM   84   H HG3  . ARG A 1 7  ? -9.19435  4.55565   -2.14072  1.000 69.84017 ? 7   ARG A HG3  1 
ATOM   85   H HD2  . ARG A 1 7  ? -11.16601 3.47249   -2.62540  1.000 65.31761 ? 7   ARG A HD2  1 
ATOM   86   H HD3  . ARG A 1 7  ? -10.01241 2.38601   -2.50628  1.000 65.31761 ? 7   ARG A HD3  1 
ATOM   87   H HE   . ARG A 1 7  ? -11.89905 2.76794   -0.55873  1.000 73.12637 ? 7   ARG A HE   1 
ATOM   88   H HH11 . ARG A 1 7  ? -9.89544  0.60644   -2.08548  1.000 62.33180 ? 7   ARG A HH11 1 
ATOM   89   H HH12 . ARG A 1 7  ? -10.29584 -0.57395  -1.26990  1.000 62.33180 ? 7   ARG A HH12 1 
ATOM   90   H HH21 . ARG A 1 7  ? -12.45423 0.97518   0.68580   1.000 75.96335 ? 7   ARG A HH21 1 
ATOM   91   H HH22 . ARG A 1 7  ? -11.84111 -0.35284  0.40433   1.000 75.96335 ? 7   ARG A HH22 1 
ATOM   92   N N    . GLU A 1 8  ? -5.94555  4.08452   1.70647   1.000 25.62352 ? 8   GLU A N    1 
ATOM   93   C CA   . GLU A 1 8  ? -4.75993  3.42817   2.23208   1.000 26.72894 ? 8   GLU A CA   1 
ATOM   94   C C    . GLU A 1 8  ? -5.11157  2.00027   2.62815   1.000 24.70323 ? 8   GLU A C    1 
ATOM   95   O O    . GLU A 1 8  ? -6.15968  1.74962   3.23149   1.000 25.35923 ? 8   GLU A O    1 
ATOM   96   C CB   . GLU A 1 8  ? -4.19809  4.17427   3.43848   1.000 27.55223 ? 8   GLU A CB   1 
ATOM   97   C CG   . GLU A 1 8  ? -3.80214  5.59179   3.16997   1.000 44.72469 ? 8   GLU A CG   1 
ATOM   98   C CD   . GLU A 1 8  ? -3.51484  6.33056   4.46754   1.000 46.56984 ? 8   GLU A CD   1 
ATOM   99   O OE1  . GLU A 1 8  ? -2.57234  5.91589   5.18227   1.000 40.30502 ? 8   GLU A OE1  1 
ATOM   100  O OE2  . GLU A 1 8  ? -4.25871  7.28823   4.79134   1.000 46.14222 ? 8   GLU A OE2  1 
ATOM   101  H H    . GLU A 1 8  ? -6.41086  4.49820   2.29973   1.000 31.02916 ? 8   GLU A H    1 
ATOM   102  H HA   . GLU A 1 8  ? -4.06947  3.41430   1.55093   1.000 32.35566 ? 8   GLU A HA   1 
ATOM   103  H HB2  . GLU A 1 8  ? -4.87344  4.18678   4.13463   1.000 33.34361 ? 8   GLU A HB2  1 
ATOM   104  H HB3  . GLU A 1 8  ? -3.40865  3.70487   3.75050   1.000 33.34361 ? 8   GLU A HB3  1 
ATOM   105  H HG2  . GLU A 1 8  ? -3.00040  5.60546   2.62415   1.000 53.95057 ? 8   GLU A HG2  1 
ATOM   106  H HG3  . GLU A 1 8  ? -4.52445  6.04742   2.70998   1.000 53.95057 ? 8   GLU A HG3  1 
ATOM   107  N N    . LEU A 1 9  ? -4.22978  1.06775   2.28362   1.000 18.81921 ? 9   LEU A N    1 
ATOM   108  C CA   . LEU A 1 9  ? -4.44704  -0.34731  2.53423   1.000 18.36395 ? 9   LEU A CA   1 
ATOM   109  C C    . LEU A 1 9  ? -3.27658  -0.91779  3.30934   1.000 21.03414 ? 9   LEU A C    1 
ATOM   110  O O    . LEU A 1 9  ? -2.13514  -0.48347  3.14193   1.000 21.99739 ? 9   LEU A O    1 
ATOM   111  C CB   . LEU A 1 9  ? -4.61422  -1.11518  1.22846   1.000 20.73648 ? 9   LEU A CB   1 
ATOM   112  C CG   . LEU A 1 9  ? -5.64537  -0.53667  0.25860   1.000 24.01401 ? 9   LEU A CG   1 
ATOM   113  C CD1  . LEU A 1 9  ? -5.58962  -1.19577  -1.10166  1.000 37.34532 ? 9   LEU A CD1  1 
ATOM   114  C CD2  . LEU A 1 9  ? -6.99396  -0.69607  0.83493   1.000 32.96545 ? 9   LEU A CD2  1 
ATOM   115  H H    . LEU A 1 9  ? -3.48162  1.23661   1.89458   1.000 22.86399 ? 9   LEU A H    1 
ATOM   116  H HA   . LEU A 1 9  ? -5.24793  -0.46248  3.06922   1.000 22.31768 ? 9   LEU A HA   1 
ATOM   117  H HB2  . LEU A 1 9  ? -3.75946  -1.12767  0.77007   1.000 25.16471 ? 9   LEU A HB2  1 
ATOM   118  H HB3  . LEU A 1 9  ? -4.89052  -2.02062  1.43997   1.000 25.16471 ? 9   LEU A HB3  1 
ATOM   119  H HG   . LEU A 1 9  ? -5.44626  0.40317   0.12459   1.000 29.09775 ? 9   LEU A HG   1 
ATOM   120  H HD11 . LEU A 1 9  ? -6.32334  -0.86508  -1.64312  1.000 45.09532 ? 9   LEU A HD11 1 
ATOM   121  H HD12 . LEU A 1 9  ? -4.74341  -0.97881  -1.52326  1.000 45.09532 ? 9   LEU A HD12 1 
ATOM   122  H HD13 . LEU A 1 9  ? -5.66719  -2.15627  -0.99060  1.000 45.09532 ? 9   LEU A HD13 1 
ATOM   123  H HD21 . LEU A 1 9  ? -7.65372  -0.56103  0.13681   1.000 39.83947 ? 9   LEU A HD21 1 
ATOM   124  H HD22 . LEU A 1 9  ? -7.07748  -1.59070  1.20040   1.000 39.83947 ? 9   LEU A HD22 1 
ATOM   125  H HD23 . LEU A 1 9  ? -7.11677  -0.03887  1.53771   1.000 39.83947 ? 9   LEU A HD23 1 
ATOM   126  N N    . LYS A 1 10 ? -3.56998  -1.89909  4.15340   1.000 17.85464 ? 10  LYS A N    1 
ATOM   127  C CA   . LYS A 1 10 ? -2.55411  -2.58462  4.93076   1.000 18.51992 ? 10  LYS A CA   1 
ATOM   128  C C    . LYS A 1 10 ? -2.25156  -3.91867  4.26722   1.000 14.87013 ? 10  LYS A C    1 
ATOM   129  O O    . LYS A 1 10 ? -3.16810  -4.68043  3.94926   1.000 19.48186 ? 10  LYS A O    1 
ATOM   130  C CB   . LYS A 1 10 ? -3.01568  -2.79144  6.37079   1.000 25.49139 ? 10  LYS A CB   1 
ATOM   131  C CG   . LYS A 1 10 ? -1.98050  -3.46342  7.25698   1.000 28.26275 ? 10  LYS A CG   1 
ATOM   132  C CD   . LYS A 1 10 ? -2.65746  -4.20029  8.42749   1.000 40.33719 ? 10  LYS A CD   1 
ATOM   133  C CE   . LYS A 1 10 ? -3.57817  -3.27442  9.18936   1.000 55.01704 ? 10  LYS A CE   1 
ATOM   134  N NZ   . LYS A 1 10 ? -4.46443  -4.04511  10.13009  1.000 68.73254 ? 10  LYS A NZ   1 
ATOM   135  H H    . LYS A 1 10 ? -4.36727  -2.18929  4.29378   1.000 21.70650 ? 10  LYS A H    1 
ATOM   136  H HA   . LYS A 1 10 ? -1.74032  -2.05736  4.95609   1.000 22.50484 ? 10  LYS A HA   1 
ATOM   137  H HB2  . LYS A 1 10 ? -3.22105  -1.92668  6.75928   1.000 30.87060 ? 10  LYS A HB2  1 
ATOM   138  H HB3  . LYS A 1 10 ? -3.80872  -3.34997  6.36649   1.000 30.87060 ? 10  LYS A HB3  1 
ATOM   139  H HG2  . LYS A 1 10 ? -1.47838  -4.10938  6.73592   1.000 34.19623 ? 10  LYS A HG2  1 
ATOM   140  H HG3  . LYS A 1 10 ? -1.38132  -2.79295  7.62078   1.000 34.19623 ? 10  LYS A HG3  1 
ATOM   141  H HD2  . LYS A 1 10 ? -3.18188  -4.94036  8.08370   1.000 48.68557 ? 10  LYS A HD2  1 
ATOM   142  H HD3  . LYS A 1 10 ? -1.97926  -4.52956  9.03783   1.000 48.68557 ? 10  LYS A HD3  1 
ATOM   143  H HE2  . LYS A 1 10 ? -3.04912  -2.64936  9.70926   1.000 66.30138 ? 10  LYS A HE2  1 
ATOM   144  H HE3  . LYS A 1 10 ? -4.14100  -2.79232  8.56349   1.000 66.30138 ? 10  LYS A HE3  1 
ATOM   145  H HZ1  . LYS A 1 10 ? -4.91779  -4.66578  9.68140   1.000 82.75999 ? 10  LYS A HZ1  1 
ATOM   146  H HZ2  . LYS A 1 10 ? -3.97161  -4.44293  10.75537  1.000 82.75999 ? 10  LYS A HZ2  1 
ATOM   147  H HZ3  . LYS A 1 10 ? -5.04170  -3.49432  10.52438  1.000 82.75999 ? 10  LYS A HZ3  1 
ATOM   148  N N    . VAL A 1 11 ? -0.96990  -4.19923  4.07384   1.000 14.57609 ? 11  VAL A N    1 
ATOM   149  C CA   . VAL A 1 11 ? -0.52664  -5.50773  3.61119   1.000 17.14148 ? 11  VAL A CA   1 
ATOM   150  C C    . VAL A 1 11 ? -0.66678  -6.48002  4.77541   1.000 17.30235 ? 11  VAL A C    1 
ATOM   151  O O    . VAL A 1 11 ? -0.01790  -6.31331  5.81337   1.000 19.38553 ? 11  VAL A O    1 
ATOM   152  C CB   . VAL A 1 11 ? 0.92479   -5.45081  3.11185   1.000 23.27237 ? 11  VAL A CB   1 
ATOM   153  C CG1  . VAL A 1 11 ? 1.38590   -6.81928  2.60778   1.000 20.66652 ? 11  VAL A CG1  1 
ATOM   154  C CG2  . VAL A 1 11 ? 1.07851   -4.38310  2.03975   1.000 22.75474 ? 11  VAL A CG2  1 
ATOM   155  H H    . VAL A 1 11 ? -0.32838  -3.64170  4.20506   1.000 17.77224 ? 11  VAL A H    1 
ATOM   156  H HA   . VAL A 1 11 ? -1.08671  -5.80770  2.87822   1.000 20.85071 ? 11  VAL A HA   1 
ATOM   157  H HB   . VAL A 1 11 ? 1.50083   -5.20945  3.85403   1.000 28.20778 ? 11  VAL A HB   1 
ATOM   158  H HG11 . VAL A 1 11 ? 2.26396   -6.72829  2.20575   1.000 25.08075 ? 11  VAL A HG11 1 
ATOM   159  H HG12 . VAL A 1 11 ? 1.42716   -7.43424  3.35679   1.000 25.08075 ? 11  VAL A HG12 1 
ATOM   160  H HG13 . VAL A 1 11 ? 0.75221   -7.14296  1.94857   1.000 25.08075 ? 11  VAL A HG13 1 
ATOM   161  H HG21 . VAL A 1 11 ? 1.98466   -4.41018  1.69471   1.000 27.58662 ? 11  VAL A HG21 1 
ATOM   162  H HG22 . VAL A 1 11 ? 0.44700   -4.56001  1.32505   1.000 27.58662 ? 11  VAL A HG22 1 
ATOM   163  H HG23 . VAL A 1 11 ? 0.89961   -3.51402  2.43164   1.000 27.58662 ? 11  VAL A HG23 1 
ATOM   164  N N    . ILE A 1 12 ? -1.52598  -7.48728  4.61761   1.000 15.92225 ? 12  ILE A N    1 
ATOM   165  C CA   . ILE A 1 12 ? -1.67652  -8.50458  5.65522   1.000 17.90471 ? 12  ILE A CA   1 
ATOM   166  C C    . ILE A 1 12 ? -1.03874  -9.84369  5.28268   1.000 18.78718 ? 12  ILE A C    1 
ATOM   167  O O    . ILE A 1 12 ? -0.82732  -10.67479 6.18224   1.000 21.05441 ? 12  ILE A O    1 
ATOM   168  C CB   . ILE A 1 12 ? -3.15361  -8.71595  6.05375   1.000 20.17606 ? 12  ILE A CB   1 
ATOM   169  C CG1  . ILE A 1 12 ? -3.98775  -9.28251  4.90706   1.000 21.21283 ? 12  ILE A CG1  1 
ATOM   170  C CG2  . ILE A 1 12 ? -3.76587  -7.42343  6.58033   1.000 20.94206 ? 12  ILE A CG2  1 
ATOM   171  C CD1  . ILE A 1 12 ? -5.29387  -9.92151  5.39325   1.000 24.23513 ? 12  ILE A CD1  1 
ATOM   172  H H    . ILE A 1 12 ? -2.02608  -7.60120  3.92730   1.000 19.38764 ? 12  ILE A H    1 
ATOM   173  H HA   . ILE A 1 12 ? -1.21387  -8.17884  6.44309   1.000 21.76659 ? 12  ILE A HA   1 
ATOM   174  H HB   . ILE A 1 12 ? -3.15960  -9.37568  6.76482   1.000 24.49221 ? 12  ILE A HB   1 
ATOM   175  H HG12 . ILE A 1 12 ? -4.21283  -8.56505  4.29428   1.000 25.73633 ? 12  ILE A HG12 1 
ATOM   176  H HG13 . ILE A 1 12 ? -3.47236  -9.96291  4.44628   1.000 25.73633 ? 12  ILE A HG13 1 
ATOM   177  H HG21 . ILE A 1 12 ? -4.68259  -7.59414  6.84750   1.000 25.41141 ? 12  ILE A HG21 1 
ATOM   178  H HG22 . ILE A 1 12 ? -3.25050  -7.11768  7.34310   1.000 25.41141 ? 12  ILE A HG22 1 
ATOM   179  H HG23 . ILE A 1 12 ? -3.74512  -6.75499  5.87773   1.000 25.41141 ? 12  ILE A HG23 1 
ATOM   180  H HD11 . ILE A 1 12 ? -5.77259  -10.28128 4.63018   1.000 29.36309 ? 12  ILE A HD11 1 
ATOM   181  H HD12 . ILE A 1 12 ? -5.08382  -10.63349 6.01763   1.000 29.36309 ? 12  ILE A HD12 1 
ATOM   182  H HD13 . ILE A 1 12 ? -5.83228  -9.24461  5.83237   1.000 29.36309 ? 12  ILE A HD13 1 
ATOM   183  N N    . ASP A 1 13 ? -0.69659  -10.06862 4.01957   1.000 15.73797 ? 13  ASP A N    1 
ATOM   184  C CA   . ASP A 1 13 ? -0.17440  -11.35233 3.57590   1.000 16.41294 ? 13  ASP A CA   1 
ATOM   185  C C    . ASP A 1 13 ? 0.33555   -11.19992 2.15376   1.000 14.13612 ? 13  ASP A C    1 
ATOM   186  O O    . ASP A 1 13 ? 0.02622   -10.22161 1.46854   1.000 16.28544 ? 13  ASP A O    1 
ATOM   187  C CB   . ASP A 1 13 ? -1.25788  -12.42789 3.64937   1.000 17.72438 ? 13  ASP A CB   1 
ATOM   188  C CG   . ASP A 1 13 ? -0.70228  -13.85273 3.64245   1.000 26.60917 ? 13  ASP A CG   1 
ATOM   189  O OD1  . ASP A 1 13 ? 0.51868   -14.03267 3.84146   1.000 23.47550 ? 13  ASP A OD1  1 
ATOM   190  O OD2  . ASP A 1 13 ? -1.50102  -14.79820 3.41401   1.000 26.27058 ? 13  ASP A OD2  1 
ATOM   191  H H    . ASP A 1 13 ? -0.75884  -9.48421  3.39173   1.000 19.16650 ? 13  ASP A H    1 
ATOM   192  H HA   . ASP A 1 13 ? 0.57316   -11.61932 4.13337   1.000 19.97646 ? 13  ASP A HA   1 
ATOM   193  H HB2  . ASP A 1 13 ? -1.76186  -12.30960 4.46969   1.000 21.55019 ? 13  ASP A HB2  1 
ATOM   194  H HB3  . ASP A 1 13 ? -1.84494  -12.33429 2.88289   1.000 21.55019 ? 13  ASP A HB3  1 
ATOM   195  N N    . TYR A 1 14 ? 1.15236   -12.15988 1.73427   1.000 18.96565 ? 14  TYR A N    1 
ATOM   196  C CA   . TYR A 1 14 ? 1.64754   -12.19747 0.36608   1.000 17.62753 ? 14  TYR A CA   1 
ATOM   197  C C    . TYR A 1 14 ? 1.88193   -13.65181 -0.01905  1.000 20.23876 ? 14  TYR A C    1 
ATOM   198  O O    . TYR A 1 14 ? 2.05047   -14.51830 0.83865   1.000 20.30322 ? 14  TYR A O    1 
ATOM   199  C CB   . TYR A 1 14 ? 2.94219   -11.39732 0.19741   1.000 19.45716 ? 14  TYR A CB   1 
ATOM   200  C CG   . TYR A 1 14 ? 4.12604   -12.08500 0.79920   1.000 23.03935 ? 14  TYR A CG   1 
ATOM   201  C CD1  . TYR A 1 14 ? 4.44771   -11.91015 2.13744   1.000 26.55291 ? 14  TYR A CD1  1 
ATOM   202  C CD2  . TYR A 1 14 ? 4.93058   -12.90552 0.02722   1.000 26.65460 ? 14  TYR A CD2  1 
ATOM   203  C CE1  . TYR A 1 14 ? 5.53098   -12.54519 2.69020   1.000 44.39161 ? 14  TYR A CE1  1 
ATOM   204  C CE2  . TYR A 1 14 ? 6.02078   -13.54694 0.56965   1.000 28.85083 ? 14  TYR A CE2  1 
ATOM   205  C CZ   . TYR A 1 14 ? 6.31347   -13.36259 1.90092   1.000 37.40906 ? 14  TYR A CZ   1 
ATOM   206  O OH   . TYR A 1 14 ? 7.39698   -13.99148 2.45003   1.000 44.02082 ? 14  TYR A OH   1 
ATOM   207  H H    . TYR A 1 14 ? 1.43581   -12.80506 2.22724   1.000 23.03972 ? 14  TYR A H    1 
ATOM   208  H HA   . TYR A 1 14 ? 0.97999   -11.81384 -0.22393  1.000 21.43397 ? 14  TYR A HA   1 
ATOM   209  H HB2  . TYR A 1 14 ? 3.11567   -11.27228 -0.74872  1.000 23.62952 ? 14  TYR A HB2  1 
ATOM   210  H HB3  . TYR A 1 14 ? 2.84086   -10.53644 0.63273   1.000 23.62952 ? 14  TYR A HB3  1 
ATOM   211  H HD1  . TYR A 1 14 ? 3.92197   -11.35503 2.66690   1.000 32.14442 ? 14  TYR A HD1  1 
ATOM   212  H HD2  . TYR A 1 14 ? 4.73099   -13.02534 -0.87318  1.000 32.26645 ? 14  TYR A HD2  1 
ATOM   213  H HE1  . TYR A 1 14 ? 5.73609   -12.42567 3.58939   1.000 53.55086 ? 14  TYR A HE1  1 
ATOM   214  H HE2  . TYR A 1 14 ? 6.55299   -14.09819 0.04260   1.000 34.90193 ? 14  TYR A HE2  1 
ATOM   215  H HH   . TYR A 1 14 ? 7.84455   -14.37037 1.84859   1.000 53.10592 ? 14  TYR A HH   1 
ATOM   216  N N    . ARG A 1 15 ? 1.87067   -13.91070 -1.32437  1.000 15.25888 ? 15  ARG A N    1 
ATOM   217  C CA   . ARG A 1 15 ? 2.22108   -15.20830 -1.89189  1.000 18.44332 ? 15  ARG A CA   1 
ATOM   218  C C    . ARG A 1 15 ? 3.20802   -14.95662 -3.01656  1.000 19.38915 ? 15  ARG A C    1 
ATOM   219  O O    . ARG A 1 15 ? 2.91339   -14.18142 -3.93027  1.000 22.53292 ? 15  ARG A O    1 
ATOM   220  C CB   . ARG A 1 15 ? 0.98611   -15.94494 -2.42024  1.000 19.72820 ? 15  ARG A CB   1 
ATOM   221  C CG   . ARG A 1 15 ? -0.05212  -16.24146 -1.33524  1.000 20.80823 ? 15  ARG A CG   1 
ATOM   222  C CD   . ARG A 1 15 ? -1.17258  -17.11624 -1.87045  1.000 22.45318 ? 15  ARG A CD   1 
ATOM   223  N NE   . ARG A 1 15 ? -1.96941  -16.47628 -2.91343  1.000 25.71340 ? 15  ARG A NE   1 
ATOM   224  C CZ   . ARG A 1 15 ? -2.98061  -15.64572 -2.68606  1.000 22.82887 ? 15  ARG A CZ   1 
ATOM   225  N NH1  . ARG A 1 15 ? -3.27810  -15.23951 -1.45985  1.000 25.79498 ? 15  ARG A NH1  1 
ATOM   226  N NH2  . ARG A 1 15 ? -3.71415  -15.21750 -3.71306  1.000 25.91802 ? 15  ARG A NH2  1 
ATOM   227  H H    . ARG A 1 15 ? 1.65590   -13.32995 -1.92119  1.000 18.59159 ? 15  ARG A H    1 
ATOM   228  H HA   . ARG A 1 15 ? 2.63015   -15.77463 -1.21897  1.000 22.41291 ? 15  ARG A HA   1 
ATOM   229  H HB2  . ARG A 1 15 ? 0.56055   -15.39726 -3.09835  1.000 23.95477 ? 15  ARG A HB2  1 
ATOM   230  H HB3  . ARG A 1 15 ? 1.26583   -16.79063 -2.80424  1.000 23.95477 ? 15  ARG A HB3  1 
ATOM   231  H HG2  . ARG A 1 15 ? 0.37480   -16.70728 -0.59928  1.000 25.25081 ? 15  ARG A HG2  1 
ATOM   232  H HG3  . ARG A 1 15 ? -0.43754  -15.40839 -1.02163  1.000 25.25081 ? 15  ARG A HG3  1 
ATOM   233  H HD2  . ARG A 1 15 ? -0.78702  -17.92319 -2.24606  1.000 27.22474 ? 15  ARG A HD2  1 
ATOM   234  H HD3  . ARG A 1 15 ? -1.76889  -17.34253 -1.13963  1.000 27.22474 ? 15  ARG A HD3  1 
ATOM   235  H HE   . ARG A 1 15 ? -1.77007  -16.64923 -3.73194  1.000 31.13701 ? 15  ARG A HE   1 
ATOM   236  H HH11 . ARG A 1 15 ? -2.81233  -15.51408 -0.79106  1.000 31.23491 ? 15  ARG A HH11 1 
ATOM   237  H HH12 . ARG A 1 15 ? -3.93686  -14.70141 -1.33310  1.000 31.23491 ? 15  ARG A HH12 1 
ATOM   238  H HH21 . ARG A 1 15 ? -3.53037  -15.47913 -4.51142  1.000 31.38255 ? 15  ARG A HH21 1 
ATOM   239  H HH22 . ARG A 1 15 ? -4.37126  -14.67954 -3.57741  1.000 31.38255 ? 15  ARG A HH22 1 
ATOM   240  N N    . GLU A 1 16 ? 4.36855   -15.60015 -2.95756  1.000 20.97883 ? 16  GLU A N    1 
ATOM   241  C CA   . GLU A 1 16 ? 5.44347   -15.33082 -3.89778  1.000 20.29834 ? 16  GLU A CA   1 
ATOM   242  C C    . GLU A 1 16 ? 5.73025   -16.54551 -4.76302  1.000 18.39091 ? 16  GLU A C    1 
ATOM   243  O O    . GLU A 1 16 ? 5.92787   -17.65452 -4.25942  1.000 22.69450 ? 16  GLU A O    1 
ATOM   244  C CB   . GLU A 1 16 ? 6.71340   -14.90516 -3.16800  1.000 24.67067 ? 16  GLU A CB   1 
ATOM   245  C CG   . GLU A 1 16 ? 7.82971   -14.52563 -4.11800  1.000 33.28361 ? 16  GLU A CG   1 
ATOM   246  C CD   . GLU A 1 16 ? 8.86491   -13.65468 -3.44568  1.000 38.18840 ? 16  GLU A CD   1 
ATOM   247  O OE1  . GLU A 1 16 ? 8.77632   -13.50095 -2.20618  1.000 38.41859 ? 16  GLU A OE1  1 
ATOM   248  O OE2  . GLU A 1 16 ? 9.75564   -13.12623 -4.14774  1.000 40.13873 ? 16  GLU A OE2  1 
ATOM   249  H H    . GLU A 1 16 ? 4.55629   -16.20343 -2.37412  1.000 25.45553 ? 16  GLU A H    1 
ATOM   250  H HA   . GLU A 1 16 ? 5.15855   -14.61453 -4.48656  1.000 24.63895 ? 16  GLU A HA   1 
ATOM   251  H HB2  . GLU A 1 16 ? 6.51596   -14.13507 -2.61224  1.000 29.88573 ? 16  GLU A HB2  1 
ATOM   252  H HB3  . GLU A 1 16 ? 7.02362   -15.64095 -2.61729  1.000 29.88573 ? 16  GLU A HB3  1 
ATOM   253  H HG2  . GLU A 1 16 ? 8.26853   -15.33089 -4.43406  1.000 40.22127 ? 16  GLU A HG2  1 
ATOM   254  H HG3  . GLU A 1 16 ? 7.45882   -14.03398 -4.86741  1.000 40.22127 ? 16  GLU A HG3  1 
ATOM   255  N N    . TYR A 1 17 ? 5.76467   -16.31515 -6.06347  1.000 20.02299 ? 17  TYR A N    1 
ATOM   256  C CA   . TYR A 1 17 ? 6.06992   -17.29734 -7.08352  1.000 22.74379 ? 17  TYR A CA   1 
ATOM   257  C C    . TYR A 1 17 ? 7.28978   -16.80617 -7.86627  1.000 23.39097 ? 17  TYR A C    1 
ATOM   258  O O    . TYR A 1 17 ? 7.88453   -15.76822 -7.55616  1.000 25.14744 ? 17  TYR A O    1 
ATOM   259  C CB   . TYR A 1 17 ? 4.83629   -17.52242 -7.96125  1.000 24.42164 ? 17  TYR A CB   1 
ATOM   260  C CG   . TYR A 1 17 ? 3.65017   -17.99820 -7.15581  1.000 25.30017 ? 17  TYR A CG   1 
ATOM   261  C CD1  . TYR A 1 17 ? 3.60114   -19.29516 -6.66236  1.000 25.75916 ? 17  TYR A CD1  1 
ATOM   262  C CD2  . TYR A 1 17 ? 2.59701   -17.14533 -6.85712  1.000 23.44702 ? 17  TYR A CD2  1 
ATOM   263  C CE1  . TYR A 1 17 ? 2.53256   -19.73305 -5.90792  1.000 25.62768 ? 17  TYR A CE1  1 
ATOM   264  C CE2  . TYR A 1 17 ? 1.51324   -17.58401 -6.10735  1.000 21.64630 ? 17  TYR A CE2  1 
ATOM   265  C CZ   . TYR A 1 17 ? 1.49040   -18.87959 -5.63394  1.000 23.89701 ? 17  TYR A CZ   1 
ATOM   266  O OH   . TYR A 1 17 ? 0.42219   -19.33782 -4.88606  1.000 24.49705 ? 17  TYR A OH   1 
ATOM   267  H H    . TYR A 1 17 ? 5.60284   -15.54135 -6.40205  1.000 24.30852 ? 17  TYR A H    1 
ATOM   268  H HA   . TYR A 1 17 ? 6.30359   -18.15598 -6.69747  1.000 27.57348 ? 17  TYR A HA   1 
ATOM   269  H HB2  . TYR A 1 17 ? 4.59539   -16.68779 -8.39284  1.000 29.58690 ? 17  TYR A HB2  1 
ATOM   270  H HB3  . TYR A 1 17 ? 5.03908   -18.19522 -8.62991  1.000 29.58690 ? 17  TYR A HB3  1 
ATOM   271  H HD1  . TYR A 1 17 ? 4.30163   -19.87936 -6.84383  1.000 31.19193 ? 17  TYR A HD1  1 
ATOM   272  H HD2  . TYR A 1 17 ? 2.61716   -16.26744 -7.16339  1.000 28.41736 ? 17  TYR A HD2  1 
ATOM   273  H HE1  . TYR A 1 17 ? 2.51722   -20.60502 -5.58489  1.000 31.03415 ? 17  TYR A HE1  1 
ATOM   274  H HE2  . TYR A 1 17 ? 0.80666   -17.00735 -5.92540  1.000 26.25649 ? 17  TYR A HE2  1 
ATOM   275  H HH   . TYR A 1 17 ? -0.12424  -18.71382 -4.75325  1.000 29.67740 ? 17  TYR A HH   1 
ATOM   276  N N    . ASP A 1 18 ? 7.67953   -17.57747 -8.87975  1.000 22.92327 ? 18  ASP A N    1 
ATOM   277  C CA   . ASP A 1 18 ? 8.89713   -17.25700 -9.61498  1.000 34.22373 ? 18  ASP A CA   1 
ATOM   278  C C    . ASP A 1 18 ? 8.84381   -15.84599 -10.17287 1.000 24.62336 ? 18  ASP A C    1 
ATOM   279  O O    . ASP A 1 18 ? 9.80991   -15.08247 -10.05755 1.000 30.84063 ? 18  ASP A O    1 
ATOM   280  C CB   . ASP A 1 18 ? 9.10489   -18.26013 -10.74378 1.000 30.86954 ? 18  ASP A CB   1 
ATOM   281  C CG   . ASP A 1 18 ? 9.88229   -19.49053 -10.29742 1.000 56.12441 ? 18  ASP A CG   1 
ATOM   282  O OD1  . ASP A 1 18 ? 10.39163  -19.51312 -9.14751  1.000 54.87106 ? 18  ASP A OD1  1 
ATOM   283  O OD2  . ASP A 1 18 ? 9.97397   -20.44793 -11.09836 1.000 56.82141 ? 18  ASP A OD2  1 
ATOM   284  H H    . ASP A 1 18 ? 7.26433   -18.27822 -9.15573  1.000 27.78886 ? 18  ASP A H    1 
ATOM   285  H HA   . ASP A 1 18 ? 9.65045   -17.31825 -9.00696  1.000 41.34941 ? 18  ASP A HA   1 
ATOM   286  H HB2  . ASP A 1 18 ? 8.23976   -18.55325 -11.07018 1.000 37.32438 ? 18  ASP A HB2  1 
ATOM   287  H HB3  . ASP A 1 18 ? 9.60217   -17.83351 -11.45904 1.000 37.32438 ? 18  ASP A HB3  1 
ATOM   288  N N    . ASN A 1 19 ? 7.71164   -15.47378 -10.77535 1.000 24.67944 ? 19  ASN A N    1 
ATOM   289  C CA   . ASN A 1 19 ? 7.64743   -14.24156 -11.55081 1.000 25.86254 ? 19  ASN A CA   1 
ATOM   290  C C    . ASN A 1 19 ? 6.48752   -13.34255 -11.15617 1.000 23.42941 ? 19  ASN A C    1 
ATOM   291  O O    . ASN A 1 19 ? 6.12888   -12.42593 -11.91099 1.000 24.53711 ? 19  ASN A O    1 
ATOM   292  C CB   . ASN A 1 19 ? 7.56142   -14.56422 -13.03838 1.000 30.23640 ? 19  ASN A CB   1 
ATOM   293  C CG   . ASN A 1 19 ? 8.80300   -15.27600 -13.54157 1.000 35.97031 ? 19  ASN A CG   1 
ATOM   294  O OD1  . ASN A 1 19 ? 9.91771   -14.75413 -13.43941 1.000 34.75895 ? 19  ASN A OD1  1 
ATOM   295  N ND2  . ASN A 1 19 ? 8.62172   -16.49022 -14.05742 1.000 30.91569 ? 19  ASN A ND2  1 
ATOM   296  H H    . ASN A 1 19 ? 6.97532   -15.91724 -10.74759 1.000 29.89627 ? 19  ASN A H    1 
ATOM   297  H HA   . ASN A 1 19 ? 8.45957   -13.74028 -11.37749 1.000 31.31598 ? 19  ASN A HA   1 
ATOM   298  H HB2  . ASN A 1 19 ? 6.79744   -15.14088 -13.19555 1.000 36.56461 ? 19  ASN A HB2  1 
ATOM   299  H HB3  . ASN A 1 19 ? 7.46241   -13.73878 -13.53813 1.000 36.56461 ? 19  ASN A HB3  1 
ATOM   300  H HD21 . ASN A 1 19 ? 9.29417   -16.93513 -14.35651 1.000 37.37977 ? 19  ASN A HD21 1 
ATOM   301  H HD22 . ASN A 1 19 ? 7.83219   -16.82946 -14.09148 1.000 37.37977 ? 19  ASN A HD22 1 
ATOM   302  N N    . THR A 1 20 ? 5.90889   -13.56710 -9.98510  1.000 20.66667 ? 20  THR A N    1 
ATOM   303  C CA   . THR A 1 20 ? 4.75247   -12.79033 -9.58330  1.000 21.07619 ? 20  THR A CA   1 
ATOM   304  C C    . THR A 1 20 ? 4.61450   -12.88731 -8.07139  1.000 18.70114 ? 20  THR A C    1 
ATOM   305  O O    . THR A 1 20 ? 4.96469   -13.90297 -7.46537  1.000 22.27081 ? 20  THR A O    1 
ATOM   306  C CB   . THR A 1 20 ? 3.48634   -13.26839 -10.31352 1.000 33.38270 ? 20  THR A CB   1 
ATOM   307  O OG1  . THR A 1 20 ? 2.48513   -12.24905 -10.23594 1.000 34.94985 ? 20  THR A OG1  1 
ATOM   308  C CG2  . THR A 1 20 ? 2.96462   -14.57164 -9.71997  1.000 32.95044 ? 20  THR A CG2  1 
ATOM   309  H H    . THR A 1 20 ? 6.16557   -14.15682 -9.41417  1.000 25.08094 ? 20  THR A H    1 
ATOM   310  H HA   . THR A 1 20 ? 4.87417   -11.85324 -9.80223  1.000 25.57236 ? 20  THR A HA   1 
ATOM   311  H HB   . THR A 1 20 ? 3.69383   -13.44346 -11.24475 1.000 40.34017 ? 20  THR A HB   1 
ATOM   312  H HG1  . THR A 1 20 ? 1.81029   -12.47461 -10.68238 1.000 42.22075 ? 20  THR A HG1  1 
ATOM   313  H HG21 . THR A 1 20 ? 2.24798   -14.92362 -10.27082 1.000 39.82146 ? 20  THR A HG21 1 
ATOM   314  H HG22 . THR A 1 20 ? 3.67922   -15.22616 -9.67708  1.000 39.82146 ? 20  THR A HG22 1 
ATOM   315  H HG23 . THR A 1 20 ? 2.62596   -14.41618 -8.82440  1.000 39.82146 ? 20  THR A HG23 1 
ATOM   316  N N    . VAL A 1 21 ? 4.12915   -11.80576 -7.47263  1.000 16.65453 ? 21  VAL A N    1 
ATOM   317  C CA   . VAL A 1 21 ? 3.83364   -11.74768 -6.04866  1.000 17.36050 ? 21  VAL A CA   1 
ATOM   318  C C    . VAL A 1 21 ? 2.40059   -11.26884 -5.89950  1.000 23.26155 ? 21  VAL A C    1 
ATOM   319  O O    . VAL A 1 21 ? 2.01961   -10.25146 -6.48802  1.000 17.82855 ? 21  VAL A O    1 
ATOM   320  C CB   . VAL A 1 21 ? 4.79562   -10.81385 -5.29211  1.000 18.28480 ? 21  VAL A CB   1 
ATOM   321  C CG1  . VAL A 1 21 ? 4.37393   -10.71820 -3.82708  1.000 20.78214 ? 21  VAL A CG1  1 
ATOM   322  C CG2  . VAL A 1 21 ? 6.23504   -11.30508 -5.41109  1.000 21.58531 ? 21  VAL A CG2  1 
ATOM   323  H H    . VAL A 1 21 ? 3.95782   -11.07062 -7.88471  1.000 20.26637 ? 21  VAL A H    1 
ATOM   324  H HA   . VAL A 1 21 ? 3.91544   -12.63387 -5.66280  1.000 21.11354 ? 21  VAL A HA   1 
ATOM   325  H HB   . VAL A 1 21 ? 4.75663   -9.92801  -5.68538  1.000 22.22269 ? 21  VAL A HB   1 
ATOM   326  H HG11 . VAL A 1 21 ? 5.09812   -10.32549 -3.31501  1.000 25.21951 ? 21  VAL A HG11 1 
ATOM   327  H HG12 . VAL A 1 21 ? 3.58263   -10.16097 -3.76196  1.000 25.21951 ? 21  VAL A HG12 1 
ATOM   328  H HG13 . VAL A 1 21 ? 4.17950   -11.60884 -3.49564  1.000 25.21951 ? 21  VAL A HG13 1 
ATOM   329  H HG21 . VAL A 1 21 ? 6.82581   -10.65400 -5.00125  1.000 26.18330 ? 21  VAL A HG21 1 
ATOM   330  H HG22 . VAL A 1 21 ? 6.31629   -12.15795 -4.95621  1.000 26.18330 ? 21  VAL A HG22 1 
ATOM   331  H HG23 . VAL A 1 21 ? 6.45691   -11.40836 -6.34971  1.000 26.18330 ? 21  VAL A HG23 1 
ATOM   332  N N    . TYR A 1 22 ? 1.60266   -12.01228 -5.14442  1.000 18.93972 ? 22  TYR A N    1 
ATOM   333  C CA   . TYR A 1 22 ? 0.25542   -11.58936 -4.79232  1.000 17.61329 ? 22  TYR A CA   1 
ATOM   334  C C    . TYR A 1 22 ? 0.29737   -10.94727 -3.41598  1.000 19.22483 ? 22  TYR A C    1 
ATOM   335  O O    . TYR A 1 22 ? 0.77237   -11.56511 -2.46137  1.000 19.89415 ? 22  TYR A O    1 
ATOM   336  C CB   . TYR A 1 22 ? -0.71454  -12.76600 -4.78937  1.000 16.68201 ? 22  TYR A CB   1 
ATOM   337  C CG   . TYR A 1 22 ? -0.96624  -13.33597 -6.15864  1.000 21.11869 ? 22  TYR A CG   1 
ATOM   338  C CD1  . TYR A 1 22 ? -0.12620  -14.29979 -6.68732  1.000 23.77057 ? 22  TYR A CD1  1 
ATOM   339  C CD2  . TYR A 1 22 ? -2.04431  -12.91356 -6.92241  1.000 24.61476 ? 22  TYR A CD2  1 
ATOM   340  C CE1  . TYR A 1 22 ? -0.35201  -14.83335 -7.93531  1.000 24.08608 ? 22  TYR A CE1  1 
ATOM   341  C CE2  . TYR A 1 22 ? -2.28049  -13.44258 -8.16721  1.000 29.47130 ? 22  TYR A CE2  1 
ATOM   342  C CZ   . TYR A 1 22 ? -1.43175  -14.40334 -8.67230  1.000 29.67434 ? 22  TYR A CZ   1 
ATOM   343  O OH   . TYR A 1 22 ? -1.64986  -14.92509 -9.92472  1.000 31.61835 ? 22  TYR A OH   1 
ATOM   344  H H    . TYR A 1 22 ? 1.82316   -12.77737 -4.81942  1.000 23.00860 ? 22  TYR A H    1 
ATOM   345  H HA   . TYR A 1 22 ? -0.05689  -10.94098 -5.44268  1.000 21.41688 ? 22  TYR A HA   1 
ATOM   346  H HB2  . TYR A 1 22 ? -0.34783  -13.47288 -4.23552  1.000 20.29934 ? 22  TYR A HB2  1 
ATOM   347  H HB3  . TYR A 1 22 ? -1.56515  -12.46988 -4.42926  1.000 20.29934 ? 22  TYR A HB3  1 
ATOM   348  H HD1  . TYR A 1 22 ? 0.60370   -14.59207 -6.19060  1.000 28.80562 ? 22  TYR A HD1  1 
ATOM   349  H HD2  . TYR A 1 22 ? -2.61612  -12.26179 -6.58607  1.000 29.81865 ? 22  TYR A HD2  1 
ATOM   350  H HE1  . TYR A 1 22 ? 0.22121   -15.48029 -8.27853  1.000 29.18423 ? 22  TYR A HE1  1 
ATOM   351  H HE2  . TYR A 1 22 ? -3.00971  -13.15386 -8.66698  1.000 35.64649 ? 22  TYR A HE2  1 
ATOM   352  H HH   . TYR A 1 22 ? -2.30852  -14.54641 -10.28300 1.000 38.22295 ? 22  TYR A HH   1 
ATOM   353  N N    . PHE A 1 23 ? -0.18415  -9.71177  -3.31370  1.000 17.82688 ? 23  PHE A N    1 
ATOM   354  C CA   . PHE A 1 23 ? -0.35194  -9.05851  -2.02310  1.000 16.49320 ? 23  PHE A CA   1 
ATOM   355  C C    . PHE A 1 23 ? -1.82239  -9.11506  -1.63075  1.000 22.96479 ? 23  PHE A C    1 
ATOM   356  O O    . PHE A 1 23 ? -2.70259  -8.86732  -2.45884  1.000 18.07730 ? 23  PHE A O    1 
ATOM   357  C CB   . PHE A 1 23 ? 0.12813   -7.60223  -2.05353  1.000 17.60514 ? 23  PHE A CB   1 
ATOM   358  C CG   . PHE A 1 23 ? 1.62604   -7.45204  -1.97435  1.000 16.95622 ? 23  PHE A CG   1 
ATOM   359  C CD1  . PHE A 1 23 ? 2.31771   -7.78100  -0.81431  1.000 21.31121 ? 23  PHE A CD1  1 
ATOM   360  C CD2  . PHE A 1 23 ? 2.34211   -6.98287  -3.06229  1.000 19.67652 ? 23  PHE A CD2  1 
ATOM   361  C CE1  . PHE A 1 23 ? 3.69352   -7.64400  -0.75032  1.000 25.94169 ? 23  PHE A CE1  1 
ATOM   362  C CE2  . PHE A 1 23 ? 3.71077   -6.83970  -2.99550  1.000 24.48809 ? 23  PHE A CE2  1 
ATOM   363  C CZ   . PHE A 1 23 ? 4.38407   -7.16578  -1.84703  1.000 24.48419 ? 23  PHE A CZ   1 
ATOM   364  H H    . PHE A 1 23 ? -0.42220  -9.22906  -3.98448  1.000 21.67319 ? 23  PHE A H    1 
ATOM   365  H HA   . PHE A 1 23 ? 0.17822   -9.51914  -1.35403  1.000 20.07278 ? 23  PHE A HA   1 
ATOM   366  H HB2  . PHE A 1 23 ? -0.16639  -7.19447  -2.88293  1.000 21.40710 ? 23  PHE A HB2  1 
ATOM   367  H HB3  . PHE A 1 23 ? -0.25650  -7.13162  -1.29757  1.000 21.40710 ? 23  PHE A HB3  1 
ATOM   368  H HD1  . PHE A 1 23 ? 1.85145   -8.09624  -0.07395  1.000 25.85438 ? 23  PHE A HD1  1 
ATOM   369  H HD2  . PHE A 1 23 ? 1.89436   -6.76191  -3.84690  1.000 23.89276 ? 23  PHE A HD2  1 
ATOM   370  H HE1  . PHE A 1 23 ? 4.15052   -7.87262  0.02671   1.000 31.41096 ? 23  PHE A HE1  1 
ATOM   371  H HE2  . PHE A 1 23 ? 4.17962   -6.52056  -3.73254  1.000 29.66664 ? 23  PHE A HE2  1 
ATOM   372  H HZ   . PHE A 1 23 ? 5.30766   -7.06488  -1.80601  1.000 29.66196 ? 23  PHE A HZ   1 
ATOM   373  N N    . ILE A 1 24 ? -2.07975  -9.41495  -0.35991  1.000 18.38666 ? 24  ILE A N    1 
ATOM   374  C CA   . ILE A 1 24 ? -3.41559  -9.35418  0.22126   1.000 15.78112 ? 24  ILE A CA   1 
ATOM   375  C C    . ILE A 1 24 ? -3.48298  -8.06796  1.02980   1.000 14.04553 ? 24  ILE A C    1 
ATOM   376  O O    . ILE A 1 24 ? -2.73725  -7.90050  2.00093   1.000 16.39002 ? 24  ILE A O    1 
ATOM   377  C CB   . ILE A 1 24 ? -3.71659  -10.58225 1.09372   1.000 21.26078 ? 24  ILE A CB   1 
ATOM   378  C CG1  . ILE A 1 24 ? -3.52598  -11.86952 0.28464   1.000 26.52058 ? 24  ILE A CG1  1 
ATOM   379  C CG2  . ILE A 1 24 ? -5.12432  -10.49812 1.64785   1.000 18.37212 ? 24  ILE A CG2  1 
ATOM   380  C CD1  . ILE A 1 24 ? -4.18211  -11.85900 -1.06942  1.000 36.77429 ? 24  ILE A CD1  1 
ATOM   381  H H    . ILE A 1 24 ? -1.47740  -9.66369  0.20125   1.000 22.34493 ? 24  ILE A H    1 
ATOM   382  H HA   . ILE A 1 24 ? -4.08364  -9.32720  -0.48150  1.000 19.21828 ? 24  ILE A HA   1 
ATOM   383  H HB   . ILE A 1 24 ? -3.09368  -10.59550 1.83715   1.000 25.79386 ? 24  ILE A HB   1 
ATOM   384  H HG12 . ILE A 1 24 ? -2.57606  -12.01108 0.14860   1.000 32.10563 ? 24  ILE A HG12 1 
ATOM   385  H HG13 . ILE A 1 24 ? -3.90297  -12.60877 0.78692   1.000 32.10563 ? 24  ILE A HG13 1 
ATOM   386  H HG21 . ILE A 1 24 ? -5.36468  -11.35621 2.03104   1.000 22.32748 ? 24  ILE A HG21 1 
ATOM   387  H HG22 . ILE A 1 24 ? -5.15405  -9.81060  2.33146   1.000 22.32748 ? 24  ILE A HG22 1 
ATOM   388  H HG23 . ILE A 1 24 ? -5.73443  -10.27496 0.92754   1.000 22.32748 ? 24  ILE A HG23 1 
ATOM   389  H HD11 . ILE A 1 24 ? -4.26744  -12.77187 -1.38609  1.000 44.41008 ? 24  ILE A HD11 1 
ATOM   390  H HD12 . ILE A 1 24 ? -5.05933  -11.45232 -0.99213  1.000 44.41008 ? 24  ILE A HD12 1 
ATOM   391  H HD13 . ILE A 1 24 ? -3.63263  -11.34617 -1.68261  1.000 44.41008 ? 24  ILE A HD13 1 
ATOM   392  N N    . LEU A 1 25 ? -4.39851  -7.18350  0.65212   1.000 17.52811 ? 25  LEU A N    1 
ATOM   393  C CA   . LEU A 1 25 ? -4.47663  -5.83178  1.18339   1.000 15.06256 ? 25  LEU A CA   1 
ATOM   394  C C    . LEU A 1 25 ? -5.81172  -5.62867  1.88107   1.000 20.84991 ? 25  LEU A C    1 
ATOM   395  O O    . LEU A 1 25 ? -6.85162  -6.09568  1.41048   1.000 21.03435 ? 25  LEU A O    1 
ATOM   396  C CB   . LEU A 1 25 ? -4.32394  -4.79266  0.07278   1.000 15.49985 ? 25  LEU A CB   1 
ATOM   397  C CG   . LEU A 1 25 ? -3.13857  -4.98751  -0.85739  1.000 16.62422 ? 25  LEU A CG   1 
ATOM   398  C CD1  . LEU A 1 25 ? -3.17564  -3.96457  -1.99578  1.000 23.80471 ? 25  LEU A CD1  1 
ATOM   399  C CD2  . LEU A 1 25 ? -1.82778  -4.86772  -0.09269  1.000 18.22891 ? 25  LEU A CD2  1 
ATOM   400  H H    . LEU A 1 25 ? -5.00683  -7.35099  0.06773   1.000 21.31467 ? 25  LEU A H    1 
ATOM   401  H HA   . LEU A 1 25 ? -3.76606  -5.70185  1.83078   1.000 18.35600 ? 25  LEU A HA   1 
ATOM   402  H HB2  . LEU A 1 25 ? -5.12515  -4.81306  -0.47363  1.000 18.88076 ? 25  LEU A HB2  1 
ATOM   403  H HB3  . LEU A 1 25 ? -4.22586  -3.92027  0.48534   1.000 18.88076 ? 25  LEU A HB3  1 
ATOM   404  H HG   . LEU A 1 25 ? -3.18802  -5.87733  -1.24037  1.000 20.22999 ? 25  LEU A HG   1 
ATOM   405  H HD11 . LEU A 1 25 ? -2.39850  -4.09360  -2.56173  1.000 28.84658 ? 25  LEU A HD11 1 
ATOM   406  H HD12 . LEU A 1 25 ? -3.98628  -4.09586  -2.51204  1.000 28.84658 ? 25  LEU A HD12 1 
ATOM   407  H HD13 . LEU A 1 25 ? -3.16510  -3.07120  -1.61804  1.000 28.84658 ? 25  LEU A HD13 1 
ATOM   408  H HD21 . LEU A 1 25 ? -1.08952  -4.97191  -0.71319  1.000 22.15562 ? 25  LEU A HD21 1 
ATOM   409  H HD22 . LEU A 1 25 ? -1.78597  -3.99446  0.32751   1.000 22.15562 ? 25  LEU A HD22 1 
ATOM   410  H HD23 . LEU A 1 25 ? -1.79206  -5.56224  0.58353   1.000 22.15562 ? 25  LEU A HD23 1 
ATOM   411  N N    . ARG A 1 26 ? -5.78903  -4.89496  2.98317   1.000 17.46055 ? 26  ARG A N    1 
ATOM   412  C CA   . ARG A 1 26 ? -6.97178  -4.72355  3.80851   1.000 20.64093 ? 26  ARG A CA   1 
ATOM   413  C C    . ARG A 1 26 ? -7.31983  -3.24975  3.95380   1.000 19.65903 ? 26  ARG A C    1 
ATOM   414  O O    . ARG A 1 26 ? -6.45657  -2.43135  4.28691   1.000 20.14661 ? 26  ARG A O    1 
ATOM   415  C CB   . ARG A 1 26 ? -6.75290  -5.35504  5.17891   1.000 24.67210 ? 26  ARG A CB   1 
ATOM   416  C CG   . ARG A 1 26 ? -7.95429  -5.25965  6.06884   1.000 24.33028 ? 26  ARG A CG   1 
ATOM   417  C CD   . ARG A 1 26 ? -7.61511  -5.72506  7.47044   1.000 28.42338 ? 26  ARG A CD   1 
ATOM   418  N NE   . ARG A 1 26 ? -8.61905  -5.25827  8.40891   1.000 34.26611 ? 26  ARG A NE   1 
ATOM   419  C CZ   . ARG A 1 26 ? -8.62454  -5.53350  9.70129   1.000 37.96364 ? 26  ARG A CZ   1 
ATOM   420  N NH1  . ARG A 1 26 ? -7.69022  -6.30335  10.24821  1.000 34.22909 ? 26  ARG A NH1  1 
ATOM   421  N NH2  . ARG A 1 26 ? -9.59357  -5.02573  10.45923  1.000 41.72108 ? 26  ARG A NH2  1 
ATOM   422  H H    . ARG A 1 26 ? -5.09293  -4.48302  3.27531   1.000 21.23359 ? 26  ARG A H    1 
ATOM   423  H HA   . ARG A 1 26 ? -7.72734  -5.14975  3.37449   1.000 25.05006 ? 26  ARG A HA   1 
ATOM   424  H HB2  . ARG A 1 26 ? -6.54139  -6.29444  5.06195   1.000 29.88745 ? 26  ARG A HB2  1 
ATOM   425  H HB3  . ARG A 1 26 ? -6.01743  -4.90179  5.62000   1.000 29.88745 ? 26  ARG A HB3  1 
ATOM   426  H HG2  . ARG A 1 26 ? -8.25359  -4.33805  6.11322   1.000 29.47727 ? 26  ARG A HG2  1 
ATOM   427  H HG3  . ARG A 1 26 ? -8.66308  -5.82219  5.71949   1.000 29.47727 ? 26  ARG A HG3  1 
ATOM   428  H HD2  . ARG A 1 26 ? -7.59288  -6.69448  7.49586   1.000 34.38899 ? 26  ARG A HD2  1 
ATOM   429  H HD3  . ARG A 1 26 ? -6.75312  -5.36644  7.73363   1.000 34.38899 ? 26  ARG A HD3  1 
ATOM   430  H HE   . ARG A 1 26 ? -9.25541  -4.76782  8.10212   1.000 41.40027 ? 26  ARG A HE   1 
ATOM   431  H HH11 . ARG A 1 26 ? -7.06490  -6.63395  9.75905   1.000 41.35584 ? 26  ARG A HH11 1 
ATOM   432  H HH12 . ARG A 1 26 ? -7.71069  -6.47115  11.09144  1.000 41.35584 ? 26  ARG A HH12 1 
ATOM   433  H HH21 . ARG A 1 26 ? -10.20028 -4.52909  10.10589  1.000 50.34622 ? 26  ARG A HH21 1 
ATOM   434  H HH22 . ARG A 1 26 ? -9.61303  -5.19427  11.30233  1.000 50.34622 ? 26  ARG A HH22 1 
ATOM   435  N N    . ASP A 1 27 ? -8.58588  -2.92566  3.70483   1.000 21.67287 ? 27  ASP A N    1 
ATOM   436  C CA   . ASP A 1 27 ? -9.15519  -1.61033  3.98638   1.000 29.86626 ? 27  ASP A CA   1 
ATOM   437  C C    . ASP A 1 27 ? -10.35591 -1.81722  4.90557   1.000 23.08902 ? 27  ASP A C    1 
ATOM   438  O O    . ASP A 1 27 ? -11.44756 -2.16693  4.44610   1.000 26.78298 ? 27  ASP A O    1 
ATOM   439  C CB   . ASP A 1 27 ? -9.55937  -0.90468  2.69976   1.000 34.87703 ? 27  ASP A CB   1 
ATOM   440  C CG   . ASP A 1 27 ? -9.83607  0.58231   2.90718   1.000 62.96790 ? 27  ASP A CG   1 
ATOM   441  O OD1  . ASP A 1 27 ? -10.06663 1.00544   4.06316   1.000 40.97441 ? 27  ASP A OD1  1 
ATOM   442  O OD2  . ASP A 1 27 ? -9.82765  1.33789   1.91001   1.000 75.65829 ? 27  ASP A OD2  1 
ATOM   443  H H    . ASP A 1 27 ? -9.15490  -3.47085  3.36048   1.000 26.28838 ? 27  ASP A H    1 
ATOM   444  H HA   . ASP A 1 27 ? -8.49920  -1.06175  4.44424   1.000 36.12045 ? 27  ASP A HA   1 
ATOM   445  H HB2  . ASP A 1 27 ? -8.84124  -0.98935  2.05322   1.000 42.13337 ? 27  ASP A HB2  1 
ATOM   446  H HB3  . ASP A 1 27 ? -10.36728 -1.31525  2.35388   1.000 42.13337 ? 27  ASP A HB3  1 
ATOM   447  N N    . GLY A 1 28 ? -10.15781 -1.61725  6.20242   1.000 26.53611 ? 28  GLY A N    1 
ATOM   448  C CA   . GLY A 1 28 ? -11.25294 -1.80315  7.12867   1.000 36.14476 ? 28  GLY A CA   1 
ATOM   449  C C    . GLY A 1 28 ? -11.65641 -3.26663  7.17940   1.000 24.65926 ? 28  GLY A C    1 
ATOM   450  O O    . GLY A 1 28 ? -10.83860 -4.12685  7.52523   1.000 31.14344 ? 28  GLY A O    1 
ATOM   451  H H    . GLY A 1 28 ? -9.41237  -1.37863  6.55877   1.000 32.12427 ? 28  GLY A H    1 
ATOM   452  H HA2  . GLY A 1 28 ? -10.98467 -1.51953  8.01664   1.000 43.65465 ? 28  GLY A HA2  1 
ATOM   453  H HA3  . GLY A 1 28 ? -12.01630 -1.27572  6.84584   1.000 43.65465 ? 28  GLY A HA3  1 
ATOM   454  N N    . ASP A 1 29 ? -12.91276 -3.58496  6.85859   1.000 24.44102 ? 29  ASP A N    1 
ATOM   455  C CA   . ASP A 1 29 ? -13.34682 -4.98062  6.80584   1.000 24.86862 ? 29  ASP A CA   1 
ATOM   456  C C    . ASP A 1 29 ? -13.39879 -5.52150  5.37339   1.000 23.76146 ? 29  ASP A C    1 
ATOM   457  O O    . ASP A 1 29 ? -14.09002 -6.51467  5.10054   1.000 26.61236 ? 29  ASP A O    1 
ATOM   458  C CB   . ASP A 1 29 ? -14.69546 -5.17753  7.50992   1.000 49.85926 ? 29  ASP A CB   1 
ATOM   459  C CG   . ASP A 1 29 ? -15.80397 -4.29827  6.95533   1.000 48.71361 ? 29  ASP A CG   1 
ATOM   460  O OD1  . ASP A 1 29 ? -15.61954 -3.64773  5.90166   1.000 70.64125 ? 29  ASP A OD1  1 
ATOM   461  O OD2  . ASP A 1 29 ? -16.87576 -4.25679  7.59574   1.000 57.30685 ? 29  ASP A OD2  1 
ATOM   462  H H    . ASP A 1 29 ? -13.52631 -3.01293  6.66902   1.000 29.61015 ? 29  ASP A H    1 
ATOM   463  H HA   . ASP A 1 29 ? -12.69607 -5.50747  7.29559   1.000 30.12328 ? 29  ASP A HA   1 
ATOM   464  H HB2  . ASP A 1 29 ? -14.97048 -6.10198  7.40666   1.000 60.11204 ? 29  ASP A HB2  1 
ATOM   465  H HB3  . ASP A 1 29 ? -14.59136 -4.96548  8.45072   1.000 60.11204 ? 29  ASP A HB3  1 
ATOM   466  N N    . LYS A 1 30 ? -12.63523 -4.91470  4.46388   1.000 20.75079 ? 30  LYS A N    1 
ATOM   467  C CA   . LYS A 1 30 ? -12.57813 -5.32530  3.06659   1.000 19.79441 ? 30  LYS A CA   1 
ATOM   468  C C    . LYS A 1 30 ? -11.17143 -5.76894  2.68536   1.000 18.31041 ? 30  LYS A C    1 
ATOM   469  O O    . LYS A 1 30 ? -10.17476 -5.19707  3.14556   1.000 21.90641 ? 30  LYS A O    1 
ATOM   470  C CB   . LYS A 1 30 ? -13.04457 -4.19278  2.14425   1.000 18.62357 ? 30  LYS A CB   1 
ATOM   471  C CG   . LYS A 1 30 ? -14.54227 -3.95467  2.21413   1.000 24.09453 ? 30  LYS A CG   1 
ATOM   472  C CD   . LYS A 1 30 ? -14.93832 -2.66911  1.47775   1.000 28.41470 ? 30  LYS A CD   1 
ATOM   473  C CE   . LYS A 1 30 ? -14.36225 -1.43382  2.13911   1.000 37.06639 ? 30  LYS A CE   1 
ATOM   474  N NZ   . LYS A 1 30 ? -14.99050 -0.18955  1.60415   1.000 41.36969 ? 30  LYS A NZ   1 
ATOM   475  H H    . LYS A 1 30 ? -12.12771 -4.24332  4.64073   1.000 25.18188 ? 30  LYS A H    1 
ATOM   476  H HA   . LYS A 1 30 ? -13.16153 -6.08971  2.93920   1.000 24.03422 ? 30  LYS A HA   1 
ATOM   477  H HB2  . LYS A 1 30 ? -12.59783 -3.37146  2.40266   1.000 22.62922 ? 30  LYS A HB2  1 
ATOM   478  H HB3  . LYS A 1 30 ? -12.81917 -4.41900  1.22833   1.000 22.62922 ? 30  LYS A HB3  1 
ATOM   479  H HG2  . LYS A 1 30 ? -15.00619 -4.69915  1.80008   1.000 29.19436 ? 30  LYS A HG2  1 
ATOM   480  H HG3  . LYS A 1 30 ? -14.81183 -3.87054  3.14211   1.000 29.19436 ? 30  LYS A HG3  1 
ATOM   481  H HD2  . LYS A 1 30 ? -14.60600 -2.70757  0.56727   1.000 34.37857 ? 30  LYS A HD2  1 
ATOM   482  H HD3  . LYS A 1 30 ? -15.90491 -2.58780  1.47496   1.000 34.37857 ? 30  LYS A HD3  1 
ATOM   483  H HE2  . LYS A 1 30 ? -14.52706 -1.47349  3.09418   1.000 44.76061 ? 30  LYS A HE2  1 
ATOM   484  H HE3  . LYS A 1 30 ? -13.40826 -1.39257  1.96851   1.000 44.76061 ? 30  LYS A HE3  1 
ATOM   485  H HZ1  . LYS A 1 30 ? -14.64626 0.52392   2.00979   1.000 49.92456 ? 30  LYS A HZ1  1 
ATOM   486  H HZ2  . LYS A 1 30 ? -14.84061 -0.12476  0.72926   1.000 49.92456 ? 30  LYS A HZ2  1 
ATOM   487  H HZ3  . LYS A 1 30 ? -15.86893 -0.20677  1.74620   1.000 49.92456 ? 30  LYS A HZ3  1 
ATOM   488  N N    . ILE A 1 31 ? -11.11174 -6.79130  1.83037   1.000 18.19888 ? 31  ILE A N    1 
ATOM   489  C CA   . ILE A 1 31 ? -9.86376  -7.40646  1.38425   1.000 15.93215 ? 31  ILE A CA   1 
ATOM   490  C C    . ILE A 1 31 ? -9.75441  -7.23653  -0.12218  1.000 15.73532 ? 31  ILE A C    1 
ATOM   491  O O    . ILE A 1 31 ? -10.71495 -7.51239  -0.84643  1.000 19.36436 ? 31  ILE A O    1 
ATOM   492  C CB   . ILE A 1 31 ? -9.80015  -8.90996  1.75196   1.000 23.20577 ? 31  ILE A CB   1 
ATOM   493  C CG1  . ILE A 1 31 ? -9.69486  -9.09784  3.27104   1.000 22.37896 ? 31  ILE A CG1  1 
ATOM   494  C CG2  . ILE A 1 31 ? -8.66118  -9.59047  1.00344   1.000 23.60059 ? 31  ILE A CG2  1 
ATOM   495  C CD1  . ILE A 1 31 ? -8.41946  -8.57689  3.87376   1.000 20.70151 ? 31  ILE A CD1  1 
ATOM   496  H H    . ILE A 1 31 ? -11.80782 -7.15808  1.48317   1.000 22.11959 ? 31  ILE A H    1 
ATOM   497  H HA   . ILE A 1 31 ? -9.11983  -6.95166  1.80927   1.000 19.39951 ? 31  ILE A HA   1 
ATOM   498  H HB   . ILE A 1 31 ? -10.62679 -9.33434  1.47363   1.000 28.12786 ? 31  ILE A HB   1 
ATOM   499  H HG12 . ILE A 1 31 ? -10.43174 -8.62870  3.69273   1.000 27.13569 ? 31  ILE A HG12 1 
ATOM   500  H HG13 . ILE A 1 31 ? -9.74771  -10.04572 3.47007   1.000 27.13569 ? 31  ILE A HG13 1 
ATOM   501  H HG21 . ILE A 1 31 ? -8.43208  -10.41542 1.45935   1.000 28.60164 ? 31  ILE A HG21 1 
ATOM   502  H HG22 . ILE A 1 31 ? -8.94899  -9.78230  0.09720   1.000 28.60164 ? 31  ILE A HG22 1 
ATOM   503  H HG23 . ILE A 1 31 ? -7.89414  -8.99690  0.98825   1.000 28.60164 ? 31  ILE A HG23 1 
ATOM   504  H HD11 . ILE A 1 31 ? -8.39942  -8.80493  4.81635   1.000 25.12274 ? 31  ILE A HD11 1 
ATOM   505  H HD12 . ILE A 1 31 ? -7.66576  -8.98414  3.41881   1.000 25.12274 ? 31  ILE A HD12 1 
ATOM   506  H HD13 . ILE A 1 31 ? -8.38968  -7.61336  3.76585   1.000 25.12274 ? 31  ILE A HD13 1 
ATOM   507  N N    . TYR A 1 32 ? -8.57906  -6.81033  -0.59900  1.000 16.90902 ? 32  TYR A N    1 
ATOM   508  C CA   . TYR A 1 32 ? -8.28069  -6.77378  -2.02340  1.000 20.97368 ? 32  TYR A CA   1 
ATOM   509  C C    . TYR A 1 32 ? -7.00476  -7.54975  -2.29380  1.000 20.63700 ? 32  TYR A C    1 
ATOM   510  O O    . TYR A 1 32 ? -6.11750  -7.64215  -1.44316  1.000 20.29396 ? 32  TYR A O    1 
ATOM   511  C CB   . TYR A 1 32 ? -8.10361  -5.35126  -2.54195  1.000 19.29266 ? 32  TYR A CB   1 
ATOM   512  C CG   . TYR A 1 32 ? -9.25711  -4.43917  -2.19952  1.000 18.17786 ? 32  TYR A CG   1 
ATOM   513  C CD1  . TYR A 1 32 ? -9.31727  -3.82843  -0.96201  1.000 24.93445 ? 32  TYR A CD1  1 
ATOM   514  C CD2  . TYR A 1 32 ? -10.29471 -4.20797  -3.09866  1.000 19.32035 ? 32  TYR A CD2  1 
ATOM   515  C CE1  . TYR A 1 32 ? -10.35703 -3.01674  -0.62450  1.000 22.02109 ? 32  TYR A CE1  1 
ATOM   516  C CE2  . TYR A 1 32 ? -11.33729 -3.39965  -2.76554  1.000 22.44279 ? 32  TYR A CE2  1 
ATOM   517  C CZ   . TYR A 1 32 ? -11.36599 -2.80484  -1.52458  1.000 26.54949 ? 32  TYR A CZ   1 
ATOM   518  O OH   . TYR A 1 32 ? -12.41372 -1.99052  -1.17808  1.000 33.48084 ? 32  TYR A OH   1 
ATOM   519  H H    . TYR A 1 32 ? -7.93228  -6.53417  -0.10401  1.000 20.57176 ? 32  TYR A H    1 
ATOM   520  H HA   . TYR A 1 32 ? -9.01607  -7.18524  -2.50382  1.000 25.44935 ? 32  TYR A HA   1 
ATOM   521  H HB2  . TYR A 1 32 ? -7.29984  -4.97360  -2.15177  1.000 23.43213 ? 32  TYR A HB2  1 
ATOM   522  H HB3  . TYR A 1 32 ? -8.02233  -5.37810  -3.50816  1.000 23.43213 ? 32  TYR A HB3  1 
ATOM   523  H HD1  . TYR A 1 32 ? -8.63453  -3.97443  -0.34764  1.000 30.20228 ? 32  TYR A HD1  1 
ATOM   524  H HD2  . TYR A 1 32 ? -10.27495 -4.61073  -3.93669  1.000 23.46535 ? 32  TYR A HD2  1 
ATOM   525  H HE1  . TYR A 1 32 ? -10.38142 -2.60946  0.21123   1.000 26.70624 ? 32  TYR A HE1  1 
ATOM   526  H HE2  . TYR A 1 32 ? -12.02599 -3.25003  -3.37233  1.000 27.21228 ? 32  TYR A HE2  1 
ATOM   527  H HH   . TYR A 1 32 ? -12.99552 -1.99742  -1.78393  1.000 40.45795 ? 32  TYR A HH   1 
ATOM   528  N N    . THR A 1 33 ? -6.93032  -8.10837  -3.49261  1.000 23.38049 ? 33  THR A N    1 
ATOM   529  C CA   . THR A 1 33 ? -5.75246  -8.80726  -3.97019  1.000 19.33120 ? 33  THR A CA   1 
ATOM   530  C C    . THR A 1 33 ? -5.18138  -8.04416  -5.15505  1.000 19.44306 ? 33  THR A C    1 
ATOM   531  O O    . THR A 1 33 ? -5.92080  -7.57113  -6.02655  1.000 21.81342 ? 33  THR A O    1 
ATOM   532  C CB   . THR A 1 33 ? -6.08070  -10.24503 -4.36353  1.000 24.59184 ? 33  THR A CB   1 
ATOM   533  O OG1  . THR A 1 33 ? -6.49494  -10.96858 -3.19783  1.000 27.75880 ? 33  THR A OG1  1 
ATOM   534  C CG2  . THR A 1 33 ? -4.84812  -10.92941 -4.96108  1.000 35.58684 ? 33  THR A CG2  1 
ATOM   535  H H    . THR A 1 33 ? -7.57205  -8.09411  -4.06497  1.000 28.33753 ? 33  THR A H    1 
ATOM   536  H HA   . THR A 1 33 ? -5.07817  -8.84618  -3.27398  1.000 23.47837 ? 33  THR A HA   1 
ATOM   537  H HB   . THR A 1 33 ? -6.78935  -10.24952 -5.02587  1.000 29.79114 ? 33  THR A HB   1 
ATOM   538  H HG1  . THR A 1 33 ? -6.68934  -11.75924 -3.40445  1.000 33.59149 ? 33  THR A HG1  1 
ATOM   539  H HG21 . THR A 1 33 ? -4.98406  -11.88934 -4.99224  1.000 42.98514 ? 33  THR A HG21 1 
ATOM   540  H HG22 . THR A 1 33 ? -4.69192  -10.60422 -5.86150  1.000 42.98514 ? 33  THR A HG22 1 
ATOM   541  H HG23 . THR A 1 33 ? -4.06721  -10.73953 -4.41791  1.000 42.98514 ? 33  THR A HG23 1 
ATOM   542  N N    . ILE A 1 34 ? -3.86346  -7.91870  -5.17935  1.000 16.45175 ? 34  ILE A N    1 
ATOM   543  C CA   . ILE A 1 34 ? -3.16951  -7.32891  -6.31374  1.000 18.81120 ? 34  ILE A CA   1 
ATOM   544  C C    . ILE A 1 34 ? -1.93614  -8.17456  -6.59505  1.000 19.43033 ? 34  ILE A C    1 
ATOM   545  O O    . ILE A 1 34 ? -1.31042  -8.71410  -5.67810  1.000 19.79163 ? 34  ILE A O    1 
ATOM   546  C CB   . ILE A 1 34 ? -2.79717  -5.85012  -6.07894  1.000 19.18079 ? 34  ILE A CB   1 
ATOM   547  C CG1  . ILE A 1 34 ? -2.40959  -5.20388  -7.41562  1.000 22.69941 ? 34  ILE A CG1  1 
ATOM   548  C CG2  . ILE A 1 34 ? -1.66695  -5.74156  -5.08209  1.000 24.60116 ? 34  ILE A CG2  1 
ATOM   549  C CD1  . ILE A 1 34 ? -2.20335  -3.71432  -7.32837  1.000 25.71143 ? 34  ILE A CD1  1 
ATOM   550  H H    . ILE A 1 34 ? -3.34283  -8.17078  -4.54296  1.000 20.02303 ? 34  ILE A H    1 
ATOM   551  H HA   . ILE A 1 34 ? -3.74908  -7.35334  -7.09118  1.000 22.85438 ? 34  ILE A HA   1 
ATOM   552  H HB   . ILE A 1 34 ? -3.56467  -5.38299  -5.71337  1.000 23.29788 ? 34  ILE A HB   1 
ATOM   553  H HG12 . ILE A 1 34 ? -1.58044  -5.60052  -7.72561  1.000 27.52022 ? 34  ILE A HG12 1 
ATOM   554  H HG13 . ILE A 1 34 ? -3.11682  -5.36828  -8.05882  1.000 27.52022 ? 34  ILE A HG13 1 
ATOM   555  H HG21 . ILE A 1 34 ? -1.63526  -4.83517  -4.73806  1.000 29.80232 ? 34  ILE A HG21 1 
ATOM   556  H HG22 . ILE A 1 34 ? -1.82492  -6.36547  -4.35636  1.000 29.80232 ? 34  ILE A HG22 1 
ATOM   557  H HG23 . ILE A 1 34 ? -0.83197  -5.95596  -5.52677  1.000 29.80232 ? 34  ILE A HG23 1 
ATOM   558  H HD11 . ILE A 1 34 ? -2.04356  -3.36493  -8.21904  1.000 31.13465 ? 34  ILE A HD11 1 
ATOM   559  H HD12 . ILE A 1 34 ? -2.99868  -3.30696  -6.95101  1.000 31.13465 ? 34  ILE A HD12 1 
ATOM   560  H HD13 . ILE A 1 34 ? -1.43809  -3.53421  -6.76018  1.000 31.13465 ? 34  ILE A HD13 1 
ATOM   561  N N    . GLU A 1 35 ? -1.61716  -8.31561  -7.87265  1.000 17.31824 ? 35  GLU A N    1 
ATOM   562  C CA   . GLU A 1 35 ? -0.51875  -9.13242  -8.35378  1.000 17.10782 ? 35  GLU A CA   1 
ATOM   563  C C    . GLU A 1 35 ? 0.47499   -8.20810  -9.03815  1.000 19.16519 ? 35  GLU A C    1 
ATOM   564  O O    . GLU A 1 35 ? 0.10466   -7.45277  -9.94311  1.000 22.63346 ? 35  GLU A O    1 
ATOM   565  C CB   . GLU A 1 35 ? -1.05892  -10.19811 -9.30162  1.000 29.80867 ? 35  GLU A CB   1 
ATOM   566  C CG   . GLU A 1 35 ? -0.04726  -10.84364 -10.16200 1.000 37.91133 ? 35  GLU A CG   1 
ATOM   567  C CD   . GLU A 1 35 ? -0.66723  -11.98055 -10.94947 1.000 43.77151 ? 35  GLU A CD   1 
ATOM   568  O OE1  . GLU A 1 35 ? -1.92182  -12.07386 -10.95084 1.000 39.07930 ? 35  GLU A OE1  1 
ATOM   569  O OE2  . GLU A 1 35 ? 0.08801   -12.78872 -11.54050 1.000 49.07319 ? 35  GLU A OE2  1 
ATOM   570  H H    . GLU A 1 35 ? -2.04486  -7.92787  -8.51008  1.000 21.06283 ? 35  GLU A H    1 
ATOM   571  H HA   . GLU A 1 35 ? -0.05369  -9.58838  -7.63493  1.000 20.81031 ? 35  GLU A HA   1 
ATOM   572  H HB2  . GLU A 1 35 ? -1.47725  -10.89518 -8.77246  1.000 36.05134 ? 35  GLU A HB2  1 
ATOM   573  H HB3  . GLU A 1 35 ? -1.71505  -9.78536  -9.88474  1.000 36.05134 ? 35  GLU A HB3  1 
ATOM   574  H HG2  . GLU A 1 35 ? 0.31021   -10.19340 -10.78676 1.000 45.77453 ? 35  GLU A HG2  1 
ATOM   575  H HG3  . GLU A 1 35 ? 0.66644   -11.20181 -9.61132  1.000 45.77453 ? 35  GLU A HG3  1 
ATOM   576  N N    . VAL A 1 36 ? 1.72388   -8.25092  -8.59211  1.000 17.69890 ? 36  VAL A N    1 
ATOM   577  C CA   . VAL A 1 36 ? 2.76367   -7.38749  -9.12002  1.000 21.29260 ? 36  VAL A CA   1 
ATOM   578  C C    . VAL A 1 36 ? 3.99092   -8.23209  -9.41322  1.000 22.81425 ? 36  VAL A C    1 
ATOM   579  O O    . VAL A 1 36 ? 4.06873   -9.41504  -9.07050  1.000 20.87458 ? 36  VAL A O    1 
ATOM   580  C CB   . VAL A 1 36 ? 3.11115   -6.23525  -8.15521  1.000 19.51347 ? 36  VAL A CB   1 
ATOM   581  C CG1  . VAL A 1 36 ? 1.84995   -5.42694  -7.81893  1.000 23.04814 ? 36  VAL A CG1  1 
ATOM   582  C CG2  . VAL A 1 36 ? 3.78024   -6.76234  -6.89531  1.000 22.10885 ? 36  VAL A CG2  1 
ATOM   583  H H    . VAL A 1 36 ? 1.99502   -8.78252  -7.97286  1.000 21.51961 ? 36  VAL A H    1 
ATOM   584  H HA   . VAL A 1 36 ? 2.46066   -6.99886  -9.95551  1.000 25.83205 ? 36  VAL A HA   1 
ATOM   585  H HB   . VAL A 1 36 ? 3.74308   -5.64087  -8.58912  1.000 23.69710 ? 36  VAL A HB   1 
ATOM   586  H HG11 . VAL A 1 36 ? 2.09822   -4.66995  -7.26555  1.000 27.93870 ? 36  VAL A HG11 1 
ATOM   587  H HG12 . VAL A 1 36 ? 1.44539   -5.11526  -8.64361  1.000 27.93870 ? 36  VAL A HG12 1 
ATOM   588  H HG13 . VAL A 1 36 ? 1.22794   -5.99683  -7.34013  1.000 27.93870 ? 36  VAL A HG13 1 
ATOM   589  H HG21 . VAL A 1 36 ? 3.79685   -6.05821  -6.22835  1.000 26.81155 ? 36  VAL A HG21 1 
ATOM   590  H HG22 . VAL A 1 36 ? 3.27498   -7.52079  -6.56308  1.000 26.81155 ? 36  VAL A HG22 1 
ATOM   591  H HG23 . VAL A 1 36 ? 4.68570   -7.03639  -7.10962  1.000 26.81155 ? 36  VAL A HG23 1 
ATOM   592  N N    . SER A 1 37 ? 4.94734   -7.60434  -10.07665 1.000 22.43234 ? 37  SER A N    1 
ATOM   593  C CA   . SER A 1 37 ? 6.21439   -8.25110  -10.35428 1.000 18.22380 ? 37  SER A CA   1 
ATOM   594  C C    . SER A 1 37 ? 7.07262   -8.25649  -9.08974  1.000 16.84442 ? 37  SER A C    1 
ATOM   595  O O    . SER A 1 37 ? 6.93178   -7.39017  -8.21832  1.000 19.65424 ? 37  SER A O    1 
ATOM   596  C CB   . SER A 1 37 ? 6.94511   -7.54131  -11.49647 1.000 24.83427 ? 37  SER A CB   1 
ATOM   597  O OG   . SER A 1 37 ? 7.42075   -6.26324  -11.08336 1.000 31.33367 ? 37  SER A OG   1 
ATOM   598  H H    . SER A 1 37 ? 4.88609   -6.80092  -10.37728 1.000 27.19974 ? 37  SER A H    1 
ATOM   599  H HA   . SER A 1 37 ? 6.06609   -9.16692  -10.63746 1.000 22.14949 ? 37  SER A HA   1 
ATOM   600  H HB2  . SER A 1 37 ? 7.70002   -8.08409  -11.77287 1.000 30.08205 ? 37  SER A HB2  1 
ATOM   601  H HB3  . SER A 1 37 ? 6.33135   -7.42424  -12.23842 1.000 30.08205 ? 37  SER A HB3  1 
ATOM   602  H HG   . SER A 1 37 ? 6.77260   -5.75365  -10.92267 1.000 37.88134 ? 37  SER A HG   1 
ATOM   603  N N    . PRO A 1 38 ? 7.97598   -9.22959  -8.95827  1.000 21.03602 ? 38  PRO A N    1 
ATOM   604  C CA   . PRO A 1 38 ? 8.80028   -9.28572  -7.73794  1.000 18.39148 ? 38  PRO A CA   1 
ATOM   605  C C    . PRO A 1 38 ? 9.59148   -8.01618  -7.47542  1.000 18.41926 ? 38  PRO A C    1 
ATOM   606  O O    . PRO A 1 38 ? 9.71815   -7.60203  -6.31769  1.000 19.62299 ? 38  PRO A O    1 
ATOM   607  C CB   . PRO A 1 38 ? 9.72114   -10.48489 -7.99758  1.000 23.13016 ? 38  PRO A CB   1 
ATOM   608  C CG   . PRO A 1 38 ? 8.92635   -11.37144 -8.93739  1.000 24.30169 ? 38  PRO A CG   1 
ATOM   609  C CD   . PRO A 1 38 ? 8.21041   -10.39225 -9.83845  1.000 25.34353 ? 38  PRO A CD   1 
ATOM   610  H HA   . PRO A 1 38 ? 8.23777   -9.47062  -6.96964  1.000 22.35071 ? 38  PRO A HA   1 
ATOM   611  H HB2  . PRO A 1 38 ? 10.54633  -10.18746 -8.41171  1.000 28.03712 ? 38  PRO A HB2  1 
ATOM   612  H HB3  . PRO A 1 38 ? 9.91428   -10.94284 -7.16459  1.000 28.03712 ? 38  PRO A HB3  1 
ATOM   613  H HG2  . PRO A 1 38 ? 9.52372   -11.94304 -9.44467  1.000 29.44296 ? 38  PRO A HG2  1 
ATOM   614  H HG3  . PRO A 1 38 ? 8.29627   -11.91210 -8.43579  1.000 29.44296 ? 38  PRO A HG3  1 
ATOM   615  H HD2  . PRO A 1 38 ? 8.76770   -10.14684 -10.59349 1.000 30.69317 ? 38  PRO A HD2  1 
ATOM   616  H HD3  . PRO A 1 38 ? 7.37061   -10.76245 -10.15242 1.000 30.69317 ? 38  PRO A HD3  1 
ATOM   617  N N    . GLU A 1 39 ? 10.09541  -7.35082  -8.51588  1.000 20.70996 ? 39  GLU A N    1 
ATOM   618  C CA   . GLU A 1 39 ? 10.85343  -6.12152  -8.28904  1.000 19.09092 ? 39  GLU A CA   1 
ATOM   619  C C    . GLU A 1 39 ? 9.97691   -5.00600  -7.72077  1.000 22.33590 ? 39  GLU A C    1 
ATOM   620  O O    . GLU A 1 39 ? 10.49875  -4.08444  -7.08111  1.000 23.82693 ? 39  GLU A O    1 
ATOM   621  C CB   . GLU A 1 39 ? 11.55557  -5.67731  -9.58359  1.000 25.79613 ? 39  GLU A CB   1 
ATOM   622  C CG   . GLU A 1 39 ? 10.65647  -5.40479  -10.76519 1.000 22.84353 ? 39  GLU A CG   1 
ATOM   623  C CD   . GLU A 1 39 ? 10.45161  -6.62904  -11.66105 1.000 34.95085 ? 39  GLU A CD   1 
ATOM   624  O OE1  . GLU A 1 39 ? 10.60570  -7.77320  -11.16906 1.000 26.86126 ? 39  GLU A OE1  1 
ATOM   625  O OE2  . GLU A 1 39 ? 10.12484  -6.44003  -12.85883 1.000 35.08513 ? 39  GLU A OE2  1 
ATOM   626  H H    . GLU A 1 39 ? 10.01470  -7.58366  -9.33981  1.000 25.13288 ? 39  GLU A H    1 
ATOM   627  H HA   . GLU A 1 39 ? 11.55396  -6.29423  -7.64070  1.000 23.19004 ? 39  GLU A HA   1 
ATOM   628  H HB2  . GLU A 1 39 ? 12.04175  -4.85852  -9.39887  1.000 31.23628 ? 39  GLU A HB2  1 
ATOM   629  H HB3  . GLU A 1 39 ? 12.17282  -6.37700  -9.84882  1.000 31.23628 ? 39  GLU A HB3  1 
ATOM   630  H HG2  . GLU A 1 39 ? 9.78664   -5.12405  -10.44040 1.000 27.69316 ? 39  GLU A HG2  1 
ATOM   631  H HG3  . GLU A 1 39 ? 11.05131  -4.70262  -11.30552 1.000 27.69316 ? 39  GLU A HG3  1 
ATOM   632  N N    . GLU A 1 40 ? 8.65857   -5.08566  -7.90603  1.000 19.88593 ? 40  GLU A N    1 
ATOM   633  C CA   . GLU A 1 40 ? 7.74958   -4.12098  -7.30270  1.000 19.55992 ? 40  GLU A CA   1 
ATOM   634  C C    . GLU A 1 40 ? 7.40008   -4.48581  -5.86731  1.000 23.94717 ? 40  GLU A C    1 
ATOM   635  O O    . GLU A 1 40 ? 6.83568   -3.65837  -5.14835  1.000 26.70267 ? 40  GLU A O    1 
ATOM   636  C CB   . GLU A 1 40 ? 6.47348   -4.01877  -8.14233  1.000 22.56054 ? 40  GLU A CB   1 
ATOM   637  C CG   . GLU A 1 40 ? 6.73770   -3.59322  -9.58368  1.000 19.64462 ? 40  GLU A CG   1 
ATOM   638  C CD   . GLU A 1 40 ? 5.48828   -3.60130  -10.44923 1.000 28.53431 ? 40  GLU A CD   1 
ATOM   639  O OE1  . GLU A 1 40 ? 5.15913   -4.67210  -11.00249 1.000 28.67099 ? 40  GLU A OE1  1 
ATOM   640  O OE2  . GLU A 1 40 ? 4.83047   -2.54130  -10.56073 1.000 26.82115 ? 40  GLU A OE2  1 
ATOM   641  H H    . GLU A 1 40 ? 8.26845   -5.69007  -8.37729  1.000 24.14404 ? 40  GLU A H    1 
ATOM   642  H HA   . GLU A 1 40 ? 8.16746   -3.24566  -7.29367  1.000 23.75283 ? 40  GLU A HA   1 
ATOM   643  H HB2  . GLU A 1 40 ? 6.03950   -4.88606  -8.16147  1.000 27.35358 ? 40  GLU A HB2  1 
ATOM   644  H HB3  . GLU A 1 40 ? 5.88421   -3.36174  -7.73988  1.000 27.35358 ? 40  GLU A HB3  1 
ATOM   645  H HG2  . GLU A 1 40 ? 7.09513   -2.69148  -9.58473  1.000 23.85448 ? 40  GLU A HG2  1 
ATOM   646  H HG3  . GLU A 1 40 ? 7.37842   -4.20452  -9.97952  1.000 23.85448 ? 40  GLU A HG3  1 
ATOM   647  N N    . ALA A 1 41 ? 7.70868   -5.70656  -5.43629  1.000 22.03870 ? 41  ALA A N    1 
ATOM   648  C CA   . ALA A 1 41 ? 7.39019   -6.16472  -4.08666  1.000 19.59600 ? 41  ALA A CA   1 
ATOM   649  C C    . ALA A 1 41 ? 8.57921   -6.10245  -3.13218  1.000 26.31649 ? 41  ALA A C    1 
ATOM   650  O O    . ALA A 1 41 ? 8.43036   -6.42907  -1.94473  1.000 26.40536 ? 41  ALA A O    1 
ATOM   651  C CB   . ALA A 1 41 ? 6.86412   -7.60610  -4.13726  1.000 24.99292 ? 41  ALA A CB   1 
ATOM   652  H H    . ALA A 1 41 ? 8.10955   -6.29785  -5.91511  1.000 26.72737 ? 41  ALA A H    1 
ATOM   653  H HA   . ALA A 1 41 ? 6.69199   -5.59751  -3.72377  1.000 23.79614 ? 41  ALA A HA   1 
ATOM   654  H HB1  . ALA A 1 41 ? 6.64889   -7.89553  -3.23681  1.000 30.27244 ? 41  ALA A HB1  1 
ATOM   655  H HB2  . ALA A 1 41 ? 6.06900   -7.63278  -4.69222  1.000 30.27244 ? 41  ALA A HB2  1 
ATOM   656  H HB3  . ALA A 1 41 ? 7.54982   -8.17950  -4.51400  1.000 30.27244 ? 41  ALA A HB3  1 
ATOM   657  N N    . LYS A 1 42 ? 9.73932   -5.65745  -3.60959  1.000 24.66740 ? 42  LYS A N    1 
ATOM   658  C CA   . LYS A 1 42 ? 10.97136  -5.83194  -2.84899  1.000 26.43924 ? 42  LYS A CA   1 
ATOM   659  C C    . LYS A 1 42 ? 10.95813  -5.05281  -1.53869  1.000 26.58646 ? 42  LYS A C    1 
ATOM   660  O O    . LYS A 1 42 ? 11.69272  -5.39755  -0.60482  1.000 36.85145 ? 42  LYS A O    1 
ATOM   661  C CB   . LYS A 1 42 ? 12.17586  -5.37716  -3.67709  1.000 27.34762 ? 42  LYS A CB   1 
ATOM   662  C CG   . LYS A 1 42 ? 12.53586  -6.22444  -4.82086  1.000 43.45042 ? 42  LYS A CG   1 
ATOM   663  C CD   . LYS A 1 42 ? 13.93085  -5.84188  -5.27936  1.000 32.74653 ? 42  LYS A CD   1 
ATOM   664  C CE   . LYS A 1 42 ? 13.92642  -4.64789  -6.20461  1.000 27.41655 ? 42  LYS A CE   1 
ATOM   665  N NZ   . LYS A 1 42 ? 15.14695  -4.71325  -7.06955  1.000 25.29437 ? 42  LYS A NZ   1 
ATOM   666  H H    . LYS A 1 42 ? 9.83921   -5.25540  -4.36323  1.000 29.88181 ? 42  LYS A H    1 
ATOM   667  H HA   . LYS A 1 42 ? 11.05896  -6.77688  -2.64821  1.000 32.00803 ? 42  LYS A HA   1 
ATOM   668  H HB2  . LYS A 1 42 ? 11.98550  -4.49241  -4.02621  1.000 33.09808 ? 42  LYS A HB2  1 
ATOM   669  H HB3  . LYS A 1 42 ? 12.94902  -5.34377  -3.09228  1.000 33.09808 ? 42  LYS A HB3  1 
ATOM   670  H HG2  . LYS A 1 42 ? 12.53257  -7.15809  -4.55786  1.000 52.42144 ? 42  LYS A HG2  1 
ATOM   671  H HG3  . LYS A 1 42 ? 11.91171  -6.08289  -5.54976  1.000 52.42144 ? 42  LYS A HG3  1 
ATOM   672  H HD2  . LYS A 1 42 ? 14.47033  -5.61998  -4.50436  1.000 39.57677 ? 42  LYS A HD2  1 
ATOM   673  H HD3  . LYS A 1 42 ? 14.32520  -6.58965  -5.75499  1.000 39.57677 ? 42  LYS A HD3  1 
ATOM   674  H HE2  . LYS A 1 42 ? 13.13675  -4.66638  -6.76763  1.000 33.18080 ? 42  LYS A HE2  1 
ATOM   675  H HE3  . LYS A 1 42 ? 13.94660  -3.82697  -5.68829  1.000 33.18080 ? 42  LYS A HE3  1 
ATOM   676  H HZ1  . LYS A 1 42 ? 15.16590  -4.01608  -7.62246  1.000 30.63418 ? 42  LYS A HZ1  1 
ATOM   677  H HZ2  . LYS A 1 42 ? 15.87931  -4.70095  -6.56400  1.000 30.63418 ? 42  LYS A HZ2  1 
ATOM   678  H HZ3  . LYS A 1 42 ? 15.13998  -5.46258  -7.54971  1.000 30.63418 ? 42  LYS A HZ3  1 
ATOM   679  N N    . LYS A 1 43 ? 10.21093  -3.95438  -1.47642  1.000 21.08169 ? 43  LYS A N    1 
ATOM   680  C CA   . LYS A 1 43 ? 10.27433  -3.04352  -0.34061  1.000 31.56133 ? 43  LYS A CA   1 
ATOM   681  C C    . LYS A 1 43 ? 9.06562   -3.16867  0.57870   1.000 24.88729 ? 43  LYS A C    1 
ATOM   682  O O    . LYS A 1 43 ? 8.92910   -2.38039  1.52353   1.000 26.95952 ? 43  LYS A O    1 
ATOM   683  C CB   . LYS A 1 43 ? 10.40310  -1.59846  -0.83215  1.000 26.91729 ? 43  LYS A CB   1 
ATOM   684  C CG   . LYS A 1 43 ? 11.71517  -1.23370  -1.52254  1.000 38.25388 ? 43  LYS A CG   1 
ATOM   685  C CD   . LYS A 1 43 ? 11.55150  0.13349   -2.19361  1.000 36.71587 ? 43  LYS A CD   1 
ATOM   686  C CE   . LYS A 1 43 ? 12.86674  0.87600   -2.40321  1.000 64.37541 ? 43  LYS A CE   1 
ATOM   687  N NZ   . LYS A 1 43 ? 13.75959  0.24011   -3.40415  1.000 59.79110 ? 43  LYS A NZ   1 
ATOM   688  H H    . LYS A 1 43 ? 9.65452   -3.71405  -2.08653  1.000 25.57896 ? 43  LYS A H    1 
ATOM   689  H HA   . LYS A 1 43 ? 11.06483  -3.25877  0.17870   1.000 38.15452 ? 43  LYS A HA   1 
ATOM   690  H HB2  . LYS A 1 43 ? 9.68997   -1.43110  -1.46801  1.000 32.58168 ? 43  LYS A HB2  1 
ATOM   691  H HB3  . LYS A 1 43 ? 10.31013  -1.00975  -0.06684  1.000 32.58168 ? 43  LYS A HB3  1 
ATOM   692  H HG2  . LYS A 1 43 ? 12.43092  -1.18262  -0.86986  1.000 46.18559 ? 43  LYS A HG2  1 
ATOM   693  H HG3  . LYS A 1 43 ? 11.92959  -1.89502  -2.19900  1.000 46.18559 ? 43  LYS A HG3  1 
ATOM   694  H HD2  . LYS A 1 43 ? 11.14149  0.00771   -3.06365  1.000 44.33998 ? 43  LYS A HD2  1 
ATOM   695  H HD3  . LYS A 1 43 ? 10.98413  0.68926   -1.63671  1.000 44.33998 ? 43  LYS A HD3  1 
ATOM   696  H HE2  . LYS A 1 43 ? 12.67232  1.77546   -2.70991  1.000 77.53142 ? 43  LYS A HE2  1 
ATOM   697  H HE3  . LYS A 1 43 ? 13.34469  0.90913   -1.55978  1.000 77.53142 ? 43  LYS A HE3  1 
ATOM   698  H HZ1  . LYS A 1 43 ? 14.52098  0.69673   -3.46648  1.000 72.03025 ? 43  LYS A HZ1  1 
ATOM   699  H HZ2  . LYS A 1 43 ? 13.94332  -0.59595  -3.16055  1.000 72.03025 ? 43  LYS A HZ2  1 
ATOM   700  H HZ3  . LYS A 1 43 ? 13.36377  0.22837   -4.20120  1.000 72.03025 ? 43  LYS A HZ3  1 
ATOM   701  N N    . LEU A 1 44 ? 8.19213   -4.14141  0.32951   1.000 24.13840 ? 44  LEU A N    1 
ATOM   702  C CA   . LEU A 1 44 ? 6.92245   -4.25338  1.02803   1.000 19.78716 ? 44  LEU A CA   1 
ATOM   703  C C    . LEU A 1 44 ? 6.80793   -5.59877  1.72811   1.000 23.19712 ? 44  LEU A C    1 
ATOM   704  O O    . LEU A 1 44 ? 7.13147   -6.64281  1.15022   1.000 26.03667 ? 44  LEU A O    1 
ATOM   705  C CB   . LEU A 1 44 ? 5.75694   -4.07827  0.06326   1.000 19.70492 ? 44  LEU A CB   1 
ATOM   706  C CG   . LEU A 1 44 ? 5.48597   -2.68341  -0.48824  1.000 30.92742 ? 44  LEU A CG   1 
ATOM   707  C CD1  . LEU A 1 44 ? 4.47531   -2.79906  -1.63112  1.000 38.31535 ? 44  LEU A CD1  1 
ATOM   708  C CD2  . LEU A 1 44 ? 4.93725   -1.79264  0.61339   1.000 31.38146 ? 44  LEU A CD2  1 
ATOM   709  H H    . LEU A 1 44 ? 8.31915   -4.76044  -0.25383  1.000 29.24701 ? 44  LEU A H    1 
ATOM   710  H HA   . LEU A 1 44 ? 6.87663   -3.56410  1.70898   1.000 24.02553 ? 44  LEU A HA   1 
ATOM   711  H HB2  . LEU A 1 44 ? 5.91878   -4.65310  -0.70113  1.000 23.92684 ? 44  LEU A HB2  1 
ATOM   712  H HB3  . LEU A 1 44 ? 4.94978   -4.35728  0.52318   1.000 23.92684 ? 44  LEU A HB3  1 
ATOM   713  H HG   . LEU A 1 44 ? 6.30347   -2.28178  -0.82183  1.000 37.39384 ? 44  LEU A HG   1 
ATOM   714  H HD11 . LEU A 1 44 ? 4.29073   -1.91312  -1.98031  1.000 46.25935 ? 44  LEU A HD11 1 
ATOM   715  H HD12 . LEU A 1 44 ? 4.85069   -3.35818  -2.32926  1.000 46.25935 ? 44  LEU A HD12 1 
ATOM   716  H HD13 . LEU A 1 44 ? 3.65875   -3.19750  -1.29148  1.000 46.25935 ? 44  LEU A HD13 1 
ATOM   717  H HD21 . LEU A 1 44 ? 4.60566   -0.97074  0.21916   1.000 37.93868 ? 44  LEU A HD21 1 
ATOM   718  H HD22 . LEU A 1 44 ? 4.21565   -2.25740  1.06528   1.000 37.93868 ? 44  LEU A HD22 1 
ATOM   719  H HD23 . LEU A 1 44 ? 5.64826   -1.59432  1.24271   1.000 37.93868 ? 44  LEU A HD23 1 
ATOM   720  N N    . LYS A 1 45 ? 6.32418   -5.57091  2.97433   1.000 20.11726 ? 45  LYS A N    1 
ATOM   721  C CA   . LYS A 1 45 ? 6.07987   -6.81413  3.69136   1.000 24.17063 ? 45  LYS A CA   1 
ATOM   722  C C    . LYS A 1 45 ? 4.82271   -6.68159  4.54063   1.000 17.88935 ? 45  LYS A C    1 
ATOM   723  O O    . LYS A 1 45 ? 4.33186   -5.56303  4.75380   1.000 19.05648 ? 45  LYS A O    1 
ATOM   724  C CB   . LYS A 1 45 ? 7.28941   -7.19449  4.55002   1.000 26.18322 ? 45  LYS A CB   1 
ATOM   725  C CG   . LYS A 1 45 ? 7.55566   -6.33104  5.76223   1.000 33.25250 ? 45  LYS A CG   1 
ATOM   726  C CD   . LYS A 1 45 ? 8.69735   -6.95779  6.58628   1.000 45.07903 ? 45  LYS A CD   1 
ATOM   727  C CE   . LYS A 1 45 ? 9.34821   -5.99902  7.55564   1.000 59.14168 ? 45  LYS A CE   1 
ATOM   728  N NZ   . LYS A 1 45 ? 8.64441   -5.96744  8.86901   1.000 69.33876 ? 45  LYS A NZ   1 
ATOM   729  H H    . LYS A 1 45 ? 6.13488   -4.85582  3.41296   1.000 24.42165 ? 45  LYS A H    1 
ATOM   730  H HA   . LYS A 1 45 ? 5.93683   -7.53223  3.05514   1.000 29.28568 ? 45  LYS A HA   1 
ATOM   731  H HB2  . LYS A 1 45 ? 7.15830   -8.10079  4.86995   1.000 31.70080 ? 45  LYS A HB2  1 
ATOM   732  H HB3  . LYS A 1 45 ? 8.08091   -7.15127  3.99096   1.000 31.70080 ? 45  LYS A HB3  1 
ATOM   733  H HG2  . LYS A 1 45 ? 7.82115   -5.44110  5.48219   1.000 40.18393 ? 45  LYS A HG2  1 
ATOM   734  H HG3  . LYS A 1 45 ? 6.75942   -6.28148  6.31400   1.000 40.18393 ? 45  LYS A HG3  1 
ATOM   735  H HD2  . LYS A 1 45 ? 8.34117   -7.69974  7.09964   1.000 54.37577 ? 45  LYS A HD2  1 
ATOM   736  H HD3  . LYS A 1 45 ? 9.38398   -7.27418  5.97854   1.000 54.37577 ? 45  LYS A HD3  1 
ATOM   737  H HE2  . LYS A 1 45 ? 10.26519  -6.27503  7.71015   1.000 71.25095 ? 45  LYS A HE2  1 
ATOM   738  H HE3  . LYS A 1 45 ? 9.32967   -5.10462  7.18068   1.000 71.25095 ? 45  LYS A HE3  1 
ATOM   739  H HZ1  . LYS A 1 45 ? 9.02863   -5.37068  9.40599   1.000 83.48745 ? 45  LYS A HZ1  1 
ATOM   740  H HZ2  . LYS A 1 45 ? 7.79111   -5.74332  8.75179   1.000 83.48745 ? 45  LYS A HZ2  1 
ATOM   741  H HZ3  . LYS A 1 45 ? 8.68225   -6.76898  9.25400   1.000 83.48745 ? 45  LYS A HZ3  1 
ATOM   742  N N    . PRO A 1 46 ? 4.28684   -7.78937  5.06056   1.000 19.42236 ? 46  PRO A N    1 
ATOM   743  C CA   . PRO A 1 46 ? 3.11123   -7.69607  5.93232   1.000 19.65952 ? 46  PRO A CA   1 
ATOM   744  C C    . PRO A 1 46 ? 3.31768   -6.65335  7.02308   1.000 17.26243 ? 46  PRO A C    1 
ATOM   745  O O    . PRO A 1 46 ? 4.38522   -6.56353  7.63010   1.000 22.35088 ? 46  PRO A O    1 
ATOM   746  C CB   . PRO A 1 46 ? 2.98165   -9.11210  6.50619   1.000 21.12992 ? 46  PRO A CB   1 
ATOM   747  C CG   . PRO A 1 46 ? 3.58378   -9.99813  5.43863   1.000 23.65918 ? 46  PRO A CG   1 
ATOM   748  C CD   . PRO A 1 46 ? 4.72231   -9.18485  4.84868   1.000 27.05588 ? 46  PRO A CD   1 
ATOM   749  H HA   . PRO A 1 46 ? 2.31525   -7.48041  5.42165   1.000 23.87236 ? 46  PRO A HA   1 
ATOM   750  H HB2  . PRO A 1 46 ? 3.47493   -9.18147  7.33852   1.000 25.63683 ? 46  PRO A HB2  1 
ATOM   751  H HB3  . PRO A 1 46 ? 2.04774   -9.32786  6.65505   1.000 25.63683 ? 46  PRO A HB3  1 
ATOM   752  H HG2  . PRO A 1 46 ? 3.91404   -10.81840 5.83737   1.000 28.67195 ? 46  PRO A HG2  1 
ATOM   753  H HG3  . PRO A 1 46 ? 2.91752   -10.20209 4.76381   1.000 28.67195 ? 46  PRO A HG3  1 
ATOM   754  H HD2  . PRO A 1 46 ? 5.55274   -9.36248  5.31745   1.000 32.74799 ? 46  PRO A HD2  1 
ATOM   755  H HD3  . PRO A 1 46 ? 4.82807   -9.37389  3.90318   1.000 32.74799 ? 46  PRO A HD3  1 
ATOM   756  N N    . GLY A 1 47 ? 2.28423   -5.85244  7.25544   1.000 19.30344 ? 47  GLY A N    1 
ATOM   757  C CA   . GLY A 1 47 ? 2.33649   -4.76698  8.20581   1.000 19.72064 ? 47  GLY A CA   1 
ATOM   758  C C    . GLY A 1 47 ? 2.57096   -3.40303  7.59001   1.000 23.46194 ? 47  GLY A C    1 
ATOM   759  O O    . GLY A 1 47 ? 2.28746   -2.38744  8.23964   1.000 26.54008 ? 47  GLY A O    1 
ATOM   760  H H    . GLY A 1 47 ? 1.52401   -5.92595  6.86014   1.000 23.44507 ? 47  GLY A H    1 
ATOM   761  H HA2  . GLY A 1 47 ? 1.49595   -4.73439  8.68886   1.000 23.94570 ? 47  GLY A HA2  1 
ATOM   762  H HA3  . GLY A 1 47 ? 3.05555   -4.93683  8.83431   1.000 23.94570 ? 47  GLY A HA3  1 
ATOM   763  N N    . ASP A 1 48 ? 3.08718   -3.35422  6.36619   1.000 16.78964 ? 48  ASP A N    1 
ATOM   764  C CA   . ASP A 1 48 ? 3.27015   -2.10365  5.65279   1.000 18.24449 ? 48  ASP A CA   1 
ATOM   765  C C    . ASP A 1 48 ? 1.93442   -1.60951  5.10583   1.000 16.68364 ? 48  ASP A C    1 
ATOM   766  O O    . ASP A 1 48 ? 1.01162   -2.38676  4.85509   1.000 20.79028 ? 48  ASP A O    1 
ATOM   767  C CB   . ASP A 1 48 ? 4.26347   -2.28323  4.50226   1.000 18.42427 ? 48  ASP A CB   1 
ATOM   768  C CG   . ASP A 1 48 ? 5.68599   -2.56206  4.97711   1.000 18.27711 ? 48  ASP A CG   1 
ATOM   769  O OD1  . ASP A 1 48 ? 5.93399   -2.51754  6.20840   1.000 21.75908 ? 48  ASP A OD1  1 
ATOM   770  O OD2  . ASP A 1 48 ? 6.55262   -2.85533  4.11087   1.000 21.20159 ? 48  ASP A OD2  1 
ATOM   771  H H    . ASP A 1 48 ? 3.34277   -4.04508  5.92234   1.000 20.42851 ? 48  ASP A H    1 
ATOM   772  H HA   . ASP A 1 48 ? 3.62475   -1.43417  6.25856   1.000 22.17432 ? 48  ASP A HA   1 
ATOM   773  H HB2  . ASP A 1 48 ? 3.97931   -3.03214  3.95519   1.000 22.39006 ? 48  ASP A HB2  1 
ATOM   774  H HB3  . ASP A 1 48 ? 4.27986   -1.47175  3.97110   1.000 22.39006 ? 48  ASP A HB3  1 
ATOM   775  N N    . TRP A 1 49 ? 1.84661   -0.30316  4.89287   1.000 17.70037 ? 49  TRP A N    1 
ATOM   776  C CA   . TRP A 1 49 ? 0.67135   0.33099   4.31673   1.000 15.93972 ? 49  TRP A CA   1 
ATOM   777  C C    . TRP A 1 49 ? 1.00601   0.86202   2.92945   1.000 17.69138 ? 49  TRP A C    1 
ATOM   778  O O    . TRP A 1 49 ? 2.14387   1.26537   2.64797   1.000 18.54708 ? 49  TRP A O    1 
ATOM   779  C CB   . TRP A 1 49 ? 0.15302   1.46648   5.21442   1.000 24.52590 ? 49  TRP A CB   1 
ATOM   780  C CG   . TRP A 1 49 ? -0.47223  0.99897   6.48552   1.000 20.09931 ? 49  TRP A CG   1 
ATOM   781  C CD1  . TRP A 1 49 ? 0.15447   0.36928   7.51938   1.000 28.08985 ? 49  TRP A CD1  1 
ATOM   782  C CD2  . TRP A 1 49 ? -1.85917  1.09491   6.85471   1.000 24.19794 ? 49  TRP A CD2  1 
ATOM   783  N NE1  . TRP A 1 49 ? -0.75094  0.08096   8.51648   1.000 30.28574 ? 49  TRP A NE1  1 
ATOM   784  C CE2  . TRP A 1 49 ? -1.98917  0.52669   8.13712   1.000 22.31936 ? 49  TRP A CE2  1 
ATOM   785  C CE3  . TRP A 1 49 ? -2.99428  1.63671   6.24091   1.000 34.85409 ? 49  TRP A CE3  1 
ATOM   786  C CZ2  . TRP A 1 49 ? -3.20812  0.46650   8.80778   1.000 29.81956 ? 49  TRP A CZ2  1 
ATOM   787  C CZ3  . TRP A 1 49 ? -4.20824  1.57022   6.91332   1.000 37.94589 ? 49  TRP A CZ3  1 
ATOM   788  C CH2  . TRP A 1 49 ? -4.30097  0.99351   8.18095   1.000 32.14433 ? 49  TRP A CH2  1 
ATOM   789  H H    . TRP A 1 49 ? 2.47520   0.25307   5.08018   1.000 21.52138 ? 49  TRP A H    1 
ATOM   790  H HA   . TRP A 1 49 ? -0.04342  -0.31884  4.22880   1.000 19.40860 ? 49  TRP A HA   1 
ATOM   791  H HB2  . TRP A 1 49 ? 0.89735   2.04343   5.44681   1.000 29.71202 ? 49  TRP A HB2  1 
ATOM   792  H HB3  . TRP A 1 49 ? -0.51613  1.96939   4.72430   1.000 29.71202 ? 49  TRP A HB3  1 
ATOM   793  H HD1  . TRP A 1 49 ? 1.06115   0.16424   7.54741   1.000 33.98875 ? 49  TRP A HD1  1 
ATOM   794  H HE1  . TRP A 1 49 ? -0.56824  -0.31507  9.25770   1.000 36.62383 ? 49  TRP A HE1  1 
ATOM   795  H HE3  . TRP A 1 49 ? -2.93719  2.03259   5.40133   1.000 42.10584 ? 49  TRP A HE3  1 
ATOM   796  H HZ2  . TRP A 1 49 ? -3.27548  0.08149   9.65165   1.000 36.06441 ? 49  TRP A HZ2  1 
ATOM   797  H HZ3  . TRP A 1 49 ? -4.97246  1.91603   6.51173   1.000 45.81600 ? 49  TRP A HZ3  1 
ATOM   798  H HH2  . TRP A 1 49 ? -5.12632  0.96753   8.60875   1.000 38.85413 ? 49  TRP A HH2  1 
ATOM   799  N N    . VAL A 1 50 ? -0.00030  0.87732   2.06234   1.000 17.57048 ? 50  VAL A N    1 
ATOM   800  C CA   . VAL A 1 50 ? 0.19266   1.27468   0.67598   1.000 18.42733 ? 50  VAL A CA   1 
ATOM   801  C C    . VAL A 1 50 ? -1.03044  2.02890   0.17050   1.000 15.78580 ? 50  VAL A C    1 
ATOM   802  O O    . VAL A 1 50 ? -2.13681  1.92079   0.70869   1.000 19.75241 ? 50  VAL A O    1 
ATOM   803  C CB   . VAL A 1 50 ? 0.47141   0.06050   -0.25307  1.000 19.00642 ? 50  VAL A CB   1 
ATOM   804  C CG1  . VAL A 1 50 ? 1.73957   -0.65516  0.15433   1.000 21.61967 ? 50  VAL A CG1  1 
ATOM   805  C CG2  . VAL A 1 50 ? -0.73185  -0.88877  -0.25023  1.000 21.89727 ? 50  VAL A CG2  1 
ATOM   806  H H    . VAL A 1 50 ? -0.80937  0.65982   2.25650   1.000 21.36551 ? 50  VAL A H    1 
ATOM   807  H HA   . VAL A 1 50 ? 0.94921   1.88082   0.64260   1.000 22.39373 ? 50  VAL A HA   1 
ATOM   808  H HB   . VAL A 1 50 ? 0.60330   0.37835   -1.15998  1.000 23.08863 ? 50  VAL A HB   1 
ATOM   809  H HG11 . VAL A 1 50 ? 1.92319   -1.36104  -0.48512  1.000 26.22453 ? 50  VAL A HG11 1 
ATOM   810  H HG12 . VAL A 1 50 ? 2.47186   -0.01912  0.16426   1.000 26.22453 ? 50  VAL A HG12 1 
ATOM   811  H HG13 . VAL A 1 50 ? 1.61823   -1.03372  1.03913   1.000 26.22453 ? 50  VAL A HG13 1 
ATOM   812  H HG21 . VAL A 1 50 ? -0.48986  -1.70674  -0.71205  1.000 26.55765 ? 50  VAL A HG21 1 
ATOM   813  H HG22 . VAL A 1 50 ? -0.97570  -1.08679  0.66749   1.000 26.55765 ? 50  VAL A HG22 1 
ATOM   814  H HG23 . VAL A 1 50 ? -1.47376  -0.45959  -0.70439  1.000 26.55765 ? 50  VAL A HG23 1 
ATOM   815  N N    . ILE A 1 51 ? -0.81120  2.77130   -0.91305  1.000 15.69096 ? 51  ILE A N    1 
ATOM   816  C CA   . ILE A 1 51 ? -1.86688  3.31678   -1.75660  1.000 19.55194 ? 51  ILE A CA   1 
ATOM   817  C C    . ILE A 1 51 ? -1.62392  2.77579   -3.15580  1.000 17.52589 ? 51  ILE A C    1 
ATOM   818  O O    . ILE A 1 51 ? -0.49637  2.83634   -3.65509  1.000 19.59806 ? 51  ILE A O    1 
ATOM   819  C CB   . ILE A 1 51 ? -1.87684  4.85835   -1.75435  1.000 20.55272 ? 51  ILE A CB   1 
ATOM   820  C CG1  . ILE A 1 51 ? -2.21103  5.37212   -0.34854  1.000 21.18614 ? 51  ILE A CG1  1 
ATOM   821  C CG2  . ILE A 1 51 ? -2.86996  5.38806   -2.77596  1.000 23.56988 ? 51  ILE A CG2  1 
ATOM   822  C CD1  . ILE A 1 51 ? -2.19346  6.88782   -0.21383  1.000 22.64532 ? 51  ILE A CD1  1 
ATOM   823  H H    . ILE A 1 51 ? -0.02410  2.98014   -1.18958  1.000 19.11008 ? 51  ILE A H    1 
ATOM   824  H HA   . ILE A 1 51 ? -2.73492  3.02314   -1.43854  1.000 23.74326 ? 51  ILE A HA   1 
ATOM   825  H HB   . ILE A 1 51 ? -0.99490  5.17791   -2.00124  1.000 24.94420 ? 51  ILE A HB   1 
ATOM   826  H HG12 . ILE A 1 51 ? -3.10037  5.06659   -0.11056  1.000 25.70430 ? 51  ILE A HG12 1 
ATOM   827  H HG13 . ILE A 1 51 ? -1.55953  5.01447   0.27478   1.000 25.70430 ? 51  ILE A HG13 1 
ATOM   828  H HG21 . ILE A 1 51 ? -2.91020  6.35466   -2.70553  1.000 28.56479 ? 51  ILE A HG21 1 
ATOM   829  H HG22 . ILE A 1 51 ? -2.57547  5.13310   -3.66431  1.000 28.56479 ? 51  ILE A HG22 1 
ATOM   830  H HG23 . ILE A 1 51 ? -3.74319  5.00656   -2.59476  1.000 28.56479 ? 51  ILE A HG23 1 
ATOM   831  H HD11 . ILE A 1 51 ? -2.09950  7.12052   0.72315   1.000 27.45532 ? 51  ILE A HD11 1 
ATOM   832  H HD12 . ILE A 1 51 ? -1.44460  7.24111   -0.71910  1.000 27.45532 ? 51  ILE A HD12 1 
ATOM   833  H HD13 . ILE A 1 51 ? -3.02533  7.24545   -0.56166  1.000 27.45532 ? 51  ILE A HD13 1 
ATOM   834  N N    . VAL A 1 52 ? -2.66432  2.22280   -3.77413  1.000 18.88207 ? 52  VAL A N    1 
ATOM   835  C CA   . VAL A 1 52 ? -2.62427  1.81666   -5.17603  1.000 16.98342 ? 52  VAL A CA   1 
ATOM   836  C C    . VAL A 1 52 ? -3.27705  2.92241   -5.98391  1.000 23.52443 ? 52  VAL A C    1 
ATOM   837  O O    . VAL A 1 52 ? -4.44193  3.25659   -5.74059  1.000 24.19879 ? 52  VAL A O    1 
ATOM   838  C CB   . VAL A 1 52 ? -3.35038  0.48343   -5.40341  1.000 21.27000 ? 52  VAL A CB   1 
ATOM   839  C CG1  . VAL A 1 52 ? -3.18143  0.03072   -6.83758  1.000 23.25259 ? 52  VAL A CG1  1 
ATOM   840  C CG2  . VAL A 1 52 ? -2.81579  -0.58895  -4.45505  1.000 23.01574 ? 52  VAL A CG2  1 
ATOM   841  H H    . VAL A 1 52 ? -3.42035  2.06965   -3.39394  1.000 22.93941 ? 52  VAL A H    1 
ATOM   842  H HA   . VAL A 1 52 ? -1.70152  1.71140   -5.45594  1.000 20.66103 ? 52  VAL A HA   1 
ATOM   843  H HB   . VAL A 1 52 ? -4.29512  0.61084   -5.22415  1.000 25.80493 ? 52  VAL A HB   1 
ATOM   844  H HG11 . VAL A 1 52 ? -3.54919  -0.86186  -6.93239  1.000 28.18404 ? 52  VAL A HG11 1 
ATOM   845  H HG12 . VAL A 1 52 ? -3.65263  0.64627   -7.42064  1.000 28.18404 ? 52  VAL A HG12 1 
ATOM   846  H HG13 . VAL A 1 52 ? -2.23672  0.02431   -7.05751  1.000 28.18404 ? 52  VAL A HG13 1 
ATOM   847  H HG21 . VAL A 1 52 ? -3.14866  -1.45503  -4.73789  1.000 27.89983 ? 52  VAL A HG21 1 
ATOM   848  H HG22 . VAL A 1 52 ? -1.84627  -0.58155  -4.48434  1.000 27.89983 ? 52  VAL A HG22 1 
ATOM   849  H HG23 . VAL A 1 52 ? -3.12103  -0.39513  -3.55496  1.000 27.89983 ? 52  VAL A HG23 1 
ATOM   850  N N    . ASN A 1 53 ? -2.54183  3.50348   -6.93422  1.000 21.11755 ? 53  ASN A N    1 
ATOM   851  C CA   . ASN A 1 53 ? -3.08138  4.64201   -7.66364  1.000 20.78485 ? 53  ASN A CA   1 
ATOM   852  C C    . ASN A 1 53 ? -3.84503  4.18120   -8.90352  1.000 21.64977 ? 53  ASN A C    1 
ATOM   853  O O    . ASN A 1 53 ? -3.99699  2.98817   -9.16778  1.000 23.24439 ? 53  ASN A O    1 
ATOM   854  C CB   . ASN A 1 53 ? -1.97762  5.65090   -8.00787  1.000 24.69793 ? 53  ASN A CB   1 
ATOM   855  C CG   . ASN A 1 53 ? -1.13897  5.26570   -9.22177  1.000 24.41623 ? 53  ASN A CG   1 
ATOM   856  O OD1  . ASN A 1 53 ? -1.30711  4.20004   -9.80995  1.000 24.05531 ? 53  ASN A OD1  1 
ATOM   857  N ND2  . ASN A 1 53 ? -0.22687  6.16753   -9.61285  1.000 30.31324 ? 53  ASN A ND2  1 
ATOM   858  H H    . ASN A 1 53 ? -1.75000  3.26020   -7.16533  1.000 25.62199 ? 53  ASN A H    1 
ATOM   859  H HA   . ASN A 1 53 ? -3.71481  5.09499   -7.08530  1.000 25.22276 ? 53  ASN A HA   1 
ATOM   860  H HB2  . ASN A 1 53 ? -2.38836  6.50960   -8.19446  1.000 29.91845 ? 53  ASN A HB2  1 
ATOM   861  H HB3  . ASN A 1 53 ? -1.37866  5.72759   -7.24873  1.000 29.91845 ? 53  ASN A HB3  1 
ATOM   862  H HD21 . ASN A 1 53 ? 0.27517   6.00471   -10.29186 1.000 36.65682 ? 53  ASN A HD21 1 
ATOM   863  H HD22 . ASN A 1 53 ? -0.14395  6.90874   -9.18466  1.000 36.65682 ? 53  ASN A HD22 1 
ATOM   864  N N    . GLU A 1 54 ? -4.34610  5.15481   -9.67029  1.000 28.26966 ? 54  GLU A N    1 
ATOM   865  C CA   . GLU A 1 54 ? -5.24918  4.84151   -10.77186 1.000 25.91294 ? 54  GLU A CA   1 
ATOM   866  C C    . GLU A 1 54 ? -4.59570  3.94207   -11.81127 1.000 26.70999 ? 54  GLU A C    1 
ATOM   867  O O    . GLU A 1 54 ? -5.29043  3.19893   -12.51473 1.000 30.20472 ? 54  GLU A O    1 
ATOM   868  C CB   . GLU A 1 54 ? -5.72331  6.12804   -11.44242 1.000 26.88457 ? 54  GLU A CB   1 
ATOM   869  C CG   . GLU A 1 54 ? -6.31028  7.16691   -10.51109 1.000 37.01159 ? 54  GLU A CG   1 
ATOM   870  C CD   . GLU A 1 54 ? -5.33022  8.28535   -10.20009 1.000 42.76585 ? 54  GLU A CD   1 
ATOM   871  O OE1  . GLU A 1 54 ? -4.16832  7.97373   -9.85429  1.000 41.67635 ? 54  GLU A OE1  1 
ATOM   872  O OE2  . GLU A 1 54 ? -5.71301  9.47354   -10.32837 1.000 42.17671 ? 54  GLU A OE2  1 
ATOM   873  H H    . GLU A 1 54 ? -4.17937  5.99283   -9.57270  1.000 34.20453 ? 54  GLU A H    1 
ATOM   874  H HA   . GLU A 1 54 ? -6.01773  4.37572   -10.40680 1.000 31.37646 ? 54  GLU A HA   1 
ATOM   875  H HB2  . GLU A 1 54 ? -4.96584  6.53617   -11.89027 1.000 32.54242 ? 54  GLU A HB2  1 
ATOM   876  H HB3  . GLU A 1 54 ? -6.40845  5.90032   -12.09021 1.000 32.54242 ? 54  GLU A HB3  1 
ATOM   877  H HG2  . GLU A 1 54 ? -7.09374  7.55958   -10.92690 1.000 44.69484 ? 54  GLU A HG2  1 
ATOM   878  H HG3  . GLU A 1 54 ? -6.55667  6.74090   -9.67520  1.000 44.69484 ? 54  GLU A HG3  1 
ATOM   879  N N    . ASP A 1 55 ? -3.27328  3.99318   -11.92555 1.000 20.73926 ? 55  ASP A N    1 
ATOM   880  C CA   . ASP A 1 55 ? -2.53041  3.20018   -12.89524 1.000 18.41922 ? 55  ASP A CA   1 
ATOM   881  C C    . ASP A 1 55 ? -2.10080  1.84803   -12.34561 1.000 22.89419 ? 55  ASP A C    1 
ATOM   882  O O    . ASP A 1 55 ? -1.40312  1.10178   -13.04253 1.000 27.89602 ? 55  ASP A O    1 
ATOM   883  C CB   . ASP A 1 55 ? -1.29794  3.98726   -13.35496 1.000 20.22304 ? 55  ASP A CB   1 
ATOM   884  C CG   . ASP A 1 55 ? -0.89954  3.68237   -14.79250 1.000 22.81674 ? 55  ASP A CG   1 
ATOM   885  O OD1  . ASP A 1 55 ? -1.72850  3.88916   -15.70786 1.000 22.67435 ? 55  ASP A OD1  1 
ATOM   886  O OD2  . ASP A 1 55 ? 0.25583   3.25192   -15.00289 1.000 24.02723 ? 55  ASP A OD2  1 
ATOM   887  H H    . ASP A 1 55 ? -2.77089  4.49359   -11.43893 1.000 25.16804 ? 55  ASP A H    1 
ATOM   888  H HA   . ASP A 1 55 ? -3.09170  3.03434   -13.66876 1.000 22.38400 ? 55  ASP A HA   1 
ATOM   889  H HB2  . ASP A 1 55 ? -1.48871  4.93627   -13.29251 1.000 24.54858 ? 55  ASP A HB2  1 
ATOM   890  H HB3  . ASP A 1 55 ? -0.54811  3.76123   -12.78262 1.000 24.54858 ? 55  ASP A HB3  1 
ATOM   891  N N    . GLY A 1 56 ? -2.48753  1.52143   -11.11727 1.000 23.10224 ? 56  GLY A N    1 
ATOM   892  C CA   . GLY A 1 56 ? -2.08133  0.27369   -10.51500 1.000 19.37229 ? 56  GLY A CA   1 
ATOM   893  C C    . GLY A 1 56 ? -0.73253  0.31112   -9.84102  1.000 23.03340 ? 56  GLY A C    1 
ATOM   894  O O    . GLY A 1 56 ? -0.19086  -0.75041  -9.51490  1.000 23.37823 ? 56  GLY A O    1 
ATOM   895  H H    . GLY A 1 56 ? -2.98645  2.01117   -10.61644 1.000 28.00362 ? 56  GLY A H    1 
ATOM   896  H HA2  . GLY A 1 56 ? -2.73928  0.02067   -9.84868  1.000 23.52768 ? 56  GLY A HA2  1 
ATOM   897  H HA3  . GLY A 1 56 ? -2.05041  -0.40899  -11.20342 1.000 23.52768 ? 56  GLY A HA3  1 
ATOM   898  N N    . LYS A 1 57 ? -0.14766  1.49484   -9.66684  1.000 22.47012 ? 57  LYS A N    1 
ATOM   899  C CA   . LYS A 1 57 ? 1.17032   1.61019   -9.06063  1.000 21.81877 ? 57  LYS A CA   1 
ATOM   900  C C    . LYS A 1 57 ? 1.06509   1.52505   -7.54485  1.000 20.89537 ? 57  LYS A C    1 
ATOM   901  O O    . LYS A 1 57 ? 0.18556   2.13898   -6.93359  1.000 21.90977 ? 57  LYS A O    1 
ATOM   902  C CB   . LYS A 1 57 ? 1.83685   2.92338   -9.46881  1.000 22.66048 ? 57  LYS A CB   1 
ATOM   903  C CG   . LYS A 1 57 ? 3.19729   3.13507   -8.84557  1.000 20.22363 ? 57  LYS A CG   1 
ATOM   904  C CD   . LYS A 1 57 ? 3.90773   4.32317   -9.48603  1.000 25.18526 ? 57  LYS A CD   1 
ATOM   905  C CE   . LYS A 1 57 ? 5.18425   4.64834   -8.72748  1.000 33.23847 ? 57  LYS A CE   1 
ATOM   906  N NZ   . LYS A 1 57 ? 6.06415   3.45485   -8.55708  1.000 44.53218 ? 57  LYS A NZ   1 
ATOM   907  H H    . LYS A 1 57 ? -0.49708  2.24737   -9.89313  1.000 27.24508 ? 57  LYS A H    1 
ATOM   908  H HA   . LYS A 1 57 ? 1.72571   0.87757   -9.37000  1.000 26.46345 ? 57  LYS A HA   1 
ATOM   909  H HB2  . LYS A 1 57 ? 1.94822   2.93019   -10.43238 1.000 27.47351 ? 57  LYS A HB2  1 
ATOM   910  H HB3  . LYS A 1 57 ? 1.26798   3.65995   -9.19538  1.000 27.47351 ? 57  LYS A HB3  1 
ATOM   911  H HG2  . LYS A 1 57 ? 3.09520   3.31214   -7.89735  1.000 24.54929 ? 57  LYS A HG2  1 
ATOM   912  H HG3  . LYS A 1 57 ? 3.74127   2.34303   -8.97847  1.000 24.54929 ? 57  LYS A HG3  1 
ATOM   913  H HD2  . LYS A 1 57 ? 4.13888   4.10846   -10.40329 1.000 30.50325 ? 57  LYS A HD2  1 
ATOM   914  H HD3  . LYS A 1 57 ? 3.32764   5.10027   -9.46327  1.000 30.50325 ? 57  LYS A HD3  1 
ATOM   915  H HE2  . LYS A 1 57 ? 5.68179   5.32202   -9.21688  1.000 40.16710 ? 57  LYS A HE2  1 
ATOM   916  H HE3  . LYS A 1 57 ? 4.95396   4.98115   -7.84594  1.000 40.16710 ? 57  LYS A HE3  1 
ATOM   917  H HZ1  . LYS A 1 57 ? 6.81822   3.68876   -8.14625  1.000 53.71955 ? 57  LYS A HZ1  1 
ATOM   918  H HZ2  . LYS A 1 57 ? 5.64868   2.83758   -8.06875  1.000 53.71955 ? 57  LYS A HZ2  1 
ATOM   919  H HZ3  . LYS A 1 57 ? 6.26393   3.10797   -9.35199  1.000 53.71955 ? 57  LYS A HZ3  1 
ATOM   920  N N    . LEU A 1 58 ? 1.96211   0.75715   -6.94312  1.000 22.02270 ? 58  LEU A N    1 
ATOM   921  C CA   . LEU A 1 58 ? 2.04913   0.66977   -5.49335  1.000 23.03014 ? 58  LEU A CA   1 
ATOM   922  C C    . LEU A 1 58 ? 2.82882   1.86091   -4.94532  1.000 22.96256 ? 58  LEU A C    1 
ATOM   923  O O    . LEU A 1 58 ? 3.97737   2.08989   -5.34003  1.000 24.62228 ? 58  LEU A O    1 
ATOM   924  C CB   . LEU A 1 58 ? 2.72967   -0.63371  -5.09775  1.000 24.16562 ? 58  LEU A CB   1 
ATOM   925  C CG   . LEU A 1 58 ? 1.93615   -1.92948  -5.21233  1.000 26.76052 ? 58  LEU A CG   1 
ATOM   926  C CD1  . LEU A 1 58 ? 2.86437   -3.12835  -4.95187  1.000 25.11487 ? 58  LEU A CD1  1 
ATOM   927  C CD2  . LEU A 1 58 ? 0.77023   -1.91265  -4.23589  1.000 32.27386 ? 58  LEU A CD2  1 
ATOM   928  H H    . LEU A 1 58 ? 2.53849   0.27114   -7.35685  1.000 26.70817 ? 58  LEU A H    1 
ATOM   929  H HA   . LEU A 1 58 ? 1.15635   0.69081   -5.11470  1.000 27.91710 ? 58  LEU A HA   1 
ATOM   930  H HB2  . LEU A 1 58 ? 3.51265   -0.73796  -5.66076  1.000 29.27968 ? 58  LEU A HB2  1 
ATOM   931  H HB3  . LEU A 1 58 ? 2.99722   -0.55425  -4.16878  1.000 29.27968 ? 58  LEU A HB3  1 
ATOM   932  H HG   . LEU A 1 58 ? 1.57066   -2.02095  -6.10617  1.000 32.39356 ? 58  LEU A HG   1 
ATOM   933  H HD11 . LEU A 1 58 ? 2.34706   -3.94681  -5.01030  1.000 30.41878 ? 58  LEU A HD11 1 
ATOM   934  H HD12 . LEU A 1 58 ? 3.56828   -3.13359  -5.61924  1.000 30.41878 ? 58  LEU A HD12 1 
ATOM   935  H HD13 . LEU A 1 58 ? 3.24939   -3.04296  -4.06566  1.000 30.41878 ? 58  LEU A HD13 1 
ATOM   936  H HD21 . LEU A 1 58 ? 0.36943   -2.79552  -4.20738  1.000 39.00956 ? 58  LEU A HD21 1 
ATOM   937  H HD22 . LEU A 1 58 ? 1.09865   -1.66989  -3.35606  1.000 39.00956 ? 58  LEU A HD22 1 
ATOM   938  H HD23 . LEU A 1 58 ? 0.11634   -1.26207  -4.53601  1.000 39.00956 ? 58  LEU A HD23 1 
ATOM   939  N N    . LEU A 1 59 ? 2.19979   2.63024   -4.05957  1.000 17.47301 ? 59  LEU A N    1 
ATOM   940  C CA   . LEU A 1 59 ? 2.83240   3.76146   -3.39131  1.000 18.87800 ? 59  LEU A CA   1 
ATOM   941  C C    . LEU A 1 59 ? 2.99961   3.43032   -1.91436  1.000 19.19963 ? 59  LEU A C    1 
ATOM   942  O O    . LEU A 1 59 ? 2.02145   3.09419   -1.23799  1.000 20.63719 ? 59  LEU A O    1 
ATOM   943  C CB   . LEU A 1 59 ? 1.99946   5.03198   -3.56936  1.000 18.35439 ? 59  LEU A CB   1 
ATOM   944  C CG   . LEU A 1 59 ? 1.66465   5.44004   -5.00846  1.000 22.17065 ? 59  LEU A CG   1 
ATOM   945  C CD1  . LEU A 1 59 ? 0.81786   6.71105   -5.04824  1.000 27.76495 ? 59  LEU A CD1  1 
ATOM   946  C CD2  . LEU A 1 59 ? 2.94571   5.59748   -5.82039  1.000 25.38944 ? 59  LEU A CD2  1 
ATOM   947  H H    . LEU A 1 59 ? 1.38140   2.51167   -3.82340  1.000 21.24855 ? 59  LEU A H    1 
ATOM   948  H HA   . LEU A 1 59 ? 3.71075   3.92429   -3.76931  1.000 22.93453 ? 59  LEU A HA   1 
ATOM   949  H HB2  . LEU A 1 59 ? 1.15649   4.90491   -3.10660  1.000 22.30620 ? 59  LEU A HB2  1 
ATOM   950  H HB3  . LEU A 1 59 ? 2.48854   5.76910   -3.17144  1.000 22.30620 ? 59  LEU A HB3  1 
ATOM   951  H HG   . LEU A 1 59 ? 1.13251   4.74008   -5.41807  1.000 26.88571 ? 59  LEU A HG   1 
ATOM   952  H HD11 . LEU A 1 59 ? 0.59608   6.91403   -5.97047  1.000 33.59888 ? 59  LEU A HD11 1 
ATOM   953  H HD12 . LEU A 1 59 ? 0.00633   6.56598   -4.53710  1.000 33.59888 ? 59  LEU A HD12 1 
ATOM   954  H HD13 . LEU A 1 59 ? 1.32608   7.44133   -4.66182  1.000 33.59888 ? 59  LEU A HD13 1 
ATOM   955  H HD21 . LEU A 1 59 ? 2.72081   5.92771   -6.70428  1.000 30.74826 ? 59  LEU A HD21 1 
ATOM   956  H HD22 . LEU A 1 59 ? 3.52937   6.22808   -5.37028  1.000 30.74826 ? 59  LEU A HD22 1 
ATOM   957  H HD23 . LEU A 1 59 ? 3.38288   4.73447   -5.89104  1.000 30.74826 ? 59  LEU A HD23 1 
ATOM   958  N N    . HIS A 1 60 ? 4.23285   3.54100   -1.41781  1.000 18.26909 ? 60  HIS A N    1 
ATOM   959  C CA   . HIS A 1 60 ? 4.58859   3.05278   -0.09005  1.000 19.16432 ? 60  HIS A CA   1 
ATOM   960  C C    . HIS A 1 60 ? 4.35807   4.13703   0.95156   1.000 17.67470 ? 60  HIS A C    1 
ATOM   961  O O    . HIS A 1 60 ? 4.97018   5.20613   0.87470   1.000 18.20916 ? 60  HIS A O    1 
ATOM   962  C CB   . HIS A 1 60 ? 6.05039   2.60697   -0.05499  1.000 22.24988 ? 60  HIS A CB   1 
ATOM   963  C CG   . HIS A 1 60 ? 6.38666   1.53277   -1.04892  1.000 29.05841 ? 60  HIS A CG   1 
ATOM   964  N ND1  . HIS A 1 60 ? 6.06124   1.61115   -2.38780  1.000 41.12389 ? 60  HIS A ND1  1 
ATOM   965  C CD2  . HIS A 1 60 ? 7.02005   0.34721   -0.88897  1.000 38.36332 ? 60  HIS A CD2  1 
ATOM   966  C CE1  . HIS A 1 60 ? 6.48025   0.52068   -3.00753  1.000 27.88136 ? 60  HIS A CE1  1 
ATOM   967  N NE2  . HIS A 1 60 ? 7.06873   -0.26015  -2.12033  1.000 40.72727 ? 60  HIS A NE2  1 
ATOM   968  H H    . HIS A 1 60 ? 4.88984   3.90143   -1.83976  1.000 22.20385 ? 60  HIS A H    1 
ATOM   969  H HA   . HIS A 1 60 ? 4.01704   2.29839   0.12238   1.000 23.27812 ? 60  HIS A HA   1 
ATOM   970  H HB2  . HIS A 1 60 ? 6.61356   3.37303   -0.24703  1.000 26.98078 ? 60  HIS A HB2  1 
ATOM   971  H HB3  . HIS A 1 60 ? 6.24910   2.26260   0.82978   1.000 26.98078 ? 60  HIS A HB3  1 
ATOM   972  H HD1  . HIS A 1 60 ? 5.64971   2.26749   -2.76124  1.000 49.62961 ? 60  HIS A HD1  1 
ATOM   973  H HD2  . HIS A 1 60 ? 7.35948   0.00681   -0.09285  1.000 46.31691 ? 60  HIS A HD2  1 
ATOM   974  H HE1  . HIS A 1 60 ? 6.37792   0.33553   -3.91316  1.000 33.73856 ? 60  HIS A HE1  1 
ATOM   975  N N    . VAL A 1 61 ? 3.51878   3.84557   1.94711   1.000 18.51384 ? 61  VAL A N    1 
ATOM   976  C CA   . VAL A 1 61 ? 3.27772   4.80643   3.02001   1.000 19.35870 ? 61  VAL A CA   1 
ATOM   977  C C    . VAL A 1 61 ? 4.50199   4.84573   3.92444   1.000 18.72836 ? 61  VAL A C    1 
ATOM   978  O O    . VAL A 1 61 ? 4.88495   3.83355   4.52388   1.000 21.34972 ? 61  VAL A O    1 
ATOM   979  C CB   . VAL A 1 61 ? 2.00665   4.46250   3.80825   1.000 20.65880 ? 61  VAL A CB   1 
ATOM   980  C CG1  . VAL A 1 61 ? 1.88244   5.32832   5.04062   1.000 20.95667 ? 61  VAL A CG1  1 
ATOM   981  C CG2  . VAL A 1 61 ? 0.78554   4.62761   2.91155   1.000 22.90479 ? 61  VAL A CG2  1 
ATOM   982  H H    . VAL A 1 61 ? 3.08319   3.10782   2.02192   1.000 22.49754 ? 61  VAL A H    1 
ATOM   983  H HA   . VAL A 1 61 ? 3.15367   5.68669   2.63186   1.000 23.51138 ? 61  VAL A HA   1 
ATOM   984  H HB   . VAL A 1 61 ? 2.05710   3.53986   4.10334   1.000 25.07149 ? 61  VAL A HB   1 
ATOM   985  H HG11 . VAL A 1 61 ? 0.99097   5.22692   5.40928   1.000 25.42894 ? 61  VAL A HG11 1 
ATOM   986  H HG12 . VAL A 1 61 ? 2.54378   5.04709   5.69212   1.000 25.42894 ? 61  VAL A HG12 1 
ATOM   987  H HG13 . VAL A 1 61 ? 2.03471   6.25375   4.79305   1.000 25.42894 ? 61  VAL A HG13 1 
ATOM   988  H HG21 . VAL A 1 61 ? -0.00945  4.38913   3.41354   1.000 27.76668 ? 61  VAL A HG21 1 
ATOM   989  H HG22 . VAL A 1 61 ? 0.72905   5.55164   2.62192   1.000 27.76668 ? 61  VAL A HG22 1 
ATOM   990  H HG23 . VAL A 1 61 ? 0.87790   4.04473   2.14174   1.000 27.76668 ? 61  VAL A HG23 1 
ATOM   991  N N    . GLN A 1 62 ? 5.10797   6.03215   4.03468   1.000 20.14137 ? 62  GLN A N    1 
ATOM   992  C CA   . GLN A 1 62 ? 6.36565   6.21863   4.74787   1.000 21.73005 ? 62  GLN A CA   1 
ATOM   993  C C    . GLN A 1 62 ? 6.19206   6.76039   6.16029   1.000 25.49171 ? 62  GLN A C    1 
ATOM   994  O O    . GLN A 1 62 ? 7.10940   6.62664   6.97703   1.000 28.48760 ? 62  GLN A O    1 
ATOM   995  C CB   . GLN A 1 62 ? 7.28195   7.18915   3.98246   1.000 22.59920 ? 62  GLN A CB   1 
ATOM   996  C CG   . GLN A 1 62 ? 8.06384   6.60100   2.84658   1.000 29.88986 ? 62  GLN A CG   1 
ATOM   997  C CD   . GLN A 1 62 ? 8.99419   5.49038   3.32139   1.000 22.86891 ? 62  GLN A CD   1 
ATOM   998  O OE1  . GLN A 1 62 ? 8.96394   4.37360   2.80786   1.000 45.62258 ? 62  GLN A OE1  1 
ATOM   999  N NE2  . GLN A 1 62 ? 9.79973   5.79022   4.33573   1.000 30.96245 ? 62  GLN A NE2  1 
ATOM   1000 H H    . GLN A 1 62 ? 4.79958   6.75965   3.69523   1.000 24.45058 ? 62  GLN A H    1 
ATOM   1001 H HA   . GLN A 1 62 ? 6.80515   5.35562   4.80222   1.000 26.35700 ? 62  GLN A HA   1 
ATOM   1002 H HB2  . GLN A 1 62 ? 6.73169   7.89801   3.61417   1.000 27.39998 ? 62  GLN A HB2  1 
ATOM   1003 H HB3  . GLN A 1 62 ? 7.92286   7.55864   4.60985   1.000 27.39998 ? 62  GLN A HB3  1 
ATOM   1004 H HG2  . GLN A 1 62 ? 7.45039   6.22698   2.19490   1.000 36.14877 ? 62  GLN A HG2  1 
ATOM   1005 H HG3  . GLN A 1 62 ? 8.60254   7.29481   2.43509   1.000 36.14877 ? 62  GLN A HG3  1 
ATOM   1006 H HE21 . GLN A 1 62 ? 9.77631   6.57537   4.68586   1.000 37.43587 ? 62  GLN A HE21 1 
ATOM   1007 H HE22 . GLN A 1 62 ? 10.34421  5.19902   4.64171   1.000 37.43587 ? 62  GLN A HE22 1 
ATOM   1008 N N    . GLY A 1 63 ? 5.06999   7.38508   6.45907   1.000 26.59196 ? 63  GLY A N    1 
ATOM   1009 C CA   . GLY A 1 63 ? 4.79592   7.93223   7.76349   1.000 32.71264 ? 63  GLY A CA   1 
ATOM   1010 C C    . GLY A 1 63 ? 4.29811   9.35232   7.64963   1.000 33.11862 ? 63  GLY A C    1 
ATOM   1011 O O    . GLY A 1 63 ? 4.00683   9.85802   6.56069   1.000 24.07272 ? 63  GLY A O    1 
ATOM   1012 H H    . GLY A 1 63 ? 4.42999   7.50693   5.89770   1.000 32.19129 ? 63  GLY A H    1 
ATOM   1013 H HA2  . GLY A 1 63 ? 4.11914   7.39818   8.20807   1.000 39.53611 ? 63  GLY A HA2  1 
ATOM   1014 H HA3  . GLY A 1 63 ? 5.60486   7.92626   8.29873   1.000 39.53611 ? 63  GLY A HA3  1 
ATOM   1015 N N    . SER A 1 64 ? 4.20156   10.00768  8.79448   1.000 22.45672 ? 64  SER A N    1 
ATOM   1016 C CA   . SER A 1 64 ? 3.68210   11.35807  8.88913   1.000 21.72186 ? 64  SER A CA   1 
ATOM   1017 C C    . SER A 1 64 ? 4.82279   12.34694  9.05406   1.000 30.31689 ? 64  SER A C    1 
ATOM   1018 O O    . SER A 1 64 ? 5.92397   11.99047  9.47598   1.000 41.46417 ? 64  SER A O    1 
ATOM   1019 C CB   . SER A 1 64 ? 2.71177   11.46497  10.06465  1.000 31.83115 ? 64  SER A CB   1 
ATOM   1020 O OG   . SER A 1 64 ? 1.70175   10.46048  9.99483   1.000 52.36234 ? 64  SER A OG   1 
ATOM   1021 H H    . SER A 1 64 ? 4.43836   9.67983   9.55346   1.000 27.22900 ? 64  SER A H    1 
ATOM   1022 H HA   . SER A 1 64 ? 3.20449   11.59056  8.07751   1.000 26.34716 ? 64  SER A HA   1 
ATOM   1023 H HB2  . SER A 1 64 ? 3.20692   11.35550  10.89154  1.000 38.47831 ? 64  SER A HB2  1 
ATOM   1024 H HB3  . SER A 1 64 ? 2.28873   12.33762  10.04431  1.000 38.47831 ? 64  SER A HB3  1 
ATOM   1025 H HG   . SER A 1 64 ? 1.14420   10.57020  10.61346  1.000 63.11575 ? 64  SER A HG   1 
ATOM   1026 N N    . LEU A 1 65 ? 4.55851   13.58349  8.66166   1.000 25.65604 ? 65  LEU A N    1 
ATOM   1027 C CA   . LEU A 1 65 ? 5.49331   14.68397  8.82141   1.000 25.08168 ? 65  LEU A CA   1 
ATOM   1028 C C    . LEU A 1 65 ? 5.03130   15.56490  9.97504   1.000 30.62845 ? 65  LEU A C    1 
ATOM   1029 O O    . LEU A 1 65 ? 3.83569   15.84763  10.10988  1.000 32.24488 ? 65  LEU A O    1 
ATOM   1030 C CB   . LEU A 1 65 ? 5.59083   15.49809  7.53393   1.000 26.42519 ? 65  LEU A CB   1 
ATOM   1031 C CG   . LEU A 1 65 ? 6.02640   14.72551  6.28957   1.000 21.46771 ? 65  LEU A CG   1 
ATOM   1032 C CD1  . LEU A 1 65 ? 5.87592   15.62173  5.06220   1.000 24.49866 ? 65  LEU A CD1  1 
ATOM   1033 C CD2  . LEU A 1 65 ? 7.44101   14.18519  6.40030   1.000 25.32355 ? 65  LEU A CD2  1 
ATOM   1034 H H    . LEU A 1 65 ? 3.82001   13.81715  8.28798   1.000 31.06818 ? 65  LEU A H    1 
ATOM   1035 H HA   . LEU A 1 65 ? 6.38000   14.34789  9.02566   1.000 30.37895 ? 65  LEU A HA   1 
ATOM   1036 H HB2  . LEU A 1 65 ? 4.71714   15.87585  7.34724   1.000 31.99116 ? 65  LEU A HB2  1 
ATOM   1037 H HB3  . LEU A 1 65 ? 6.23665   16.20842  7.67263   1.000 31.99116 ? 65  LEU A HB3  1 
ATOM   1038 H HG   . LEU A 1 65 ? 5.45473   13.94781  6.19324   1.000 26.04219 ? 65  LEU A HG   1 
ATOM   1039 H HD11 . LEU A 1 65 ? 6.15258   15.12771  4.27460   1.000 29.67933 ? 65  LEU A HD11 1 
ATOM   1040 H HD12 . LEU A 1 65 ? 4.94680   15.88697  4.97684   1.000 29.67933 ? 65  LEU A HD12 1 
ATOM   1041 H HD13 . LEU A 1 65 ? 6.43503   16.40649  5.17373   1.000 29.67933 ? 65  LEU A HD13 1 
ATOM   1042 H HD21 . LEU A 1 65 ? 7.67527   13.74102  5.57040   1.000 30.66919 ? 65  LEU A HD21 1 
ATOM   1043 H HD22 . LEU A 1 65 ? 8.04904   14.92310  6.56361   1.000 30.66919 ? 65  LEU A HD22 1 
ATOM   1044 H HD23 . LEU A 1 65 ? 7.48140   13.55427  7.13598   1.000 30.66919 ? 65  LEU A HD23 1 
ATOM   1045 N N    . GLU A 1 66 ? 5.97973   15.96859  10.82211  1.000 26.16225 ? 66  GLU A N    1 
ATOM   1046 C CA   . GLU A 1 66 ? 5.65463   16.74771  12.01309  1.000 32.07913 ? 66  GLU A CA   1 
ATOM   1047 C C    . GLU A 1 66 ? 5.22301   18.16502  11.64450  1.000 36.70776 ? 66  GLU A C    1 
ATOM   1048 O O    . GLU A 1 66 ? 5.81777   18.80360  10.76923  1.000 33.27790 ? 66  GLU A O    1 
ATOM   1049 C CB   . GLU A 1 66 ? 6.86087   16.82222  12.95524  1.000 36.70420 ? 66  GLU A CB   1 
ATOM   1050 C CG   . GLU A 1 66 ? 7.32050   15.50809  13.57630  1.000 43.13681 ? 66  GLU A CG   1 
ATOM   1051 C CD   . GLU A 1 66 ? 8.41814   15.72447  14.63397  1.000 67.60766 ? 66  GLU A CD   1 
ATOM   1052 O OE1  . GLU A 1 66 ? 9.07423   16.79851  14.61682  1.000 68.67315 ? 66  GLU A OE1  1 
ATOM   1053 O OE2  . GLU A 1 66 ? 8.61863   14.82749  15.48779  1.000 73.95082 ? 66  GLU A OE2  1 
ATOM   1054 H H    . GLU A 1 66 ? 6.81859   15.80373  10.72869  1.000 31.67563 ? 66  GLU A H    1 
ATOM   1055 H HA   . GLU A 1 66 ? 4.92189   16.30991  12.47387  1.000 38.77588 ? 66  GLU A HA   1 
ATOM   1056 H HB2  . GLU A 1 66 ? 7.61189   17.17860  12.45537  1.000 44.32598 ? 66  GLU A HB2  1 
ATOM   1057 H HB3  . GLU A 1 66 ? 6.63573   17.41885  13.68615  1.000 44.32598 ? 66  GLU A HB3  1 
ATOM   1058 H HG2  . GLU A 1 66 ? 6.56550   15.07698  14.00642  1.000 52.04510 ? 66  GLU A HG2  1 
ATOM   1059 H HG3  . GLU A 1 66 ? 7.67822   14.93423  12.88086  1.000 52.04510 ? 66  GLU A HG3  1 
ATOM   1060 N N    . HIS A 1 67 ? 4.18099   18.67915  12.34865  1.000 31.19194 ? 67  HIS A N    1 
ATOM   1061 C CA   . HIS A 1 67 ? 3.69302   20.05342  12.14144  1.000 28.70567 ? 67  HIS A CA   1 
ATOM   1062 C C    . HIS A 1 67 ? 3.30709   20.61708  13.51181  1.000 28.03228 ? 67  HIS A C    1 
ATOM   1063 O O    . HIS A 1 67 ? 2.13372   20.67229  13.88505  1.000 34.39903 ? 67  HIS A O    1 
ATOM   1064 C CB   . HIS A 1 67 ? 2.52309   20.09084  11.15488  1.000 23.78083 ? 67  HIS A CB   1 
ATOM   1065 C CG   . HIS A 1 67 ? 2.12081   21.47194  10.73274  1.000 32.71626 ? 67  HIS A CG   1 
ATOM   1066 N ND1  . HIS A 1 67 ? 2.75392   22.14591  9.71214   1.000 25.87678 ? 67  HIS A ND1  1 
ATOM   1067 C CD2  . HIS A 1 67 ? 1.14457   22.29836  11.17946  1.000 29.79376 ? 67  HIS A CD2  1 
ATOM   1068 C CE1  . HIS A 1 67 ? 2.19139   23.33107  9.55161   1.000 31.84037 ? 67  HIS A CE1  1 
ATOM   1069 N NE2  . HIS A 1 67 ? 1.20963   23.44695  10.42736  1.000 33.32060 ? 67  HIS A NE2  1 
ATOM   1070 H H    . HIS A 1 67 ? 3.74656   18.24400  12.94991  1.000 37.71126 ? 67  HIS A H    1 
ATOM   1071 H HA   . HIS A 1 67 ? 4.41008   20.59790  11.78047  1.000 34.72774 ? 67  HIS A HA   1 
ATOM   1072 H HB2  . HIS A 1 67 ? 2.77446   19.60050  10.35659  1.000 28.81793 ? 67  HIS A HB2  1 
ATOM   1073 H HB3  . HIS A 1 67 ? 1.75249   19.67412  11.57132  1.000 28.81793 ? 67  HIS A HB3  1 
ATOM   1074 H HD2  . HIS A 1 67 ? 0.54306   22.12157  11.86636  1.000 36.03345 ? 67  HIS A HD2  1 
ATOM   1075 H HE1  . HIS A 1 67 ? 2.44375   23.97362  8.92843   1.000 38.48938 ? 67  HIS A HE1  1 
ATOM   1076 H HE2  . HIS A 1 67 ? 0.69457   24.13029  10.51316  1.000 40.26566 ? 67  HIS A HE2  1 
ATOM   1077 N N    . HIS A 1 68 ? 4.31657   21.04333  14.26721  1.000 27.63225 ? 68  HIS A N    1 
ATOM   1078 C CA   . HIS A 1 68 ? 4.12802   21.48222  15.64233  1.000 27.75151 ? 68  HIS A CA   1 
ATOM   1079 C C    . HIS A 1 68 ? 3.95357   22.98336  15.76822  1.000 23.86926 ? 68  HIS A C    1 
ATOM   1080 O O    . HIS A 1 68 ? 3.72697   23.47423  16.87893  1.000 26.65415 ? 68  HIS A O    1 
ATOM   1081 C CB   . HIS A 1 68 ? 5.31547   21.03477  16.49568  1.000 31.11884 ? 68  HIS A CB   1 
ATOM   1082 C CG   . HIS A 1 68 ? 5.45842   19.54932  16.58384  1.000 49.87955 ? 68  HIS A CG   1 
ATOM   1083 N ND1  . HIS A 1 68 ? 4.44610   18.68353  16.23053  1.000 49.27740 ? 68  HIS A ND1  1 
ATOM   1084 C CD2  . HIS A 1 68 ? 6.49583   18.77450  16.97543  1.000 38.16852 ? 68  HIS A CD2  1 
ATOM   1085 C CE1  . HIS A 1 68 ? 4.85017   17.43929  16.41315  1.000 41.31864 ? 68  HIS A CE1  1 
ATOM   1086 N NE2  . HIS A 1 68 ? 6.09167   17.46663  16.86206  1.000 49.75396 ? 68  HIS A NE2  1 
ATOM   1087 H H    . HIS A 1 68 ? 5.13243   21.08727  13.99883  1.000 33.43963 ? 68  HIS A H    1 
ATOM   1088 H HA   . HIS A 1 68 ? 3.32640   21.06324  15.99266  1.000 33.58274 ? 68  HIS A HA   1 
ATOM   1089 H HB2  . HIS A 1 68 ? 6.13085   21.38950  16.10811  1.000 37.62355 ? 68  HIS A HB2  1 
ATOM   1090 H HB3  . HIS A 1 68 ? 5.20022   21.37639  17.39620  1.000 37.62355 ? 68  HIS A HB3  1 
ATOM   1091 H HD2  . HIS A 1 68 ? 7.32740   19.07182  17.26696  1.000 46.08316 ? 68  HIS A HD2  1 
ATOM   1092 H HE1  . HIS A 1 68 ? 4.34614   16.67433  16.25285  1.000 49.86330 ? 68  HIS A HE1  1 
ATOM   1093 H HE2  . HIS A 1 68 ? 6.56960   16.77749  17.05253  1.000 59.98569 ? 68  HIS A HE2  1 
ATOM   1094 N N    . HIS A 1 69 ? 4.05849   23.71889  14.66570  1.000 28.98430 ? 69  HIS A N    1 
ATOM   1095 C CA   . HIS A 1 69 ? 4.05668   25.17270  14.71130  1.000 32.27003 ? 69  HIS A CA   1 
ATOM   1096 C C    . HIS A 1 69 ? 3.16837   25.73076  13.61235  1.000 26.82769 ? 69  HIS A C    1 
ATOM   1097 O O    . HIS A 1 69 ? 3.27846   25.33165  12.44836  1.000 28.97837 ? 69  HIS A O    1 
ATOM   1098 C CB   . HIS A 1 69 ? 5.48225   25.71719  14.57923  1.000 28.65816 ? 69  HIS A CB   1 
ATOM   1099 C CG   . HIS A 1 69 ? 6.46189   25.04580  15.48808  1.000 34.41807 ? 69  HIS A CG   1 
ATOM   1100 N ND1  . HIS A 1 69 ? 6.54974   25.33988  16.83127  1.000 37.30009 ? 69  HIS A ND1  1 
ATOM   1101 C CD2  . HIS A 1 69 ? 7.38145   24.08108  15.25228  1.000 40.66711 ? 69  HIS A CD2  1 
ATOM   1102 C CE1  . HIS A 1 69 ? 7.48753   24.59025  17.38296  1.000 36.78241 ? 69  HIS A CE1  1 
ATOM   1103 N NE2  . HIS A 1 69 ? 8.00801   23.81832  16.44598  1.000 43.08105 ? 69  HIS A NE2  1 
ATOM   1104 H H    . HIS A 1 69 ? 4.13247   23.39375  13.87297  1.000 35.06210 ? 69  HIS A H    1 
ATOM   1105 H HA   . HIS A 1 69 ? 3.68383   25.46762  15.55682  1.000 39.00497 ? 69  HIS A HA   1 
ATOM   1106 H HB2  . HIS A 1 69 ? 5.78443   25.58564  13.66694  1.000 34.67073 ? 69  HIS A HB2  1 
ATOM   1107 H HB3  . HIS A 1 69 ? 5.47731   26.66312  14.79394  1.000 34.67073 ? 69  HIS A HB3  1 
ATOM   1108 H HD2  . HIS A 1 69 ? 7.55627   23.67272  14.43523  1.000 49.08147 ? 69  HIS A HD2  1 
ATOM   1109 H HE1  . HIS A 1 69 ? 7.73840   24.60381  18.27838  1.000 44.41983 ? 69  HIS A HE1  1 
ATOM   1110 H HE2  . HIS A 1 69 ? 8.63728   23.24417  16.56419  1.000 51.97819 ? 69  HIS A HE2  1 
ATOM   1111 N N    . HIS A 1 70 ? 2.28989   26.64682  14.00958  1.000 27.10038 ? 70  HIS A N    1 
ATOM   1112 C CA   . HIS A 1 70 ? 1.35855   27.30430  13.10503  1.000 29.35671 ? 70  HIS A CA   1 
ATOM   1113 C C    . HIS A 1 70 ? 2.10800   28.28380  12.21246  1.000 31.59332 ? 70  HIS A C    1 
ATOM   1114 O O    . HIS A 1 70 ? 2.90489   29.09210  12.69731  1.000 29.44091 ? 70  HIS A O    1 
ATOM   1115 C CB   . HIS A 1 70 ? 0.29600   28.01784  13.94472  1.000 29.20617 ? 70  HIS A CB   1 
ATOM   1116 C CG   . HIS A 1 70 ? -0.80305  28.64347  13.15430  1.000 32.56848 ? 70  HIS A CG   1 
ATOM   1117 N ND1  . HIS A 1 70 ? -0.79209  29.97383  12.80140  1.000 34.76296 ? 70  HIS A ND1  1 
ATOM   1118 C CD2  . HIS A 1 70 ? -1.96815  28.13712  12.68731  1.000 31.65283 ? 70  HIS A CD2  1 
ATOM   1119 C CE1  . HIS A 1 70 ? -1.89080  30.25474  12.12486  1.000 40.38161 ? 70  HIS A CE1  1 
ATOM   1120 N NE2  . HIS A 1 70 ? -2.62249  29.15791  12.04331  1.000 37.38554 ? 70  HIS A NE2  1 
ATOM   1121 H H    . HIS A 1 70 ? 2.21155   26.91277  14.82366  1.000 32.80139 ? 70  HIS A H    1 
ATOM   1122 H HA   . HIS A 1 70 ? 0.91952   26.66304  12.52457  1.000 35.50899 ? 70  HIS A HA   1 
ATOM   1123 H HB2  . HIS A 1 70 ? -0.10715  27.37210  14.54588  1.000 35.32834 ? 70  HIS A HB2  1 
ATOM   1124 H HB3  . HIS A 1 70 ? 0.72688   28.72171  14.45443  1.000 35.32834 ? 70  HIS A HB3  1 
ATOM   1125 H HD2  . HIS A 1 70 ? -2.26885  27.26245  12.78438  1.000 38.26433 ? 70  HIS A HD2  1 
ATOM   1126 H HE1  . HIS A 1 70 ? -2.11195  31.08400  11.76662  1.000 48.73886 ? 70  HIS A HE1  1 
ATOM   1127 H HE2  . HIS A 1 70 ? -3.38489  29.09371  11.65059  1.000 45.14358 ? 70  HIS A HE2  1 
ATOM   1128 N N    . HIS A 1 71 ? 1.84668   28.22328  10.90339  1.000 24.39364 ? 71  HIS A N    1 
ATOM   1129 C CA   . HIS A 1 71 ? 2.54961   29.05430  9.92329   1.000 21.19721 ? 71  HIS A CA   1 
ATOM   1130 C C    . HIS A 1 71 ? 1.55010   29.72348  8.96177   1.000 29.88785 ? 71  HIS A C    1 
ATOM   1131 O O    . HIS A 1 71 ? 1.46848   29.36457  7.78456   1.000 39.90380 ? 71  HIS A O    1 
ATOM   1132 C CB   . HIS A 1 71 ? 3.58540   28.22851  9.12403   1.000 26.96770 ? 71  HIS A CB   1 
ATOM   1133 C CG   . HIS A 1 71 ? 4.81574   27.85334  9.89443   1.000 26.07828 ? 71  HIS A CG   1 
ATOM   1134 N ND1  . HIS A 1 71 ? 5.74014   28.77775  10.33212  1.000 30.82722 ? 71  HIS A ND1  1 
ATOM   1135 C CD2  . HIS A 1 71 ? 5.28623   26.64301  10.27790  1.000 30.99134 ? 71  HIS A CD2  1 
ATOM   1136 C CE1  . HIS A 1 71 ? 6.71688   28.15536  10.96805  1.000 32.96319 ? 71  HIS A CE1  1 
ATOM   1137 N NE2  . HIS A 1 71 ? 6.46408   26.85914  10.95101  1.000 30.27723 ? 71  HIS A NE2  1 
ATOM   1138 H H    . HIS A 1 71 ? 1.25840   27.70119  10.55559  1.000 29.55330 ? 71  HIS A H    1 
ATOM   1139 H HA   . HIS A 1 71 ? 2.99855   29.75573  10.42063  1.000 25.71759 ? 71  HIS A HA   1 
ATOM   1140 H HB2  . HIS A 1 71 ? 3.16317   27.40640  8.82946   1.000 32.64217 ? 71  HIS A HB2  1 
ATOM   1141 H HB3  . HIS A 1 71 ? 3.86888   28.74939  8.35642   1.000 32.64217 ? 71  HIS A HB3  1 
ATOM   1142 H HD2  . HIS A 1 71 ? 4.88655   25.81906  10.11582  1.000 37.47054 ? 71  HIS A HD2  1 
ATOM   1143 H HE1  . HIS A 1 71 ? 7.45609   28.56077  11.36061  1.000 39.83677 ? 71  HIS A HE1  1 
ATOM   1144 H HE2  . HIS A 1 71 ? 6.95698   26.24925  11.30410  1.000 36.61361 ? 71  HIS A HE2  1 
ATOM   1145 N N    . HIS A 1 72 ? 0.81592   30.71705  9.45613   1.000 35.85824 ? 72  HIS A N    1 
ATOM   1146 C CA   . HIS A 1 72 ? 0.01656   31.59594  8.59794   1.000 31.48920 ? 72  HIS A CA   1 
ATOM   1147 C C    . HIS A 1 72 ? -0.00784  32.99369  9.21609   1.000 28.77500 ? 72  HIS A C    1 
ATOM   1148 O O    . HIS A 1 72 ? 0.43948   33.97254  8.62247   1.000 45.43314 ? 72  HIS A O    1 
ATOM   1149 C CB   . HIS A 1 72 ? -1.40261  31.06276  8.43755   1.000 30.77895 ? 72  HIS A CB   1 
ATOM   1150 C CG   . HIS A 1 72 ? -2.17730  31.69525  7.31925   1.000 30.23888 ? 72  HIS A CG   1 
ATOM   1151 N ND1  . HIS A 1 72 ? -1.90422  31.44732  5.99138   1.000 29.28996 ? 72  HIS A ND1  1 
ATOM   1152 C CD2  . HIS A 1 72 ? -3.23888  32.53748  7.33192   1.000 27.32913 ? 72  HIS A CD2  1 
ATOM   1153 C CE1  . HIS A 1 72 ? -2.76176  32.10945  5.23476   1.000 29.63440 ? 72  HIS A CE1  1 
ATOM   1154 N NE2  . HIS A 1 72 ? -3.57411  32.78945  6.02300   1.000 25.55253 ? 72  HIS A NE2  1 
ATOM   1155 H H    . HIS A 1 72 ? 0.76155   30.90694  10.29314  1.000 43.31083 ? 72  HIS A H    1 
ATOM   1156 H HA   . HIS A 1 72 ? 0.40141   31.63798  7.70855   1.000 38.06798 ? 72  HIS A HA   1 
ATOM   1157 H HB2  . HIS A 1 72 ? -1.35745  30.10996  8.26139   1.000 37.21568 ? 72  HIS A HB2  1 
ATOM   1158 H HB3  . HIS A 1 72 ? -1.88941  31.22525  9.26067   1.000 37.21568 ? 72  HIS A HB3  1 
ATOM   1159 H HD1  . HIS A 1 72 ? -1.27352  30.94030  5.70028   1.000 35.42888 ? 72  HIS A HD1  1 
ATOM   1160 H HD2  . HIS A 1 72 ? -3.66171  32.88091  8.08569   1.000 33.07589 ? 72  HIS A HD2  1 
ATOM   1161 H HE1  . HIS A 1 72 ? -2.78856  32.09842  4.30521   1.000 35.84221 ? 72  HIS A HE1  1 
HETATM 1162 O O    . HOH B 2 .  ? -4.17358  -2.36376  11.86299  1.000 42.38551 ? 101 HOH A O    1 
HETATM 1163 O O    . HOH B 2 .  ? 14.41007  1.56886   -5.33939  1.000 41.26797 ? 102 HOH A O    1 
HETATM 1164 O O    . HOH B 2 .  ? -12.05569 7.20887   0.24156   1.000 43.71908 ? 103 HOH A O    1 
HETATM 1165 O O    . HOH B 2 .  ? 7.80600   -8.39498  -0.45078  1.000 35.55144 ? 104 HOH A O    1 
HETATM 1166 O O    . HOH B 2 .  ? -3.24979  9.31341   5.83288   1.000 43.03414 ? 105 HOH A O    1 
HETATM 1167 O O    . HOH B 2 .  ? -15.66611 0.23150   -0.75972  1.000 34.99798 ? 106 HOH A O    1 
HETATM 1168 O O    . HOH B 2 .  ? -4.70317  -6.51972  9.81500   1.000 44.35658 ? 107 HOH A O    1 
HETATM 1169 O O    . HOH B 2 .  ? 1.38786   16.06695  10.64849  1.000 26.29479 ? 108 HOH A O    1 
HETATM 1170 O O    . HOH B 2 .  ? 9.97170   2.69177   1.19892   1.000 39.27465 ? 109 HOH A O    1 
HETATM 1171 O O    . HOH B 2 .  ? -5.51229  2.67785   -2.83754  1.000 23.24791 ? 110 HOH A O    1 
HETATM 1172 O O    . HOH B 2 .  ? -0.35720  -1.29662  -13.19060 1.000 30.30759 ? 111 HOH A O    1 
HETATM 1173 O O    . HOH B 2 .  ? 8.29326   -2.77167  -3.14752  1.000 30.48008 ? 112 HOH A O    1 
HETATM 1174 O O    . HOH B 2 .  ? 8.05799   18.37218  9.40755   1.000 36.82498 ? 113 HOH A O    1 
HETATM 1175 O O    . HOH B 2 .  ? 2.63753   -13.45865 5.35546   1.000 36.92390 ? 114 HOH A O    1 
HETATM 1176 O O    . HOH B 2 .  ? -7.74571  10.50416  -11.74882 1.000 38.40475 ? 115 HOH A O    1 
HETATM 1177 O O    . HOH B 2 .  ? -15.43814 13.84219  0.84111   1.000 38.79408 ? 116 HOH A O    1 
HETATM 1178 O O    . HOH B 2 .  ? -7.63118  1.30756   5.45575   1.000 38.53886 ? 117 HOH A O    1 
HETATM 1179 O O    . HOH B 2 .  ? 5.76062   1.09073   -7.12920  1.000 35.01228 ? 118 HOH A O    1 
HETATM 1180 O O    . HOH B 2 .  ? -12.57800 15.29095  3.47432   1.000 32.83140 ? 119 HOH A O    1 
HETATM 1181 O O    . HOH B 2 .  ? 4.81648   1.06904   3.17368   1.000 25.94553 ? 120 HOH A O    1 
HETATM 1182 O O    . HOH B 2 .  ? 2.59447   -2.53760  10.95874  1.000 39.93336 ? 121 HOH A O    1 
HETATM 1183 O O    . HOH B 2 .  ? 14.64121  -6.85011  -8.71731  1.000 39.84359 ? 122 HOH A O    1 
HETATM 1184 O O    . HOH B 2 .  ? 6.37206   -0.97835  -5.59482  1.000 34.26674 ? 123 HOH A O    1 
HETATM 1185 O O    . HOH B 2 .  ? -14.55941 -1.09549  6.01900   1.000 38.29784 ? 124 HOH A O    1 
HETATM 1186 O O    . HOH B 2 .  ? -6.74276  1.00339   -11.60974 1.000 42.44165 ? 125 HOH A O    1 
HETATM 1187 O O    . HOH B 2 .  ? -2.34345  -16.43110 1.29222   1.000 32.62260 ? 126 HOH A O    1 
HETATM 1188 O O    . HOH B 2 .  ? 10.62497  16.20443  16.93304  1.000 53.19935 ? 127 HOH A O    1 
HETATM 1189 O O    . HOH B 2 .  ? 10.63017  16.35520  12.28734  1.000 44.28371 ? 128 HOH A O    1 
HETATM 1190 O O    . HOH B 2 .  ? 3.84706   1.54166   5.86760   1.000 28.62693 ? 129 HOH A O    1 
HETATM 1191 O O    . HOH B 2 .  ? -0.13917  29.30842  5.30583   1.000 41.51214 ? 130 HOH A O    1 
HETATM 1192 O O    . HOH B 2 .  ? -6.48705  4.86184   -3.59790  1.000 37.94676 ? 131 HOH A O    1 
HETATM 1193 O O    . HOH B 2 .  ? 10.29501  -2.01721  -5.10019  1.000 35.13811 ? 132 HOH A O    1 
HETATM 1194 O O    . HOH B 2 .  ? 10.70400  -12.34358 -12.05570 1.000 33.88001 ? 133 HOH A O    1 
HETATM 1195 O O    . HOH B 2 .  ? -3.77493  11.61625  -10.55372 1.000 28.40862 ? 134 HOH A O    1 
HETATM 1196 O O    . HOH B 2 .  ? 3.95964   -0.77034  -8.39896  1.000 28.48846 ? 135 HOH A O    1 
HETATM 1197 O O    . HOH B 2 .  ? -5.93063  -8.57597  9.81371   1.000 33.25529 ? 136 HOH A O    1 
HETATM 1198 O O    . HOH B 2 .  ? -7.03273  -2.69303  9.68426   1.000 41.51953 ? 137 HOH A O    1 
HETATM 1199 O O    . HOH B 2 .  ? 1.24074   -12.47457 7.24713   1.000 43.42453 ? 138 HOH A O    1 
HETATM 1200 O O    . HOH B 2 .  ? 8.81457   -20.05614 -6.68682  1.000 48.24085 ? 139 HOH A O    1 
HETATM 1201 O O    . HOH B 2 .  ? 1.30182   -8.06209  -12.59501 1.000 37.43499 ? 140 HOH A O    1 
HETATM 1202 O O    . HOH B 2 .  ? 9.40259   -10.56038 -2.50868  1.000 37.62460 ? 141 HOH A O    1 
HETATM 1203 O O    . HOH B 2 .  ? 4.86298   22.87421  19.62838  1.000 37.78247 ? 142 HOH A O    1 
HETATM 1204 O O    . HOH B 2 .  ? 8.04445   12.75180  11.54291  1.000 38.81292 ? 143 HOH A O    1 
HETATM 1205 O O    . HOH B 2 .  ? -3.44789  -0.82235  -14.28778 1.000 37.04507 ? 144 HOH A O    1 
HETATM 1206 O O    . HOH B 2 .  ? -12.20567 -2.80447  10.27944  1.000 43.50030 ? 145 HOH A O    1 
HETATM 1207 O O    . HOH B 2 .  ? 0.71352   17.08068  13.63024  1.000 47.02828 ? 146 HOH A O    1 
HETATM 1208 O O    . HOH B 2 .  ? 4.33594   -15.63796 -13.95261 1.000 41.71386 ? 147 HOH A O    1 
# 
